data_6FZZ
# 
_entry.id   6FZZ 
# 
_audit_conform.dict_name       mmcif_pdbx.dic 
_audit_conform.dict_version    5.383 
_audit_conform.dict_location   http://mmcif.pdb.org/dictionaries/ascii/mmcif_pdbx.dic 
# 
loop_
_database_2.database_id 
_database_2.database_code 
_database_2.pdbx_database_accession 
_database_2.pdbx_DOI 
PDB   6FZZ         pdb_00006fzz 10.2210/pdb6fzz/pdb 
WWPDB D_1200009187 ?            ?                   
# 
loop_
_pdbx_audit_revision_history.ordinal 
_pdbx_audit_revision_history.data_content_type 
_pdbx_audit_revision_history.major_revision 
_pdbx_audit_revision_history.minor_revision 
_pdbx_audit_revision_history.revision_date 
1 'Structure model' 1 0 2019-03-27 
2 'Structure model' 1 1 2019-12-11 
3 'Structure model' 1 2 2024-01-17 
# 
_pdbx_audit_revision_details.ordinal             1 
_pdbx_audit_revision_details.revision_ordinal    1 
_pdbx_audit_revision_details.data_content_type   'Structure model' 
_pdbx_audit_revision_details.provider            repository 
_pdbx_audit_revision_details.type                'Initial release' 
_pdbx_audit_revision_details.description         ? 
_pdbx_audit_revision_details.details             ? 
# 
loop_
_pdbx_audit_revision_group.ordinal 
_pdbx_audit_revision_group.revision_ordinal 
_pdbx_audit_revision_group.data_content_type 
_pdbx_audit_revision_group.group 
1 2 'Structure model' 'Database references'    
2 3 'Structure model' 'Data collection'        
3 3 'Structure model' 'Database references'    
4 3 'Structure model' 'Refinement description' 
# 
loop_
_pdbx_audit_revision_category.ordinal 
_pdbx_audit_revision_category.revision_ordinal 
_pdbx_audit_revision_category.data_content_type 
_pdbx_audit_revision_category.category 
1 2 'Structure model' citation                      
2 2 'Structure model' citation_author               
3 3 'Structure model' chem_comp_atom                
4 3 'Structure model' chem_comp_bond                
5 3 'Structure model' database_2                    
6 3 'Structure model' pdbx_initial_refinement_model 
# 
loop_
_pdbx_audit_revision_item.ordinal 
_pdbx_audit_revision_item.revision_ordinal 
_pdbx_audit_revision_item.data_content_type 
_pdbx_audit_revision_item.item 
1  2 'Structure model' '_citation.journal_abbrev'            
2  2 'Structure model' '_citation.journal_id_CSD'            
3  2 'Structure model' '_citation.journal_id_ISSN'           
4  2 'Structure model' '_citation.journal_volume'            
5  2 'Structure model' '_citation.page_first'                
6  2 'Structure model' '_citation.page_last'                 
7  2 'Structure model' '_citation.pdbx_database_id_DOI'      
8  2 'Structure model' '_citation.pdbx_database_id_PubMed'   
9  2 'Structure model' '_citation.title'                     
10 2 'Structure model' '_citation.year'                      
11 3 'Structure model' '_database_2.pdbx_DOI'                
12 3 'Structure model' '_database_2.pdbx_database_accession' 
# 
_pdbx_database_status.status_code                     REL 
_pdbx_database_status.status_code_sf                  REL 
_pdbx_database_status.status_code_mr                  ? 
_pdbx_database_status.entry_id                        6FZZ 
_pdbx_database_status.recvd_initial_deposition_date   2018-03-15 
_pdbx_database_status.SG_entry                        N 
_pdbx_database_status.deposit_site                    PDBE 
_pdbx_database_status.process_site                    PDBE 
_pdbx_database_status.status_code_cs                  ? 
_pdbx_database_status.methods_development_category    ? 
_pdbx_database_status.pdb_format_compatible           Y 
_pdbx_database_status.status_code_nmr_data            ? 
# 
loop_
_audit_author.name 
_audit_author.pdbx_ordinal 
_audit_author.identifier_ORCID 
'Brangulis, K.' 1 ? 
'Akopjana, I.'  2 ? 
'Kazaks, A.'    3 ? 
'Tars, K.'      4 ? 
# 
_citation.abstract                  ? 
_citation.abstract_id_CAS           ? 
_citation.book_id_ISBN              ? 
_citation.book_publisher            ? 
_citation.book_publisher_city       ? 
_citation.book_title                ? 
_citation.coordinate_linkage        ? 
_citation.country                   ? 
_citation.database_id_Medline       ? 
_citation.details                   ? 
_citation.id                        primary 
_citation.journal_abbrev            'Biochim Biophys Acta Gen Subj' 
_citation.journal_id_ASTM           ? 
_citation.journal_id_CSD            ? 
_citation.journal_id_ISSN           1872-8006 
_citation.journal_full              ? 
_citation.journal_issue             ? 
_citation.journal_volume            1864 
_citation.language                  ? 
_citation.page_first                129499 
_citation.page_last                 129499 
_citation.title                     
;BBE31 from the Lyme disease agent Borrelia burgdorferi, known to play an important role in successful colonization of the mammalian host, shows the ability to bind glutathione.
;
_citation.year                      2019 
_citation.database_id_CSD           ? 
_citation.pdbx_database_id_DOI      10.1016/j.bbagen.2019.129499 
_citation.pdbx_database_id_PubMed   31785327 
_citation.unpublished_flag          ? 
# 
loop_
_citation_author.citation_id 
_citation_author.name 
_citation_author.ordinal 
_citation_author.identifier_ORCID 
primary 'Brangulis, K.'  1 ? 
primary 'Akopjana, I.'   2 ? 
primary 'Petrovskis, I.' 3 ? 
primary 'Kazaks, A.'     4 ? 
primary 'Zelencova, D.'  5 ? 
primary 'Jekabsons, A.'  6 ? 
primary 'Jaudzems, K.'   7 ? 
primary 'Tars, K.'       8 ? 
# 
loop_
_entity.id 
_entity.type 
_entity.src_method 
_entity.pdbx_description 
_entity.formula_weight 
_entity.pdbx_number_of_molecules 
_entity.pdbx_ec 
_entity.pdbx_mutation 
_entity.pdbx_fragment 
_entity.details 
1 polymer     man 'Virulent strain associated lipoprotein' 25129.629 1  ? ? ? 
'The first four residues (GAMG) are remnants from the expression tag.' 
2 non-polymer syn 'TETRAETHYLENE GLYCOL'                   194.226   4  ? ? ? ? 
3 water       nat water                                    18.015    54 ? ? ? ? 
# 
_entity_poly.entity_id                      1 
_entity_poly.type                           'polypeptide(L)' 
_entity_poly.nstd_linkage                   no 
_entity_poly.nstd_monomer                   no 
_entity_poly.pdbx_seq_one_letter_code       
;GAMGNQEVNQNQRGKNKLLNDLRNLIEKANTDRKKYEKKLKEEPEDQYGILAFKSLRWHEEPRETVSDNSERSKAYRKLT
YGILNDMNADELKRFSEIIILANEVEDIFNTSITLEGNIDYTIIHLYPKKDNLNKLKISDLENLKNLFEKLLSTKEIISK
TFKQLLLDYQDDNNSIKADANKLKLHVKEIVKQIKEKQEESEKLKSDILSIKNF
;
_entity_poly.pdbx_seq_one_letter_code_can   
;GAMGNQEVNQNQRGKNKLLNDLRNLIEKANTDRKKYEKKLKEEPEDQYGILAFKSLRWHEEPRETVSDNSERSKAYRKLT
YGILNDMNADELKRFSEIIILANEVEDIFNTSITLEGNIDYTIIHLYPKKDNLNKLKISDLENLKNLFEKLLSTKEIISK
TFKQLLLDYQDDNNSIKADANKLKLHVKEIVKQIKEKQEESEKLKSDILSIKNF
;
_entity_poly.pdbx_strand_id                 A 
_entity_poly.pdbx_target_identifier         ? 
# 
loop_
_pdbx_entity_nonpoly.entity_id 
_pdbx_entity_nonpoly.name 
_pdbx_entity_nonpoly.comp_id 
2 'TETRAETHYLENE GLYCOL' PG4 
3 water                  HOH 
# 
loop_
_entity_poly_seq.entity_id 
_entity_poly_seq.num 
_entity_poly_seq.mon_id 
_entity_poly_seq.hetero 
1 1   GLY n 
1 2   ALA n 
1 3   MET n 
1 4   GLY n 
1 5   ASN n 
1 6   GLN n 
1 7   GLU n 
1 8   VAL n 
1 9   ASN n 
1 10  GLN n 
1 11  ASN n 
1 12  GLN n 
1 13  ARG n 
1 14  GLY n 
1 15  LYS n 
1 16  ASN n 
1 17  LYS n 
1 18  LEU n 
1 19  LEU n 
1 20  ASN n 
1 21  ASP n 
1 22  LEU n 
1 23  ARG n 
1 24  ASN n 
1 25  LEU n 
1 26  ILE n 
1 27  GLU n 
1 28  LYS n 
1 29  ALA n 
1 30  ASN n 
1 31  THR n 
1 32  ASP n 
1 33  ARG n 
1 34  LYS n 
1 35  LYS n 
1 36  TYR n 
1 37  GLU n 
1 38  LYS n 
1 39  LYS n 
1 40  LEU n 
1 41  LYS n 
1 42  GLU n 
1 43  GLU n 
1 44  PRO n 
1 45  GLU n 
1 46  ASP n 
1 47  GLN n 
1 48  TYR n 
1 49  GLY n 
1 50  ILE n 
1 51  LEU n 
1 52  ALA n 
1 53  PHE n 
1 54  LYS n 
1 55  SER n 
1 56  LEU n 
1 57  ARG n 
1 58  TRP n 
1 59  HIS n 
1 60  GLU n 
1 61  GLU n 
1 62  PRO n 
1 63  ARG n 
1 64  GLU n 
1 65  THR n 
1 66  VAL n 
1 67  SER n 
1 68  ASP n 
1 69  ASN n 
1 70  SER n 
1 71  GLU n 
1 72  ARG n 
1 73  SER n 
1 74  LYS n 
1 75  ALA n 
1 76  TYR n 
1 77  ARG n 
1 78  LYS n 
1 79  LEU n 
1 80  THR n 
1 81  TYR n 
1 82  GLY n 
1 83  ILE n 
1 84  LEU n 
1 85  ASN n 
1 86  ASP n 
1 87  MET n 
1 88  ASN n 
1 89  ALA n 
1 90  ASP n 
1 91  GLU n 
1 92  LEU n 
1 93  LYS n 
1 94  ARG n 
1 95  PHE n 
1 96  SER n 
1 97  GLU n 
1 98  ILE n 
1 99  ILE n 
1 100 ILE n 
1 101 LEU n 
1 102 ALA n 
1 103 ASN n 
1 104 GLU n 
1 105 VAL n 
1 106 GLU n 
1 107 ASP n 
1 108 ILE n 
1 109 PHE n 
1 110 ASN n 
1 111 THR n 
1 112 SER n 
1 113 ILE n 
1 114 THR n 
1 115 LEU n 
1 116 GLU n 
1 117 GLY n 
1 118 ASN n 
1 119 ILE n 
1 120 ASP n 
1 121 TYR n 
1 122 THR n 
1 123 ILE n 
1 124 ILE n 
1 125 HIS n 
1 126 LEU n 
1 127 TYR n 
1 128 PRO n 
1 129 LYS n 
1 130 LYS n 
1 131 ASP n 
1 132 ASN n 
1 133 LEU n 
1 134 ASN n 
1 135 LYS n 
1 136 LEU n 
1 137 LYS n 
1 138 ILE n 
1 139 SER n 
1 140 ASP n 
1 141 LEU n 
1 142 GLU n 
1 143 ASN n 
1 144 LEU n 
1 145 LYS n 
1 146 ASN n 
1 147 LEU n 
1 148 PHE n 
1 149 GLU n 
1 150 LYS n 
1 151 LEU n 
1 152 LEU n 
1 153 SER n 
1 154 THR n 
1 155 LYS n 
1 156 GLU n 
1 157 ILE n 
1 158 ILE n 
1 159 SER n 
1 160 LYS n 
1 161 THR n 
1 162 PHE n 
1 163 LYS n 
1 164 GLN n 
1 165 LEU n 
1 166 LEU n 
1 167 LEU n 
1 168 ASP n 
1 169 TYR n 
1 170 GLN n 
1 171 ASP n 
1 172 ASP n 
1 173 ASN n 
1 174 ASN n 
1 175 SER n 
1 176 ILE n 
1 177 LYS n 
1 178 ALA n 
1 179 ASP n 
1 180 ALA n 
1 181 ASN n 
1 182 LYS n 
1 183 LEU n 
1 184 LYS n 
1 185 LEU n 
1 186 HIS n 
1 187 VAL n 
1 188 LYS n 
1 189 GLU n 
1 190 ILE n 
1 191 VAL n 
1 192 LYS n 
1 193 GLN n 
1 194 ILE n 
1 195 LYS n 
1 196 GLU n 
1 197 LYS n 
1 198 GLN n 
1 199 GLU n 
1 200 GLU n 
1 201 SER n 
1 202 GLU n 
1 203 LYS n 
1 204 LEU n 
1 205 LYS n 
1 206 SER n 
1 207 ASP n 
1 208 ILE n 
1 209 LEU n 
1 210 SER n 
1 211 ILE n 
1 212 LYS n 
1 213 ASN n 
1 214 PHE n 
# 
_entity_src_gen.entity_id                          1 
_entity_src_gen.pdbx_src_id                        1 
_entity_src_gen.pdbx_alt_source_flag               sample 
_entity_src_gen.pdbx_seq_type                      'Biological sequence' 
_entity_src_gen.pdbx_beg_seq_num                   1 
_entity_src_gen.pdbx_end_seq_num                   214 
_entity_src_gen.gene_src_common_name               ? 
_entity_src_gen.gene_src_genus                     ? 
_entity_src_gen.pdbx_gene_src_gene                 BSPA14S_J0028 
_entity_src_gen.gene_src_species                   ? 
_entity_src_gen.gene_src_strain                    ? 
_entity_src_gen.gene_src_tissue                    ? 
_entity_src_gen.gene_src_tissue_fraction           ? 
_entity_src_gen.gene_src_details                   ? 
_entity_src_gen.pdbx_gene_src_fragment             ? 
_entity_src_gen.pdbx_gene_src_scientific_name      'Borreliella spielmanii A14S' 
_entity_src_gen.pdbx_gene_src_ncbi_taxonomy_id     498742 
_entity_src_gen.pdbx_gene_src_variant              ? 
_entity_src_gen.pdbx_gene_src_cell_line            ? 
_entity_src_gen.pdbx_gene_src_atcc                 ? 
_entity_src_gen.pdbx_gene_src_organ                ? 
_entity_src_gen.pdbx_gene_src_organelle            ? 
_entity_src_gen.pdbx_gene_src_cell                 ? 
_entity_src_gen.pdbx_gene_src_cellular_location    ? 
_entity_src_gen.host_org_common_name               ? 
_entity_src_gen.pdbx_host_org_scientific_name      'Escherichia coli BL21' 
_entity_src_gen.pdbx_host_org_ncbi_taxonomy_id     511693 
_entity_src_gen.host_org_genus                     ? 
_entity_src_gen.pdbx_host_org_gene                 ? 
_entity_src_gen.pdbx_host_org_organ                ? 
_entity_src_gen.host_org_species                   ? 
_entity_src_gen.pdbx_host_org_tissue               ? 
_entity_src_gen.pdbx_host_org_tissue_fraction      ? 
_entity_src_gen.pdbx_host_org_strain               ? 
_entity_src_gen.pdbx_host_org_variant              ? 
_entity_src_gen.pdbx_host_org_cell_line            ? 
_entity_src_gen.pdbx_host_org_atcc                 ? 
_entity_src_gen.pdbx_host_org_culture_collection   ? 
_entity_src_gen.pdbx_host_org_cell                 ? 
_entity_src_gen.pdbx_host_org_organelle            ? 
_entity_src_gen.pdbx_host_org_cellular_location    ? 
_entity_src_gen.pdbx_host_org_vector_type          ? 
_entity_src_gen.pdbx_host_org_vector               ? 
_entity_src_gen.host_org_details                   ? 
_entity_src_gen.expression_system_id               ? 
_entity_src_gen.plasmid_name                       ? 
_entity_src_gen.plasmid_details                    ? 
_entity_src_gen.pdbx_description                   ? 
# 
loop_
_chem_comp.id 
_chem_comp.type 
_chem_comp.mon_nstd_flag 
_chem_comp.name 
_chem_comp.pdbx_synonyms 
_chem_comp.formula 
_chem_comp.formula_weight 
ALA 'L-peptide linking' y ALANINE                ? 'C3 H7 N O2'     89.093  
ARG 'L-peptide linking' y ARGININE               ? 'C6 H15 N4 O2 1' 175.209 
ASN 'L-peptide linking' y ASPARAGINE             ? 'C4 H8 N2 O3'    132.118 
ASP 'L-peptide linking' y 'ASPARTIC ACID'        ? 'C4 H7 N O4'     133.103 
GLN 'L-peptide linking' y GLUTAMINE              ? 'C5 H10 N2 O3'   146.144 
GLU 'L-peptide linking' y 'GLUTAMIC ACID'        ? 'C5 H9 N O4'     147.129 
GLY 'peptide linking'   y GLYCINE                ? 'C2 H5 N O2'     75.067  
HIS 'L-peptide linking' y HISTIDINE              ? 'C6 H10 N3 O2 1' 156.162 
HOH non-polymer         . WATER                  ? 'H2 O'           18.015  
ILE 'L-peptide linking' y ISOLEUCINE             ? 'C6 H13 N O2'    131.173 
LEU 'L-peptide linking' y LEUCINE                ? 'C6 H13 N O2'    131.173 
LYS 'L-peptide linking' y LYSINE                 ? 'C6 H15 N2 O2 1' 147.195 
MET 'L-peptide linking' y METHIONINE             ? 'C5 H11 N O2 S'  149.211 
PG4 non-polymer         . 'TETRAETHYLENE GLYCOL' ? 'C8 H18 O5'      194.226 
PHE 'L-peptide linking' y PHENYLALANINE          ? 'C9 H11 N O2'    165.189 
PRO 'L-peptide linking' y PROLINE                ? 'C5 H9 N O2'     115.130 
SER 'L-peptide linking' y SERINE                 ? 'C3 H7 N O3'     105.093 
THR 'L-peptide linking' y THREONINE              ? 'C4 H9 N O3'     119.119 
TRP 'L-peptide linking' y TRYPTOPHAN             ? 'C11 H12 N2 O2'  204.225 
TYR 'L-peptide linking' y TYROSINE               ? 'C9 H11 N O3'    181.189 
VAL 'L-peptide linking' y VALINE                 ? 'C5 H11 N O2'    117.146 
# 
loop_
_pdbx_poly_seq_scheme.asym_id 
_pdbx_poly_seq_scheme.entity_id 
_pdbx_poly_seq_scheme.seq_id 
_pdbx_poly_seq_scheme.mon_id 
_pdbx_poly_seq_scheme.ndb_seq_num 
_pdbx_poly_seq_scheme.pdb_seq_num 
_pdbx_poly_seq_scheme.auth_seq_num 
_pdbx_poly_seq_scheme.pdb_mon_id 
_pdbx_poly_seq_scheme.auth_mon_id 
_pdbx_poly_seq_scheme.pdb_strand_id 
_pdbx_poly_seq_scheme.pdb_ins_code 
_pdbx_poly_seq_scheme.hetero 
A 1 1   GLY 1   2   ?   ?   ?   A . n 
A 1 2   ALA 2   3   ?   ?   ?   A . n 
A 1 3   MET 3   4   ?   ?   ?   A . n 
A 1 4   GLY 4   5   ?   ?   ?   A . n 
A 1 5   ASN 5   6   ?   ?   ?   A . n 
A 1 6   GLN 6   7   ?   ?   ?   A . n 
A 1 7   GLU 7   8   ?   ?   ?   A . n 
A 1 8   VAL 8   9   ?   ?   ?   A . n 
A 1 9   ASN 9   10  ?   ?   ?   A . n 
A 1 10  GLN 10  11  ?   ?   ?   A . n 
A 1 11  ASN 11  12  ?   ?   ?   A . n 
A 1 12  GLN 12  13  ?   ?   ?   A . n 
A 1 13  ARG 13  14  ?   ?   ?   A . n 
A 1 14  GLY 14  15  15  GLY GLY A . n 
A 1 15  LYS 15  16  16  LYS LYS A . n 
A 1 16  ASN 16  17  17  ASN ASN A . n 
A 1 17  LYS 17  18  18  LYS LYS A . n 
A 1 18  LEU 18  19  19  LEU LEU A . n 
A 1 19  LEU 19  20  20  LEU LEU A . n 
A 1 20  ASN 20  21  21  ASN ASN A . n 
A 1 21  ASP 21  22  22  ASP ASP A . n 
A 1 22  LEU 22  23  23  LEU LEU A . n 
A 1 23  ARG 23  24  24  ARG ARG A . n 
A 1 24  ASN 24  25  25  ASN ASN A . n 
A 1 25  LEU 25  26  26  LEU LEU A . n 
A 1 26  ILE 26  27  27  ILE ILE A . n 
A 1 27  GLU 27  28  28  GLU GLU A . n 
A 1 28  LYS 28  29  29  LYS LYS A . n 
A 1 29  ALA 29  30  30  ALA ALA A . n 
A 1 30  ASN 30  31  31  ASN ASN A . n 
A 1 31  THR 31  32  32  THR THR A . n 
A 1 32  ASP 32  33  33  ASP ASP A . n 
A 1 33  ARG 33  34  34  ARG ARG A . n 
A 1 34  LYS 34  35  35  LYS LYS A . n 
A 1 35  LYS 35  36  36  LYS LYS A . n 
A 1 36  TYR 36  37  37  TYR TYR A . n 
A 1 37  GLU 37  38  38  GLU GLU A . n 
A 1 38  LYS 38  39  39  LYS LYS A . n 
A 1 39  LYS 39  40  40  LYS LYS A . n 
A 1 40  LEU 40  41  41  LEU LEU A . n 
A 1 41  LYS 41  42  42  LYS LYS A . n 
A 1 42  GLU 42  43  43  GLU GLU A . n 
A 1 43  GLU 43  44  44  GLU GLU A . n 
A 1 44  PRO 44  45  45  PRO PRO A . n 
A 1 45  GLU 45  46  46  GLU GLU A . n 
A 1 46  ASP 46  47  47  ASP ASP A . n 
A 1 47  GLN 47  48  48  GLN GLN A . n 
A 1 48  TYR 48  49  49  TYR TYR A . n 
A 1 49  GLY 49  50  50  GLY GLY A . n 
A 1 50  ILE 50  51  51  ILE ILE A . n 
A 1 51  LEU 51  52  52  LEU LEU A . n 
A 1 52  ALA 52  53  53  ALA ALA A . n 
A 1 53  PHE 53  54  54  PHE PHE A . n 
A 1 54  LYS 54  55  55  LYS LYS A . n 
A 1 55  SER 55  56  56  SER SER A . n 
A 1 56  LEU 56  57  57  LEU LEU A . n 
A 1 57  ARG 57  58  58  ARG ARG A . n 
A 1 58  TRP 58  59  59  TRP TRP A . n 
A 1 59  HIS 59  60  60  HIS HIS A . n 
A 1 60  GLU 60  61  61  GLU GLU A . n 
A 1 61  GLU 61  62  62  GLU GLU A . n 
A 1 62  PRO 62  63  63  PRO PRO A . n 
A 1 63  ARG 63  64  64  ARG ARG A . n 
A 1 64  GLU 64  65  65  GLU GLU A . n 
A 1 65  THR 65  66  66  THR THR A . n 
A 1 66  VAL 66  67  67  VAL VAL A . n 
A 1 67  SER 67  68  68  SER SER A . n 
A 1 68  ASP 68  69  69  ASP ASP A . n 
A 1 69  ASN 69  70  70  ASN ASN A . n 
A 1 70  SER 70  71  71  SER SER A . n 
A 1 71  GLU 71  72  72  GLU GLU A . n 
A 1 72  ARG 72  73  73  ARG ARG A . n 
A 1 73  SER 73  74  74  SER SER A . n 
A 1 74  LYS 74  75  75  LYS LYS A . n 
A 1 75  ALA 75  76  76  ALA ALA A . n 
A 1 76  TYR 76  77  77  TYR TYR A . n 
A 1 77  ARG 77  78  78  ARG ARG A . n 
A 1 78  LYS 78  79  79  LYS LYS A . n 
A 1 79  LEU 79  80  80  LEU LEU A . n 
A 1 80  THR 80  81  81  THR THR A . n 
A 1 81  TYR 81  82  82  TYR TYR A . n 
A 1 82  GLY 82  83  83  GLY GLY A . n 
A 1 83  ILE 83  84  84  ILE ILE A . n 
A 1 84  LEU 84  85  85  LEU LEU A . n 
A 1 85  ASN 85  86  86  ASN ASN A . n 
A 1 86  ASP 86  87  87  ASP ASP A . n 
A 1 87  MET 87  88  88  MET MET A . n 
A 1 88  ASN 88  89  89  ASN ASN A . n 
A 1 89  ALA 89  90  90  ALA ALA A . n 
A 1 90  ASP 90  91  91  ASP ASP A . n 
A 1 91  GLU 91  92  92  GLU GLU A . n 
A 1 92  LEU 92  93  93  LEU LEU A . n 
A 1 93  LYS 93  94  94  LYS LYS A . n 
A 1 94  ARG 94  95  95  ARG ARG A . n 
A 1 95  PHE 95  96  96  PHE PHE A . n 
A 1 96  SER 96  97  97  SER SER A . n 
A 1 97  GLU 97  98  98  GLU GLU A . n 
A 1 98  ILE 98  99  99  ILE ILE A . n 
A 1 99  ILE 99  100 100 ILE ILE A . n 
A 1 100 ILE 100 101 101 ILE ILE A . n 
A 1 101 LEU 101 102 102 LEU LEU A . n 
A 1 102 ALA 102 103 103 ALA ALA A . n 
A 1 103 ASN 103 104 104 ASN ASN A . n 
A 1 104 GLU 104 105 105 GLU GLU A . n 
A 1 105 VAL 105 106 106 VAL VAL A . n 
A 1 106 GLU 106 107 107 GLU GLU A . n 
A 1 107 ASP 107 108 108 ASP ASP A . n 
A 1 108 ILE 108 109 109 ILE ILE A . n 
A 1 109 PHE 109 110 110 PHE PHE A . n 
A 1 110 ASN 110 111 111 ASN ASN A . n 
A 1 111 THR 111 112 112 THR THR A . n 
A 1 112 SER 112 113 113 SER SER A . n 
A 1 113 ILE 113 114 114 ILE ILE A . n 
A 1 114 THR 114 115 115 THR THR A . n 
A 1 115 LEU 115 116 116 LEU LEU A . n 
A 1 116 GLU 116 117 117 GLU GLU A . n 
A 1 117 GLY 117 118 118 GLY GLY A . n 
A 1 118 ASN 118 119 119 ASN ASN A . n 
A 1 119 ILE 119 120 120 ILE ILE A . n 
A 1 120 ASP 120 121 121 ASP ASP A . n 
A 1 121 TYR 121 122 122 TYR TYR A . n 
A 1 122 THR 122 123 123 THR THR A . n 
A 1 123 ILE 123 124 124 ILE ILE A . n 
A 1 124 ILE 124 125 125 ILE ILE A . n 
A 1 125 HIS 125 126 126 HIS HIS A . n 
A 1 126 LEU 126 127 127 LEU LEU A . n 
A 1 127 TYR 127 128 128 TYR TYR A . n 
A 1 128 PRO 128 129 129 PRO PRO A . n 
A 1 129 LYS 129 130 130 LYS LYS A . n 
A 1 130 LYS 130 131 131 LYS LYS A . n 
A 1 131 ASP 131 132 132 ASP ASP A . n 
A 1 132 ASN 132 133 133 ASN ASN A . n 
A 1 133 LEU 133 134 134 LEU LEU A . n 
A 1 134 ASN 134 135 135 ASN ASN A . n 
A 1 135 LYS 135 136 136 LYS LYS A . n 
A 1 136 LEU 136 137 137 LEU LEU A . n 
A 1 137 LYS 137 138 138 LYS LYS A . n 
A 1 138 ILE 138 139 139 ILE ILE A . n 
A 1 139 SER 139 140 140 SER SER A . n 
A 1 140 ASP 140 141 141 ASP ASP A . n 
A 1 141 LEU 141 142 142 LEU LEU A . n 
A 1 142 GLU 142 143 143 GLU GLU A . n 
A 1 143 ASN 143 144 144 ASN ASN A . n 
A 1 144 LEU 144 145 145 LEU LEU A . n 
A 1 145 LYS 145 146 146 LYS LYS A . n 
A 1 146 ASN 146 147 147 ASN ASN A . n 
A 1 147 LEU 147 148 148 LEU LEU A . n 
A 1 148 PHE 148 149 149 PHE PHE A . n 
A 1 149 GLU 149 150 150 GLU GLU A . n 
A 1 150 LYS 150 151 151 LYS LYS A . n 
A 1 151 LEU 151 152 152 LEU LEU A . n 
A 1 152 LEU 152 153 153 LEU LEU A . n 
A 1 153 SER 153 154 154 SER SER A . n 
A 1 154 THR 154 155 155 THR THR A . n 
A 1 155 LYS 155 156 156 LYS LYS A . n 
A 1 156 GLU 156 157 157 GLU GLU A . n 
A 1 157 ILE 157 158 158 ILE ILE A . n 
A 1 158 ILE 158 159 159 ILE ILE A . n 
A 1 159 SER 159 160 160 SER SER A . n 
A 1 160 LYS 160 161 161 LYS LYS A . n 
A 1 161 THR 161 162 162 THR THR A . n 
A 1 162 PHE 162 163 163 PHE PHE A . n 
A 1 163 LYS 163 164 164 LYS LYS A . n 
A 1 164 GLN 164 165 165 GLN GLN A . n 
A 1 165 LEU 165 166 166 LEU LEU A . n 
A 1 166 LEU 166 167 167 LEU LEU A . n 
A 1 167 LEU 167 168 168 LEU LEU A . n 
A 1 168 ASP 168 169 169 ASP ASP A . n 
A 1 169 TYR 169 170 170 TYR TYR A . n 
A 1 170 GLN 170 171 171 GLN GLN A . n 
A 1 171 ASP 171 172 172 ASP ASP A . n 
A 1 172 ASP 172 173 173 ASP ASP A . n 
A 1 173 ASN 173 174 174 ASN ASN A . n 
A 1 174 ASN 174 175 175 ASN ASN A . n 
A 1 175 SER 175 176 176 SER SER A . n 
A 1 176 ILE 176 177 177 ILE ILE A . n 
A 1 177 LYS 177 178 178 LYS LYS A . n 
A 1 178 ALA 178 179 179 ALA ALA A . n 
A 1 179 ASP 179 180 180 ASP ASP A . n 
A 1 180 ALA 180 181 181 ALA ALA A . n 
A 1 181 ASN 181 182 182 ASN ASN A . n 
A 1 182 LYS 182 183 183 LYS LYS A . n 
A 1 183 LEU 183 184 184 LEU LEU A . n 
A 1 184 LYS 184 185 185 LYS LYS A . n 
A 1 185 LEU 185 186 186 LEU LEU A . n 
A 1 186 HIS 186 187 187 HIS HIS A . n 
A 1 187 VAL 187 188 188 VAL VAL A . n 
A 1 188 LYS 188 189 189 LYS LYS A . n 
A 1 189 GLU 189 190 190 GLU GLU A . n 
A 1 190 ILE 190 191 191 ILE ILE A . n 
A 1 191 VAL 191 192 192 VAL VAL A . n 
A 1 192 LYS 192 193 193 LYS LYS A . n 
A 1 193 GLN 193 194 194 GLN GLN A . n 
A 1 194 ILE 194 195 195 ILE ILE A . n 
A 1 195 LYS 195 196 196 LYS LYS A . n 
A 1 196 GLU 196 197 197 GLU GLU A . n 
A 1 197 LYS 197 198 198 LYS LYS A . n 
A 1 198 GLN 198 199 199 GLN GLN A . n 
A 1 199 GLU 199 200 200 GLU GLU A . n 
A 1 200 GLU 200 201 201 GLU GLU A . n 
A 1 201 SER 201 202 202 SER SER A . n 
A 1 202 GLU 202 203 203 GLU GLU A . n 
A 1 203 LYS 203 204 204 LYS LYS A . n 
A 1 204 LEU 204 205 205 LEU LEU A . n 
A 1 205 LYS 205 206 206 LYS LYS A . n 
A 1 206 SER 206 207 207 SER SER A . n 
A 1 207 ASP 207 208 208 ASP ASP A . n 
A 1 208 ILE 208 209 209 ILE ILE A . n 
A 1 209 LEU 209 210 210 LEU LEU A . n 
A 1 210 SER 210 211 211 SER SER A . n 
A 1 211 ILE 211 212 212 ILE ILE A . n 
A 1 212 LYS 212 213 213 LYS LYS A . n 
A 1 213 ASN 213 214 ?   ?   ?   A . n 
A 1 214 PHE 214 215 ?   ?   ?   A . n 
# 
loop_
_pdbx_nonpoly_scheme.asym_id 
_pdbx_nonpoly_scheme.entity_id 
_pdbx_nonpoly_scheme.mon_id 
_pdbx_nonpoly_scheme.ndb_seq_num 
_pdbx_nonpoly_scheme.pdb_seq_num 
_pdbx_nonpoly_scheme.auth_seq_num 
_pdbx_nonpoly_scheme.pdb_mon_id 
_pdbx_nonpoly_scheme.auth_mon_id 
_pdbx_nonpoly_scheme.pdb_strand_id 
_pdbx_nonpoly_scheme.pdb_ins_code 
B 2 PG4 1  301 1  PG4 PG4 A . 
C 2 PG4 1  302 2  PG4 PG4 A . 
D 2 PG4 1  303 3  PG4 PG4 A . 
E 2 PG4 1  304 4  PG4 PG4 A . 
F 3 HOH 1  401 25 HOH HOH A . 
F 3 HOH 2  402 33 HOH HOH A . 
F 3 HOH 3  403 30 HOH HOH A . 
F 3 HOH 4  404 3  HOH HOH A . 
F 3 HOH 5  405 29 HOH HOH A . 
F 3 HOH 6  406 8  HOH HOH A . 
F 3 HOH 7  407 49 HOH HOH A . 
F 3 HOH 8  408 54 HOH HOH A . 
F 3 HOH 9  409 22 HOH HOH A . 
F 3 HOH 10 410 11 HOH HOH A . 
F 3 HOH 11 411 15 HOH HOH A . 
F 3 HOH 12 412 44 HOH HOH A . 
F 3 HOH 13 413 32 HOH HOH A . 
F 3 HOH 14 414 42 HOH HOH A . 
F 3 HOH 15 415 12 HOH HOH A . 
F 3 HOH 16 416 4  HOH HOH A . 
F 3 HOH 17 417 24 HOH HOH A . 
F 3 HOH 18 418 35 HOH HOH A . 
F 3 HOH 19 419 51 HOH HOH A . 
F 3 HOH 20 420 47 HOH HOH A . 
F 3 HOH 21 421 18 HOH HOH A . 
F 3 HOH 22 422 27 HOH HOH A . 
F 3 HOH 23 423 34 HOH HOH A . 
F 3 HOH 24 424 6  HOH HOH A . 
F 3 HOH 25 425 9  HOH HOH A . 
F 3 HOH 26 426 16 HOH HOH A . 
F 3 HOH 27 427 13 HOH HOH A . 
F 3 HOH 28 428 52 HOH HOH A . 
F 3 HOH 29 429 50 HOH HOH A . 
F 3 HOH 30 430 46 HOH HOH A . 
F 3 HOH 31 431 17 HOH HOH A . 
F 3 HOH 32 432 21 HOH HOH A . 
F 3 HOH 33 433 14 HOH HOH A . 
F 3 HOH 34 434 45 HOH HOH A . 
F 3 HOH 35 435 1  HOH HOH A . 
F 3 HOH 36 436 28 HOH HOH A . 
F 3 HOH 37 437 38 HOH HOH A . 
F 3 HOH 38 438 48 HOH HOH A . 
F 3 HOH 39 439 7  HOH HOH A . 
F 3 HOH 40 440 43 HOH HOH A . 
F 3 HOH 41 441 10 HOH HOH A . 
F 3 HOH 42 442 26 HOH HOH A . 
F 3 HOH 43 443 39 HOH HOH A . 
F 3 HOH 44 444 36 HOH HOH A . 
F 3 HOH 45 445 37 HOH HOH A . 
F 3 HOH 46 446 5  HOH HOH A . 
F 3 HOH 47 447 2  HOH HOH A . 
F 3 HOH 48 448 23 HOH HOH A . 
F 3 HOH 49 449 41 HOH HOH A . 
F 3 HOH 50 450 19 HOH HOH A . 
F 3 HOH 51 451 53 HOH HOH A . 
F 3 HOH 52 452 40 HOH HOH A . 
F 3 HOH 53 453 20 HOH HOH A . 
F 3 HOH 54 454 31 HOH HOH A . 
# 
loop_
_software.citation_id 
_software.classification 
_software.compiler_name 
_software.compiler_version 
_software.contact_author 
_software.contact_author_email 
_software.date 
_software.description 
_software.dependencies 
_software.hardware 
_software.language 
_software.location 
_software.mods 
_software.name 
_software.os 
_software.os_version 
_software.type 
_software.version 
_software.pdbx_ordinal 
? 'data reduction'  ? ? ? ? ? ? ? ? ? ? ? XDS         ? ? ? .        1 
? 'data scaling'    ? ? ? ? ? ? ? ? ? ? ? Aimless     ? ? ? .        2 
? refinement        ? ? ? ? ? ? ? ? ? ? ? REFMAC      ? ? ? 5.8.0049 3 
? 'data extraction' ? ? ? ? ? ? ? ? ? ? ? PDB_EXTRACT ? ? ? 3.24     4 
? phasing           ? ? ? ? ? ? ? ? ? ? ? PHASER      ? ? ? .        5 
# 
_cell.angle_alpha                  90.000 
_cell.angle_alpha_esd              ? 
_cell.angle_beta                   90.000 
_cell.angle_beta_esd               ? 
_cell.angle_gamma                  120.000 
_cell.angle_gamma_esd              ? 
_cell.entry_id                     6FZZ 
_cell.details                      ? 
_cell.formula_units_Z              ? 
_cell.length_a                     64.140 
_cell.length_a_esd                 ? 
_cell.length_b                     64.140 
_cell.length_b_esd                 ? 
_cell.length_c                     97.371 
_cell.length_c_esd                 ? 
_cell.volume                       ? 
_cell.volume_esd                   ? 
_cell.Z_PDB                        6 
_cell.reciprocal_angle_alpha       ? 
_cell.reciprocal_angle_beta        ? 
_cell.reciprocal_angle_gamma       ? 
_cell.reciprocal_angle_alpha_esd   ? 
_cell.reciprocal_angle_beta_esd    ? 
_cell.reciprocal_angle_gamma_esd   ? 
_cell.reciprocal_length_a          ? 
_cell.reciprocal_length_b          ? 
_cell.reciprocal_length_c          ? 
_cell.reciprocal_length_a_esd      ? 
_cell.reciprocal_length_b_esd      ? 
_cell.reciprocal_length_c_esd      ? 
_cell.pdbx_unique_axis             ? 
# 
_symmetry.entry_id                         6FZZ 
_symmetry.cell_setting                     ? 
_symmetry.Int_Tables_number                152 
_symmetry.space_group_name_Hall            ? 
_symmetry.space_group_name_H-M             'P 31 2 1' 
_symmetry.pdbx_full_space_group_name_H-M   ? 
# 
_exptl.absorpt_coefficient_mu     ? 
_exptl.absorpt_correction_T_max   ? 
_exptl.absorpt_correction_T_min   ? 
_exptl.absorpt_correction_type    ? 
_exptl.absorpt_process_details    ? 
_exptl.entry_id                   6FZZ 
_exptl.crystals_number            1 
_exptl.details                    ? 
_exptl.method                     'X-RAY DIFFRACTION' 
_exptl.method_details             ? 
# 
_exptl_crystal.colour                      ? 
_exptl_crystal.density_diffrn              ? 
_exptl_crystal.density_Matthews            2.30 
_exptl_crystal.density_method              ? 
_exptl_crystal.density_percent_sol         46.54 
_exptl_crystal.description                 ? 
_exptl_crystal.F_000                       ? 
_exptl_crystal.id                          1 
_exptl_crystal.preparation                 ? 
_exptl_crystal.size_max                    ? 
_exptl_crystal.size_mid                    ? 
_exptl_crystal.size_min                    ? 
_exptl_crystal.size_rad                    ? 
_exptl_crystal.colour_lustre               ? 
_exptl_crystal.colour_modifier             ? 
_exptl_crystal.colour_primary              ? 
_exptl_crystal.density_meas                ? 
_exptl_crystal.density_meas_esd            ? 
_exptl_crystal.density_meas_gt             ? 
_exptl_crystal.density_meas_lt             ? 
_exptl_crystal.density_meas_temp           ? 
_exptl_crystal.density_meas_temp_esd       ? 
_exptl_crystal.density_meas_temp_gt        ? 
_exptl_crystal.density_meas_temp_lt        ? 
_exptl_crystal.pdbx_crystal_image_url      ? 
_exptl_crystal.pdbx_crystal_image_format   ? 
_exptl_crystal.pdbx_mosaicity              ? 
_exptl_crystal.pdbx_mosaicity_esd          ? 
# 
_exptl_crystal_grow.apparatus       ? 
_exptl_crystal_grow.atmosphere      ? 
_exptl_crystal_grow.crystal_id      1 
_exptl_crystal_grow.details         ? 
_exptl_crystal_grow.method          'VAPOR DIFFUSION, SITTING DROP' 
_exptl_crystal_grow.method_ref      ? 
_exptl_crystal_grow.pH              8.5 
_exptl_crystal_grow.pressure        ? 
_exptl_crystal_grow.pressure_esd    ? 
_exptl_crystal_grow.seeding         ? 
_exptl_crystal_grow.seeding_ref     ? 
_exptl_crystal_grow.temp            294 
_exptl_crystal_grow.temp_details    ? 
_exptl_crystal_grow.temp_esd        ? 
_exptl_crystal_grow.time            ? 
_exptl_crystal_grow.pdbx_details    
;0.2 M Sodium citrate
0.1 M Tris pH 8.5
30% PEG 400
;
_exptl_crystal_grow.pdbx_pH_range   ? 
# 
_diffrn.ambient_environment    ? 
_diffrn.ambient_temp           100 
_diffrn.ambient_temp_details   ? 
_diffrn.ambient_temp_esd       ? 
_diffrn.crystal_id             1 
_diffrn.crystal_support        ? 
_diffrn.crystal_treatment      ? 
_diffrn.details                ? 
_diffrn.id                     1 
_diffrn.ambient_pressure       ? 
_diffrn.ambient_pressure_esd   ? 
_diffrn.ambient_pressure_gt    ? 
_diffrn.ambient_pressure_lt    ? 
_diffrn.ambient_temp_gt        ? 
_diffrn.ambient_temp_lt        ? 
# 
_diffrn_detector.details                      ? 
_diffrn_detector.detector                     PIXEL 
_diffrn_detector.diffrn_id                    1 
_diffrn_detector.type                         'DECTRIS PILATUS3 6M' 
_diffrn_detector.area_resol_mean              ? 
_diffrn_detector.dtime                        ? 
_diffrn_detector.pdbx_frames_total            ? 
_diffrn_detector.pdbx_collection_time_total   ? 
_diffrn_detector.pdbx_collection_date         2017-09-02 
# 
_diffrn_radiation.collimation                      ? 
_diffrn_radiation.diffrn_id                        1 
_diffrn_radiation.filter_edge                      ? 
_diffrn_radiation.inhomogeneity                    ? 
_diffrn_radiation.monochromator                    ? 
_diffrn_radiation.polarisn_norm                    ? 
_diffrn_radiation.polarisn_ratio                   ? 
_diffrn_radiation.probe                            ? 
_diffrn_radiation.type                             ? 
_diffrn_radiation.xray_symbol                      ? 
_diffrn_radiation.wavelength_id                    1 
_diffrn_radiation.pdbx_monochromatic_or_laue_m_l   M 
_diffrn_radiation.pdbx_wavelength_list             ? 
_diffrn_radiation.pdbx_wavelength                  ? 
_diffrn_radiation.pdbx_diffrn_protocol             'SINGLE WAVELENGTH' 
_diffrn_radiation.pdbx_analyzer                    ? 
_diffrn_radiation.pdbx_scattering_type             x-ray 
# 
_diffrn_radiation_wavelength.id           1 
_diffrn_radiation_wavelength.wavelength   0.9184 
_diffrn_radiation_wavelength.wt           1.0 
# 
_diffrn_source.current                     ? 
_diffrn_source.details                     ? 
_diffrn_source.diffrn_id                   1 
_diffrn_source.power                       ? 
_diffrn_source.size                        ? 
_diffrn_source.source                      SYNCHROTRON 
_diffrn_source.target                      ? 
_diffrn_source.type                        'BESSY BEAMLINE 14.1' 
_diffrn_source.voltage                     ? 
_diffrn_source.take-off_angle              ? 
_diffrn_source.pdbx_wavelength_list        0.9184 
_diffrn_source.pdbx_wavelength             ? 
_diffrn_source.pdbx_synchrotron_beamline   14.1 
_diffrn_source.pdbx_synchrotron_site       BESSY 
# 
_reflns.B_iso_Wilson_estimate            ? 
_reflns.entry_id                         6FZZ 
_reflns.data_reduction_details           ? 
_reflns.data_reduction_method            ? 
_reflns.d_resolution_high                2.05 
_reflns.d_resolution_low                 55.55 
_reflns.details                          ? 
_reflns.limit_h_max                      ? 
_reflns.limit_h_min                      ? 
_reflns.limit_k_max                      ? 
_reflns.limit_k_min                      ? 
_reflns.limit_l_max                      ? 
_reflns.limit_l_min                      ? 
_reflns.number_all                       ? 
_reflns.number_obs                       15078 
_reflns.observed_criterion               ? 
_reflns.observed_criterion_F_max         ? 
_reflns.observed_criterion_F_min         ? 
_reflns.observed_criterion_I_max         ? 
_reflns.observed_criterion_I_min         ? 
_reflns.observed_criterion_sigma_F       ? 
_reflns.observed_criterion_sigma_I       ? 
_reflns.percent_possible_obs             100.0 
_reflns.R_free_details                   ? 
_reflns.Rmerge_F_all                     ? 
_reflns.Rmerge_F_obs                     ? 
_reflns.Friedel_coverage                 ? 
_reflns.number_gt                        ? 
_reflns.threshold_expression             ? 
_reflns.pdbx_redundancy                  9.8 
_reflns.pdbx_Rmerge_I_obs                0.05 
_reflns.pdbx_Rmerge_I_all                ? 
_reflns.pdbx_Rsym_value                  ? 
_reflns.pdbx_netI_over_av_sigmaI         ? 
_reflns.pdbx_netI_over_sigmaI            23.8 
_reflns.pdbx_res_netI_over_av_sigmaI_2   ? 
_reflns.pdbx_res_netI_over_sigmaI_2      ? 
_reflns.pdbx_chi_squared                 ? 
_reflns.pdbx_scaling_rejects             ? 
_reflns.pdbx_d_res_high_opt              ? 
_reflns.pdbx_d_res_low_opt               ? 
_reflns.pdbx_d_res_opt_method            ? 
_reflns.phase_calculation_details        ? 
_reflns.pdbx_Rrim_I_all                  ? 
_reflns.pdbx_Rpim_I_all                  ? 
_reflns.pdbx_d_opt                       ? 
_reflns.pdbx_number_measured_all         ? 
_reflns.pdbx_diffrn_id                   1 
_reflns.pdbx_ordinal                     1 
_reflns.pdbx_CC_half                     ? 
_reflns.pdbx_R_split                     ? 
# 
_reflns_shell.d_res_high                  2.05 
_reflns_shell.d_res_low                   2.11 
_reflns_shell.meanI_over_sigI_all         ? 
_reflns_shell.meanI_over_sigI_obs         7.3 
_reflns_shell.number_measured_all         ? 
_reflns_shell.number_measured_obs         ? 
_reflns_shell.number_possible             ? 
_reflns_shell.number_unique_all           ? 
_reflns_shell.number_unique_obs           1279 
_reflns_shell.percent_possible_all        100.0 
_reflns_shell.percent_possible_obs        ? 
_reflns_shell.Rmerge_F_all                ? 
_reflns_shell.Rmerge_F_obs                ? 
_reflns_shell.Rmerge_I_all                ? 
_reflns_shell.Rmerge_I_obs                0.30 
_reflns_shell.meanI_over_sigI_gt          ? 
_reflns_shell.meanI_over_uI_all           ? 
_reflns_shell.meanI_over_uI_gt            ? 
_reflns_shell.number_measured_gt          ? 
_reflns_shell.number_unique_gt            ? 
_reflns_shell.percent_possible_gt         ? 
_reflns_shell.Rmerge_F_gt                 ? 
_reflns_shell.Rmerge_I_gt                 ? 
_reflns_shell.pdbx_redundancy             10.1 
_reflns_shell.pdbx_Rsym_value             ? 
_reflns_shell.pdbx_chi_squared            ? 
_reflns_shell.pdbx_netI_over_sigmaI_all   ? 
_reflns_shell.pdbx_netI_over_sigmaI_obs   ? 
_reflns_shell.pdbx_Rrim_I_all             ? 
_reflns_shell.pdbx_Rpim_I_all             ? 
_reflns_shell.pdbx_rejects                ? 
_reflns_shell.pdbx_ordinal                1 
_reflns_shell.pdbx_diffrn_id              1 
_reflns_shell.pdbx_CC_half                ? 
_reflns_shell.pdbx_R_split                ? 
# 
_refine.aniso_B[1][1]                            0.0000 
_refine.aniso_B[1][2]                            0.0000 
_refine.aniso_B[1][3]                            -0.0000 
_refine.aniso_B[2][2]                            0.0000 
_refine.aniso_B[2][3]                            -0.0000 
_refine.aniso_B[3][3]                            -0.0100 
_refine.B_iso_max                                83.000 
_refine.B_iso_mean                               32.4000 
_refine.B_iso_min                                16.500 
_refine.correlation_coeff_Fo_to_Fc               0.9490 
_refine.correlation_coeff_Fo_to_Fc_free          0.8990 
_refine.details                                  
'HYDROGENS HAVE BEEN ADDED IN THE RIDING POSITIONS U VALUES      : REFINED INDIVIDUALLY' 
_refine.diff_density_max                         ? 
_refine.diff_density_max_esd                     ? 
_refine.diff_density_min                         ? 
_refine.diff_density_min_esd                     ? 
_refine.diff_density_rms                         ? 
_refine.diff_density_rms_esd                     ? 
_refine.entry_id                                 6FZZ 
_refine.pdbx_refine_id                           'X-RAY DIFFRACTION' 
_refine.ls_abs_structure_details                 ? 
_refine.ls_abs_structure_Flack                   ? 
_refine.ls_abs_structure_Flack_esd               ? 
_refine.ls_abs_structure_Rogers                  ? 
_refine.ls_abs_structure_Rogers_esd              ? 
_refine.ls_d_res_high                            2.0500 
_refine.ls_d_res_low                             55.5500 
_refine.ls_extinction_coef                       ? 
_refine.ls_extinction_coef_esd                   ? 
_refine.ls_extinction_expression                 ? 
_refine.ls_extinction_method                     ? 
_refine.ls_goodness_of_fit_all                   ? 
_refine.ls_goodness_of_fit_all_esd               ? 
_refine.ls_goodness_of_fit_obs                   ? 
_refine.ls_goodness_of_fit_obs_esd               ? 
_refine.ls_hydrogen_treatment                    ? 
_refine.ls_matrix_type                           ? 
_refine.ls_number_constraints                    ? 
_refine.ls_number_parameters                     ? 
_refine.ls_number_reflns_all                     ? 
_refine.ls_number_reflns_obs                     14287 
_refine.ls_number_reflns_R_free                  760 
_refine.ls_number_reflns_R_work                  ? 
_refine.ls_number_restraints                     ? 
_refine.ls_percent_reflns_obs                    99.9500 
_refine.ls_percent_reflns_R_free                 5.1000 
_refine.ls_R_factor_all                          ? 
_refine.ls_R_factor_obs                          0.1888 
_refine.ls_R_factor_R_free                       0.2420 
_refine.ls_R_factor_R_free_error                 ? 
_refine.ls_R_factor_R_free_error_details         ? 
_refine.ls_R_factor_R_work                       0.1860 
_refine.ls_R_Fsqd_factor_obs                     ? 
_refine.ls_R_I_factor_obs                        ? 
_refine.ls_redundancy_reflns_all                 ? 
_refine.ls_redundancy_reflns_obs                 ? 
_refine.ls_restrained_S_all                      ? 
_refine.ls_restrained_S_obs                      ? 
_refine.ls_shift_over_esd_max                    ? 
_refine.ls_shift_over_esd_mean                   ? 
_refine.ls_structure_factor_coef                 ? 
_refine.ls_weighting_details                     ? 
_refine.ls_weighting_scheme                      ? 
_refine.ls_wR_factor_all                         ? 
_refine.ls_wR_factor_obs                         ? 
_refine.ls_wR_factor_R_free                      ? 
_refine.ls_wR_factor_R_work                      ? 
_refine.occupancy_max                            ? 
_refine.occupancy_min                            ? 
_refine.solvent_model_details                    ? 
_refine.solvent_model_param_bsol                 ? 
_refine.solvent_model_param_ksol                 ? 
_refine.ls_R_factor_gt                           ? 
_refine.ls_goodness_of_fit_gt                    ? 
_refine.ls_goodness_of_fit_ref                   ? 
_refine.ls_shift_over_su_max                     ? 
_refine.ls_shift_over_su_max_lt                  ? 
_refine.ls_shift_over_su_mean                    ? 
_refine.ls_shift_over_su_mean_lt                 ? 
_refine.pdbx_ls_sigma_I                          ? 
_refine.pdbx_ls_sigma_F                          0.000 
_refine.pdbx_ls_sigma_Fsqd                       ? 
_refine.pdbx_data_cutoff_high_absF               ? 
_refine.pdbx_data_cutoff_high_rms_absF           ? 
_refine.pdbx_data_cutoff_low_absF                ? 
_refine.pdbx_isotropic_thermal_model             ? 
_refine.pdbx_ls_cross_valid_method               THROUGHOUT 
_refine.pdbx_method_to_determine_struct          'MOLECULAR REPLACEMENT' 
_refine.pdbx_starting_model                      6FXE 
_refine.pdbx_stereochemistry_target_values       ? 
_refine.pdbx_R_Free_selection_details            RANDOM 
_refine.pdbx_stereochem_target_val_spec_case     ? 
_refine.pdbx_overall_ESU_R                       0.1910 
_refine.pdbx_overall_ESU_R_Free                  0.1770 
_refine.pdbx_solvent_vdw_probe_radii             1.2000 
_refine.pdbx_solvent_ion_probe_radii             0.8000 
_refine.pdbx_solvent_shrinkage_radii             0.8000 
_refine.pdbx_real_space_R                        ? 
_refine.pdbx_density_correlation                 ? 
_refine.pdbx_pd_number_of_powder_patterns        ? 
_refine.pdbx_pd_number_of_points                 ? 
_refine.pdbx_pd_meas_number_of_points            ? 
_refine.pdbx_pd_proc_ls_prof_R_factor            ? 
_refine.pdbx_pd_proc_ls_prof_wR_factor           ? 
_refine.pdbx_pd_Marquardt_correlation_coeff      ? 
_refine.pdbx_pd_Fsqrd_R_factor                   ? 
_refine.pdbx_pd_ls_matrix_band_width             ? 
_refine.pdbx_overall_phase_error                 ? 
_refine.pdbx_overall_SU_R_free_Cruickshank_DPI   ? 
_refine.pdbx_overall_SU_R_free_Blow_DPI          ? 
_refine.pdbx_overall_SU_R_Blow_DPI               ? 
_refine.pdbx_TLS_residual_ADP_flag               ? 
_refine.pdbx_diffrn_id                           1 
_refine.overall_SU_B                             3.8510 
_refine.overall_SU_ML                            0.1090 
_refine.overall_SU_R_Cruickshank_DPI             ? 
_refine.overall_SU_R_free                        ? 
_refine.overall_FOM_free_R_set                   ? 
_refine.overall_FOM_work_R_set                   ? 
_refine.pdbx_average_fsc_overall                 ? 
_refine.pdbx_average_fsc_work                    ? 
_refine.pdbx_average_fsc_free                    ? 
# 
_refine_hist.cycle_id                         final 
_refine_hist.pdbx_refine_id                   'X-RAY DIFFRACTION' 
_refine_hist.d_res_high                       2.0500 
_refine_hist.d_res_low                        55.5500 
_refine_hist.pdbx_number_atoms_ligand         52 
_refine_hist.number_atoms_solvent             54 
_refine_hist.number_atoms_total               1754 
_refine_hist.pdbx_number_residues_total       199 
_refine_hist.pdbx_B_iso_mean_ligand           48.02 
_refine_hist.pdbx_B_iso_mean_solvent          40.57 
_refine_hist.pdbx_number_atoms_protein        1648 
_refine_hist.pdbx_number_atoms_nucleic_acid   0 
# 
loop_
_refine_ls_restr.pdbx_refine_id 
_refine_ls_restr.criterion 
_refine_ls_restr.dev_ideal 
_refine_ls_restr.dev_ideal_target 
_refine_ls_restr.number 
_refine_ls_restr.rejects 
_refine_ls_restr.type 
_refine_ls_restr.weight 
_refine_ls_restr.pdbx_restraint_function 
'X-RAY DIFFRACTION' ? 0.018  0.019  1715 ? r_bond_refined_d       ? ? 
'X-RAY DIFFRACTION' ? 0.002  0.020  1752 ? r_bond_other_d         ? ? 
'X-RAY DIFFRACTION' ? 1.838  2.013  2275 ? r_angle_refined_deg    ? ? 
'X-RAY DIFFRACTION' ? 0.935  3.000  4070 ? r_angle_other_deg      ? ? 
'X-RAY DIFFRACTION' ? 4.851  5.000  198  ? r_dihedral_angle_1_deg ? ? 
'X-RAY DIFFRACTION' ? 35.818 26.341 82   ? r_dihedral_angle_2_deg ? ? 
'X-RAY DIFFRACTION' ? 15.575 15.000 367  ? r_dihedral_angle_3_deg ? ? 
'X-RAY DIFFRACTION' ? 17.786 15.000 7    ? r_dihedral_angle_4_deg ? ? 
'X-RAY DIFFRACTION' ? 0.111  0.200  253  ? r_chiral_restr         ? ? 
'X-RAY DIFFRACTION' ? 0.009  0.020  1823 ? r_gen_planes_refined   ? ? 
'X-RAY DIFFRACTION' ? 0.001  0.020  338  ? r_gen_planes_other     ? ? 
# 
_refine_ls_shell.pdbx_refine_id                   'X-RAY DIFFRACTION' 
_refine_ls_shell.d_res_high                       2.0500 
_refine_ls_shell.d_res_low                        2.1030 
_refine_ls_shell.number_reflns_all                1070 
_refine_ls_shell.number_reflns_obs                ? 
_refine_ls_shell.number_reflns_R_free             56 
_refine_ls_shell.number_reflns_R_work             1014 
_refine_ls_shell.percent_reflns_obs               100.0000 
_refine_ls_shell.percent_reflns_R_free            ? 
_refine_ls_shell.R_factor_all                     ? 
_refine_ls_shell.R_factor_obs                     ? 
_refine_ls_shell.R_factor_R_free                  0.1710 
_refine_ls_shell.R_factor_R_free_error            0.0000 
_refine_ls_shell.R_factor_R_work                  0.1500 
_refine_ls_shell.redundancy_reflns_all            ? 
_refine_ls_shell.redundancy_reflns_obs            ? 
_refine_ls_shell.wR_factor_all                    ? 
_refine_ls_shell.wR_factor_obs                    ? 
_refine_ls_shell.wR_factor_R_free                 ? 
_refine_ls_shell.wR_factor_R_work                 ? 
_refine_ls_shell.pdbx_total_number_of_bins_used   20 
_refine_ls_shell.pdbx_phase_error                 ? 
_refine_ls_shell.pdbx_fsc_work                    ? 
_refine_ls_shell.pdbx_fsc_free                    ? 
# 
_struct.entry_id                     6FZZ 
_struct.title                        
'Crystal structure of BSE31 (BSPA14S_RS05060 gene product) from Lyme disease agent Borrelia (Borreliella) spielmanii' 
_struct.pdbx_model_details           ? 
_struct.pdbx_formula_weight          ? 
_struct.pdbx_formula_weight_method   ? 
_struct.pdbx_model_type_details      ? 
_struct.pdbx_CASP_flag               N 
# 
_struct_keywords.entry_id        6FZZ 
_struct_keywords.text            'Outer surface protein, borrelia outer membrane, pFam54 family, PROTEIN BINDING' 
_struct_keywords.pdbx_keywords   'PROTEIN BINDING' 
# 
loop_
_struct_asym.id 
_struct_asym.pdbx_blank_PDB_chainid_flag 
_struct_asym.pdbx_modified 
_struct_asym.entity_id 
_struct_asym.details 
A N N 1 ? 
B N N 2 ? 
C N N 2 ? 
D N N 2 ? 
E N N 2 ? 
F N N 3 ? 
# 
_struct_ref.id                         1 
_struct_ref.db_name                    UNP 
_struct_ref.db_code                    C0RBM0_9SPIR 
_struct_ref.pdbx_db_accession          C0RBM0 
_struct_ref.pdbx_db_isoform            ? 
_struct_ref.entity_id                  1 
_struct_ref.pdbx_seq_one_letter_code   
;NQEVNQNQRGKNKLLNDLRNLIEKANTDRKKYEKKLKEEPEDQYGILAFKSLRWHEEPRETVSDNSERSKAYRKLTYGIL
NDMNADELKRFSEIIILANEVEDIFNTSITLEGNIDYTIIHLYPKKDNLNKLKISDLENLKNLFEKLLSTKEIISKTFKQ
LLLDYQDDNNSIKADANKLKLHVKEIVKQIKEKQEESEKLKSDILSIKNF
;
_struct_ref.pdbx_align_begin           97 
# 
_struct_ref_seq.align_id                      1 
_struct_ref_seq.ref_id                        1 
_struct_ref_seq.pdbx_PDB_id_code              6FZZ 
_struct_ref_seq.pdbx_strand_id                A 
_struct_ref_seq.seq_align_beg                 5 
_struct_ref_seq.pdbx_seq_align_beg_ins_code   ? 
_struct_ref_seq.seq_align_end                 214 
_struct_ref_seq.pdbx_seq_align_end_ins_code   ? 
_struct_ref_seq.pdbx_db_accession             C0RBM0 
_struct_ref_seq.db_align_beg                  97 
_struct_ref_seq.pdbx_db_align_beg_ins_code    ? 
_struct_ref_seq.db_align_end                  306 
_struct_ref_seq.pdbx_db_align_end_ins_code    ? 
_struct_ref_seq.pdbx_auth_seq_align_beg       6 
_struct_ref_seq.pdbx_auth_seq_align_end       215 
# 
loop_
_struct_ref_seq_dif.align_id 
_struct_ref_seq_dif.pdbx_pdb_id_code 
_struct_ref_seq_dif.mon_id 
_struct_ref_seq_dif.pdbx_pdb_strand_id 
_struct_ref_seq_dif.seq_num 
_struct_ref_seq_dif.pdbx_pdb_ins_code 
_struct_ref_seq_dif.pdbx_seq_db_name 
_struct_ref_seq_dif.pdbx_seq_db_accession_code 
_struct_ref_seq_dif.db_mon_id 
_struct_ref_seq_dif.pdbx_seq_db_seq_num 
_struct_ref_seq_dif.details 
_struct_ref_seq_dif.pdbx_auth_seq_num 
_struct_ref_seq_dif.pdbx_ordinal 
1 6FZZ GLY A 1 ? UNP C0RBM0 ? ? 'expression tag' 2 1 
1 6FZZ ALA A 2 ? UNP C0RBM0 ? ? 'expression tag' 3 2 
1 6FZZ MET A 3 ? UNP C0RBM0 ? ? 'expression tag' 4 3 
1 6FZZ GLY A 4 ? UNP C0RBM0 ? ? 'expression tag' 5 4 
# 
_pdbx_struct_assembly.id                   1 
_pdbx_struct_assembly.details              author_and_software_defined_assembly 
_pdbx_struct_assembly.method_details       PISA 
_pdbx_struct_assembly.oligomeric_details   monomeric 
_pdbx_struct_assembly.oligomeric_count     1 
# 
loop_
_pdbx_struct_assembly_prop.biol_id 
_pdbx_struct_assembly_prop.type 
_pdbx_struct_assembly_prop.value 
_pdbx_struct_assembly_prop.details 
1 'ABSA (A^2)' 1630  ? 
1 MORE         23    ? 
1 'SSA (A^2)'  10860 ? 
# 
_pdbx_struct_assembly_gen.assembly_id       1 
_pdbx_struct_assembly_gen.oper_expression   1 
_pdbx_struct_assembly_gen.asym_id_list      A,B,C,D,E,F 
# 
_pdbx_struct_assembly_auth_evidence.id                     1 
_pdbx_struct_assembly_auth_evidence.assembly_id            1 
_pdbx_struct_assembly_auth_evidence.experimental_support   'gel filtration' 
_pdbx_struct_assembly_auth_evidence.details                ? 
# 
_pdbx_struct_oper_list.id                   1 
_pdbx_struct_oper_list.type                 'identity operation' 
_pdbx_struct_oper_list.name                 1_555 
_pdbx_struct_oper_list.symmetry_operation   x,y,z 
_pdbx_struct_oper_list.matrix[1][1]         1.0000000000 
_pdbx_struct_oper_list.matrix[1][2]         0.0000000000 
_pdbx_struct_oper_list.matrix[1][3]         0.0000000000 
_pdbx_struct_oper_list.vector[1]            0.0000000000 
_pdbx_struct_oper_list.matrix[2][1]         0.0000000000 
_pdbx_struct_oper_list.matrix[2][2]         1.0000000000 
_pdbx_struct_oper_list.matrix[2][3]         0.0000000000 
_pdbx_struct_oper_list.vector[2]            0.0000000000 
_pdbx_struct_oper_list.matrix[3][1]         0.0000000000 
_pdbx_struct_oper_list.matrix[3][2]         0.0000000000 
_pdbx_struct_oper_list.matrix[3][3]         1.0000000000 
_pdbx_struct_oper_list.vector[3]            0.0000000000 
# 
loop_
_struct_conf.conf_type_id 
_struct_conf.id 
_struct_conf.pdbx_PDB_helix_id 
_struct_conf.beg_label_comp_id 
_struct_conf.beg_label_asym_id 
_struct_conf.beg_label_seq_id 
_struct_conf.pdbx_beg_PDB_ins_code 
_struct_conf.end_label_comp_id 
_struct_conf.end_label_asym_id 
_struct_conf.end_label_seq_id 
_struct_conf.pdbx_end_PDB_ins_code 
_struct_conf.beg_auth_comp_id 
_struct_conf.beg_auth_asym_id 
_struct_conf.beg_auth_seq_id 
_struct_conf.end_auth_comp_id 
_struct_conf.end_auth_asym_id 
_struct_conf.end_auth_seq_id 
_struct_conf.pdbx_PDB_helix_class 
_struct_conf.details 
_struct_conf.pdbx_PDB_helix_length 
HELX_P HELX_P1 AA1 GLY A 14  ? GLU A 42  ? GLY A 15  GLU A 43  1 ? 29 
HELX_P HELX_P2 AA2 ASP A 46  ? LEU A 56  ? ASP A 47  LEU A 57  5 ? 11 
HELX_P HELX_P3 AA3 SER A 70  ? LEU A 84  ? SER A 71  LEU A 85  1 ? 15 
HELX_P HELX_P4 AA4 ASN A 88  ? ASN A 103 ? ASN A 89  ASN A 104 1 ? 16 
HELX_P HELX_P5 AA5 GLU A 104 ? TYR A 127 ? GLU A 105 TYR A 128 1 ? 24 
HELX_P HELX_P6 AA6 PRO A 128 ? LEU A 136 ? PRO A 129 LEU A 137 5 ? 9  
HELX_P HELX_P7 AA7 LYS A 137 ? ASP A 171 ? LYS A 138 ASP A 172 1 ? 35 
HELX_P HELX_P8 AA8 ASP A 172 ? ILE A 176 ? ASP A 173 ILE A 177 5 ? 5  
HELX_P HELX_P9 AA9 ASP A 179 ? SER A 210 ? ASP A 180 SER A 211 1 ? 32 
# 
_struct_conf_type.id          HELX_P 
_struct_conf_type.criteria    ? 
_struct_conf_type.reference   ? 
# 
_struct_mon_prot_cis.pdbx_id                1 
_struct_mon_prot_cis.label_comp_id          GLU 
_struct_mon_prot_cis.label_seq_id           61 
_struct_mon_prot_cis.label_asym_id          A 
_struct_mon_prot_cis.label_alt_id           . 
_struct_mon_prot_cis.pdbx_PDB_ins_code      ? 
_struct_mon_prot_cis.auth_comp_id           GLU 
_struct_mon_prot_cis.auth_seq_id            62 
_struct_mon_prot_cis.auth_asym_id           A 
_struct_mon_prot_cis.pdbx_label_comp_id_2   PRO 
_struct_mon_prot_cis.pdbx_label_seq_id_2    62 
_struct_mon_prot_cis.pdbx_label_asym_id_2   A 
_struct_mon_prot_cis.pdbx_PDB_ins_code_2    ? 
_struct_mon_prot_cis.pdbx_auth_comp_id_2    PRO 
_struct_mon_prot_cis.pdbx_auth_seq_id_2     63 
_struct_mon_prot_cis.pdbx_auth_asym_id_2    A 
_struct_mon_prot_cis.pdbx_PDB_model_num     1 
_struct_mon_prot_cis.pdbx_omega_angle       5.23 
# 
loop_
_struct_site.id 
_struct_site.pdbx_evidence_code 
_struct_site.pdbx_auth_asym_id 
_struct_site.pdbx_auth_comp_id 
_struct_site.pdbx_auth_seq_id 
_struct_site.pdbx_auth_ins_code 
_struct_site.pdbx_num_residues 
_struct_site.details 
AC1 Software A PG4 301 ? 7  'binding site for residue PG4 A 301' 
AC2 Software A PG4 302 ? 10 'binding site for residue PG4 A 302' 
AC3 Software A PG4 303 ? 7  'binding site for residue PG4 A 303' 
AC4 Software A PG4 304 ? 4  'binding site for residue PG4 A 304' 
# 
loop_
_struct_site_gen.id 
_struct_site_gen.site_id 
_struct_site_gen.pdbx_num_res 
_struct_site_gen.label_comp_id 
_struct_site_gen.label_asym_id 
_struct_site_gen.label_seq_id 
_struct_site_gen.pdbx_auth_ins_code 
_struct_site_gen.auth_comp_id 
_struct_site_gen.auth_asym_id 
_struct_site_gen.auth_seq_id 
_struct_site_gen.label_atom_id 
_struct_site_gen.label_alt_id 
_struct_site_gen.symmetry 
_struct_site_gen.details 
1  AC1 7  ASN A 20  ? ASN A 21  . ? 4_567 ? 
2  AC1 7  ASN A 24  ? ASN A 25  . ? 4_567 ? 
3  AC1 7  GLU A 27  ? GLU A 28  . ? 4_567 ? 
4  AC1 7  LEU A 40  ? LEU A 41  . ? 1_555 ? 
5  AC1 7  ASN A 69  ? ASN A 70  . ? 1_555 ? 
6  AC1 7  LYS A 74  ? LYS A 75  . ? 1_555 ? 
7  AC1 7  HOH F .   ? HOH A 407 . ? 1_555 ? 
8  AC2 10 ALA A 29  ? ALA A 30  . ? 1_555 ? 
9  AC2 10 ASP A 32  ? ASP A 33  . ? 1_555 ? 
10 AC2 10 TYR A 36  ? TYR A 37  . ? 1_555 ? 
11 AC2 10 LYS A 78  ? LYS A 79  . ? 1_555 ? 
12 AC2 10 LEU A 79  ? LEU A 80  . ? 1_555 ? 
13 AC2 10 GLU A 116 ? GLU A 117 . ? 1_555 ? 
14 AC2 10 ILE A 119 ? ILE A 120 . ? 1_555 ? 
15 AC2 10 ASP A 120 ? ASP A 121 . ? 1_555 ? 
16 AC2 10 ILE A 123 ? ILE A 124 . ? 1_555 ? 
17 AC2 10 LYS A 155 ? LYS A 156 . ? 1_555 ? 
18 AC3 7  ARG A 57  ? ARG A 58  . ? 1_555 ? 
19 AC3 7  TRP A 58  ? TRP A 59  . ? 1_555 ? 
20 AC3 7  TYR A 76  ? TYR A 77  . ? 1_555 ? 
21 AC3 7  GLU A 106 ? GLU A 107 . ? 1_555 ? 
22 AC3 7  ASN A 110 ? ASN A 111 . ? 1_555 ? 
23 AC3 7  ASN A 132 ? ASN A 133 . ? 2_665 ? 
24 AC3 7  LYS A 135 ? LYS A 136 . ? 2_665 ? 
25 AC4 4  THR A 114 ? THR A 115 . ? 1_555 ? 
26 AC4 4  ASN A 118 ? ASN A 119 . ? 1_555 ? 
27 AC4 4  GLU A 202 ? GLU A 203 . ? 1_555 ? 
28 AC4 4  LYS A 205 ? LYS A 206 . ? 1_555 ? 
# 
loop_
_pdbx_validate_rmsd_angle.id 
_pdbx_validate_rmsd_angle.PDB_model_num 
_pdbx_validate_rmsd_angle.auth_atom_id_1 
_pdbx_validate_rmsd_angle.auth_asym_id_1 
_pdbx_validate_rmsd_angle.auth_comp_id_1 
_pdbx_validate_rmsd_angle.auth_seq_id_1 
_pdbx_validate_rmsd_angle.PDB_ins_code_1 
_pdbx_validate_rmsd_angle.label_alt_id_1 
_pdbx_validate_rmsd_angle.auth_atom_id_2 
_pdbx_validate_rmsd_angle.auth_asym_id_2 
_pdbx_validate_rmsd_angle.auth_comp_id_2 
_pdbx_validate_rmsd_angle.auth_seq_id_2 
_pdbx_validate_rmsd_angle.PDB_ins_code_2 
_pdbx_validate_rmsd_angle.label_alt_id_2 
_pdbx_validate_rmsd_angle.auth_atom_id_3 
_pdbx_validate_rmsd_angle.auth_asym_id_3 
_pdbx_validate_rmsd_angle.auth_comp_id_3 
_pdbx_validate_rmsd_angle.auth_seq_id_3 
_pdbx_validate_rmsd_angle.PDB_ins_code_3 
_pdbx_validate_rmsd_angle.label_alt_id_3 
_pdbx_validate_rmsd_angle.angle_value 
_pdbx_validate_rmsd_angle.angle_target_value 
_pdbx_validate_rmsd_angle.angle_deviation 
_pdbx_validate_rmsd_angle.angle_standard_deviation 
_pdbx_validate_rmsd_angle.linker_flag 
1 1 CG A ARG 24  ? ? CD A ARG 24  ? ? NE  A ARG 24  ? ? 98.06  111.80 -13.74 2.10 N 
2 1 NE A ARG 24  ? ? CZ A ARG 24  ? ? NH1 A ARG 24  ? ? 123.49 120.30 3.19   0.50 N 
3 1 NE A ARG 24  ? ? CZ A ARG 24  ? ? NH2 A ARG 24  ? ? 115.29 120.30 -5.01  0.50 N 
4 1 NE A ARG 64  ? ? CZ A ARG 64  ? ? NH1 A ARG 64  ? ? 123.39 120.30 3.09   0.50 N 
5 1 CB A ASP 173 ? ? CG A ASP 173 ? ? OD1 A ASP 173 ? ? 123.80 118.30 5.50   0.90 N 
# 
_pdbx_validate_torsion.id              1 
_pdbx_validate_torsion.PDB_model_num   1 
_pdbx_validate_torsion.auth_comp_id    ASN 
_pdbx_validate_torsion.auth_asym_id    A 
_pdbx_validate_torsion.auth_seq_id     70 
_pdbx_validate_torsion.PDB_ins_code    ? 
_pdbx_validate_torsion.label_alt_id    ? 
_pdbx_validate_torsion.phi             -95.22 
_pdbx_validate_torsion.psi             39.83 
# 
loop_
_pdbx_unobs_or_zero_occ_residues.id 
_pdbx_unobs_or_zero_occ_residues.PDB_model_num 
_pdbx_unobs_or_zero_occ_residues.polymer_flag 
_pdbx_unobs_or_zero_occ_residues.occupancy_flag 
_pdbx_unobs_or_zero_occ_residues.auth_asym_id 
_pdbx_unobs_or_zero_occ_residues.auth_comp_id 
_pdbx_unobs_or_zero_occ_residues.auth_seq_id 
_pdbx_unobs_or_zero_occ_residues.PDB_ins_code 
_pdbx_unobs_or_zero_occ_residues.label_asym_id 
_pdbx_unobs_or_zero_occ_residues.label_comp_id 
_pdbx_unobs_or_zero_occ_residues.label_seq_id 
1  1 Y 1 A GLY 2   ? A GLY 1   
2  1 Y 1 A ALA 3   ? A ALA 2   
3  1 Y 1 A MET 4   ? A MET 3   
4  1 Y 1 A GLY 5   ? A GLY 4   
5  1 Y 1 A ASN 6   ? A ASN 5   
6  1 Y 1 A GLN 7   ? A GLN 6   
7  1 Y 1 A GLU 8   ? A GLU 7   
8  1 Y 1 A VAL 9   ? A VAL 8   
9  1 Y 1 A ASN 10  ? A ASN 9   
10 1 Y 1 A GLN 11  ? A GLN 10  
11 1 Y 1 A ASN 12  ? A ASN 11  
12 1 Y 1 A GLN 13  ? A GLN 12  
13 1 Y 1 A ARG 14  ? A ARG 13  
14 1 Y 1 A ASN 214 ? A ASN 213 
15 1 Y 1 A PHE 215 ? A PHE 214 
# 
loop_
_chem_comp_atom.comp_id 
_chem_comp_atom.atom_id 
_chem_comp_atom.type_symbol 
_chem_comp_atom.pdbx_aromatic_flag 
_chem_comp_atom.pdbx_stereo_config 
_chem_comp_atom.pdbx_ordinal 
ALA N    N N N 1   
ALA CA   C N S 2   
ALA C    C N N 3   
ALA O    O N N 4   
ALA CB   C N N 5   
ALA OXT  O N N 6   
ALA H    H N N 7   
ALA H2   H N N 8   
ALA HA   H N N 9   
ALA HB1  H N N 10  
ALA HB2  H N N 11  
ALA HB3  H N N 12  
ALA HXT  H N N 13  
ARG N    N N N 14  
ARG CA   C N S 15  
ARG C    C N N 16  
ARG O    O N N 17  
ARG CB   C N N 18  
ARG CG   C N N 19  
ARG CD   C N N 20  
ARG NE   N N N 21  
ARG CZ   C N N 22  
ARG NH1  N N N 23  
ARG NH2  N N N 24  
ARG OXT  O N N 25  
ARG H    H N N 26  
ARG H2   H N N 27  
ARG HA   H N N 28  
ARG HB2  H N N 29  
ARG HB3  H N N 30  
ARG HG2  H N N 31  
ARG HG3  H N N 32  
ARG HD2  H N N 33  
ARG HD3  H N N 34  
ARG HE   H N N 35  
ARG HH11 H N N 36  
ARG HH12 H N N 37  
ARG HH21 H N N 38  
ARG HH22 H N N 39  
ARG HXT  H N N 40  
ASN N    N N N 41  
ASN CA   C N S 42  
ASN C    C N N 43  
ASN O    O N N 44  
ASN CB   C N N 45  
ASN CG   C N N 46  
ASN OD1  O N N 47  
ASN ND2  N N N 48  
ASN OXT  O N N 49  
ASN H    H N N 50  
ASN H2   H N N 51  
ASN HA   H N N 52  
ASN HB2  H N N 53  
ASN HB3  H N N 54  
ASN HD21 H N N 55  
ASN HD22 H N N 56  
ASN HXT  H N N 57  
ASP N    N N N 58  
ASP CA   C N S 59  
ASP C    C N N 60  
ASP O    O N N 61  
ASP CB   C N N 62  
ASP CG   C N N 63  
ASP OD1  O N N 64  
ASP OD2  O N N 65  
ASP OXT  O N N 66  
ASP H    H N N 67  
ASP H2   H N N 68  
ASP HA   H N N 69  
ASP HB2  H N N 70  
ASP HB3  H N N 71  
ASP HD2  H N N 72  
ASP HXT  H N N 73  
GLN N    N N N 74  
GLN CA   C N S 75  
GLN C    C N N 76  
GLN O    O N N 77  
GLN CB   C N N 78  
GLN CG   C N N 79  
GLN CD   C N N 80  
GLN OE1  O N N 81  
GLN NE2  N N N 82  
GLN OXT  O N N 83  
GLN H    H N N 84  
GLN H2   H N N 85  
GLN HA   H N N 86  
GLN HB2  H N N 87  
GLN HB3  H N N 88  
GLN HG2  H N N 89  
GLN HG3  H N N 90  
GLN HE21 H N N 91  
GLN HE22 H N N 92  
GLN HXT  H N N 93  
GLU N    N N N 94  
GLU CA   C N S 95  
GLU C    C N N 96  
GLU O    O N N 97  
GLU CB   C N N 98  
GLU CG   C N N 99  
GLU CD   C N N 100 
GLU OE1  O N N 101 
GLU OE2  O N N 102 
GLU OXT  O N N 103 
GLU H    H N N 104 
GLU H2   H N N 105 
GLU HA   H N N 106 
GLU HB2  H N N 107 
GLU HB3  H N N 108 
GLU HG2  H N N 109 
GLU HG3  H N N 110 
GLU HE2  H N N 111 
GLU HXT  H N N 112 
GLY N    N N N 113 
GLY CA   C N N 114 
GLY C    C N N 115 
GLY O    O N N 116 
GLY OXT  O N N 117 
GLY H    H N N 118 
GLY H2   H N N 119 
GLY HA2  H N N 120 
GLY HA3  H N N 121 
GLY HXT  H N N 122 
HIS N    N N N 123 
HIS CA   C N S 124 
HIS C    C N N 125 
HIS O    O N N 126 
HIS CB   C N N 127 
HIS CG   C Y N 128 
HIS ND1  N Y N 129 
HIS CD2  C Y N 130 
HIS CE1  C Y N 131 
HIS NE2  N Y N 132 
HIS OXT  O N N 133 
HIS H    H N N 134 
HIS H2   H N N 135 
HIS HA   H N N 136 
HIS HB2  H N N 137 
HIS HB3  H N N 138 
HIS HD1  H N N 139 
HIS HD2  H N N 140 
HIS HE1  H N N 141 
HIS HE2  H N N 142 
HIS HXT  H N N 143 
HOH O    O N N 144 
HOH H1   H N N 145 
HOH H2   H N N 146 
ILE N    N N N 147 
ILE CA   C N S 148 
ILE C    C N N 149 
ILE O    O N N 150 
ILE CB   C N S 151 
ILE CG1  C N N 152 
ILE CG2  C N N 153 
ILE CD1  C N N 154 
ILE OXT  O N N 155 
ILE H    H N N 156 
ILE H2   H N N 157 
ILE HA   H N N 158 
ILE HB   H N N 159 
ILE HG12 H N N 160 
ILE HG13 H N N 161 
ILE HG21 H N N 162 
ILE HG22 H N N 163 
ILE HG23 H N N 164 
ILE HD11 H N N 165 
ILE HD12 H N N 166 
ILE HD13 H N N 167 
ILE HXT  H N N 168 
LEU N    N N N 169 
LEU CA   C N S 170 
LEU C    C N N 171 
LEU O    O N N 172 
LEU CB   C N N 173 
LEU CG   C N N 174 
LEU CD1  C N N 175 
LEU CD2  C N N 176 
LEU OXT  O N N 177 
LEU H    H N N 178 
LEU H2   H N N 179 
LEU HA   H N N 180 
LEU HB2  H N N 181 
LEU HB3  H N N 182 
LEU HG   H N N 183 
LEU HD11 H N N 184 
LEU HD12 H N N 185 
LEU HD13 H N N 186 
LEU HD21 H N N 187 
LEU HD22 H N N 188 
LEU HD23 H N N 189 
LEU HXT  H N N 190 
LYS N    N N N 191 
LYS CA   C N S 192 
LYS C    C N N 193 
LYS O    O N N 194 
LYS CB   C N N 195 
LYS CG   C N N 196 
LYS CD   C N N 197 
LYS CE   C N N 198 
LYS NZ   N N N 199 
LYS OXT  O N N 200 
LYS H    H N N 201 
LYS H2   H N N 202 
LYS HA   H N N 203 
LYS HB2  H N N 204 
LYS HB3  H N N 205 
LYS HG2  H N N 206 
LYS HG3  H N N 207 
LYS HD2  H N N 208 
LYS HD3  H N N 209 
LYS HE2  H N N 210 
LYS HE3  H N N 211 
LYS HZ1  H N N 212 
LYS HZ2  H N N 213 
LYS HZ3  H N N 214 
LYS HXT  H N N 215 
MET N    N N N 216 
MET CA   C N S 217 
MET C    C N N 218 
MET O    O N N 219 
MET CB   C N N 220 
MET CG   C N N 221 
MET SD   S N N 222 
MET CE   C N N 223 
MET OXT  O N N 224 
MET H    H N N 225 
MET H2   H N N 226 
MET HA   H N N 227 
MET HB2  H N N 228 
MET HB3  H N N 229 
MET HG2  H N N 230 
MET HG3  H N N 231 
MET HE1  H N N 232 
MET HE2  H N N 233 
MET HE3  H N N 234 
MET HXT  H N N 235 
PG4 O1   O N N 236 
PG4 C1   C N N 237 
PG4 C2   C N N 238 
PG4 O2   O N N 239 
PG4 C3   C N N 240 
PG4 C4   C N N 241 
PG4 O3   O N N 242 
PG4 C5   C N N 243 
PG4 C6   C N N 244 
PG4 O4   O N N 245 
PG4 C7   C N N 246 
PG4 C8   C N N 247 
PG4 O5   O N N 248 
PG4 HO1  H N N 249 
PG4 H11  H N N 250 
PG4 H12  H N N 251 
PG4 H21  H N N 252 
PG4 H22  H N N 253 
PG4 H31  H N N 254 
PG4 H32  H N N 255 
PG4 H41  H N N 256 
PG4 H42  H N N 257 
PG4 H51  H N N 258 
PG4 H52  H N N 259 
PG4 H61  H N N 260 
PG4 H62  H N N 261 
PG4 H71  H N N 262 
PG4 H72  H N N 263 
PG4 H81  H N N 264 
PG4 H82  H N N 265 
PG4 HO5  H N N 266 
PHE N    N N N 267 
PHE CA   C N S 268 
PHE C    C N N 269 
PHE O    O N N 270 
PHE CB   C N N 271 
PHE CG   C Y N 272 
PHE CD1  C Y N 273 
PHE CD2  C Y N 274 
PHE CE1  C Y N 275 
PHE CE2  C Y N 276 
PHE CZ   C Y N 277 
PHE OXT  O N N 278 
PHE H    H N N 279 
PHE H2   H N N 280 
PHE HA   H N N 281 
PHE HB2  H N N 282 
PHE HB3  H N N 283 
PHE HD1  H N N 284 
PHE HD2  H N N 285 
PHE HE1  H N N 286 
PHE HE2  H N N 287 
PHE HZ   H N N 288 
PHE HXT  H N N 289 
PRO N    N N N 290 
PRO CA   C N S 291 
PRO C    C N N 292 
PRO O    O N N 293 
PRO CB   C N N 294 
PRO CG   C N N 295 
PRO CD   C N N 296 
PRO OXT  O N N 297 
PRO H    H N N 298 
PRO HA   H N N 299 
PRO HB2  H N N 300 
PRO HB3  H N N 301 
PRO HG2  H N N 302 
PRO HG3  H N N 303 
PRO HD2  H N N 304 
PRO HD3  H N N 305 
PRO HXT  H N N 306 
SER N    N N N 307 
SER CA   C N S 308 
SER C    C N N 309 
SER O    O N N 310 
SER CB   C N N 311 
SER OG   O N N 312 
SER OXT  O N N 313 
SER H    H N N 314 
SER H2   H N N 315 
SER HA   H N N 316 
SER HB2  H N N 317 
SER HB3  H N N 318 
SER HG   H N N 319 
SER HXT  H N N 320 
THR N    N N N 321 
THR CA   C N S 322 
THR C    C N N 323 
THR O    O N N 324 
THR CB   C N R 325 
THR OG1  O N N 326 
THR CG2  C N N 327 
THR OXT  O N N 328 
THR H    H N N 329 
THR H2   H N N 330 
THR HA   H N N 331 
THR HB   H N N 332 
THR HG1  H N N 333 
THR HG21 H N N 334 
THR HG22 H N N 335 
THR HG23 H N N 336 
THR HXT  H N N 337 
TRP N    N N N 338 
TRP CA   C N S 339 
TRP C    C N N 340 
TRP O    O N N 341 
TRP CB   C N N 342 
TRP CG   C Y N 343 
TRP CD1  C Y N 344 
TRP CD2  C Y N 345 
TRP NE1  N Y N 346 
TRP CE2  C Y N 347 
TRP CE3  C Y N 348 
TRP CZ2  C Y N 349 
TRP CZ3  C Y N 350 
TRP CH2  C Y N 351 
TRP OXT  O N N 352 
TRP H    H N N 353 
TRP H2   H N N 354 
TRP HA   H N N 355 
TRP HB2  H N N 356 
TRP HB3  H N N 357 
TRP HD1  H N N 358 
TRP HE1  H N N 359 
TRP HE3  H N N 360 
TRP HZ2  H N N 361 
TRP HZ3  H N N 362 
TRP HH2  H N N 363 
TRP HXT  H N N 364 
TYR N    N N N 365 
TYR CA   C N S 366 
TYR C    C N N 367 
TYR O    O N N 368 
TYR CB   C N N 369 
TYR CG   C Y N 370 
TYR CD1  C Y N 371 
TYR CD2  C Y N 372 
TYR CE1  C Y N 373 
TYR CE2  C Y N 374 
TYR CZ   C Y N 375 
TYR OH   O N N 376 
TYR OXT  O N N 377 
TYR H    H N N 378 
TYR H2   H N N 379 
TYR HA   H N N 380 
TYR HB2  H N N 381 
TYR HB3  H N N 382 
TYR HD1  H N N 383 
TYR HD2  H N N 384 
TYR HE1  H N N 385 
TYR HE2  H N N 386 
TYR HH   H N N 387 
TYR HXT  H N N 388 
VAL N    N N N 389 
VAL CA   C N S 390 
VAL C    C N N 391 
VAL O    O N N 392 
VAL CB   C N N 393 
VAL CG1  C N N 394 
VAL CG2  C N N 395 
VAL OXT  O N N 396 
VAL H    H N N 397 
VAL H2   H N N 398 
VAL HA   H N N 399 
VAL HB   H N N 400 
VAL HG11 H N N 401 
VAL HG12 H N N 402 
VAL HG13 H N N 403 
VAL HG21 H N N 404 
VAL HG22 H N N 405 
VAL HG23 H N N 406 
VAL HXT  H N N 407 
# 
loop_
_chem_comp_bond.comp_id 
_chem_comp_bond.atom_id_1 
_chem_comp_bond.atom_id_2 
_chem_comp_bond.value_order 
_chem_comp_bond.pdbx_aromatic_flag 
_chem_comp_bond.pdbx_stereo_config 
_chem_comp_bond.pdbx_ordinal 
ALA N   CA   sing N N 1   
ALA N   H    sing N N 2   
ALA N   H2   sing N N 3   
ALA CA  C    sing N N 4   
ALA CA  CB   sing N N 5   
ALA CA  HA   sing N N 6   
ALA C   O    doub N N 7   
ALA C   OXT  sing N N 8   
ALA CB  HB1  sing N N 9   
ALA CB  HB2  sing N N 10  
ALA CB  HB3  sing N N 11  
ALA OXT HXT  sing N N 12  
ARG N   CA   sing N N 13  
ARG N   H    sing N N 14  
ARG N   H2   sing N N 15  
ARG CA  C    sing N N 16  
ARG CA  CB   sing N N 17  
ARG CA  HA   sing N N 18  
ARG C   O    doub N N 19  
ARG C   OXT  sing N N 20  
ARG CB  CG   sing N N 21  
ARG CB  HB2  sing N N 22  
ARG CB  HB3  sing N N 23  
ARG CG  CD   sing N N 24  
ARG CG  HG2  sing N N 25  
ARG CG  HG3  sing N N 26  
ARG CD  NE   sing N N 27  
ARG CD  HD2  sing N N 28  
ARG CD  HD3  sing N N 29  
ARG NE  CZ   sing N N 30  
ARG NE  HE   sing N N 31  
ARG CZ  NH1  sing N N 32  
ARG CZ  NH2  doub N N 33  
ARG NH1 HH11 sing N N 34  
ARG NH1 HH12 sing N N 35  
ARG NH2 HH21 sing N N 36  
ARG NH2 HH22 sing N N 37  
ARG OXT HXT  sing N N 38  
ASN N   CA   sing N N 39  
ASN N   H    sing N N 40  
ASN N   H2   sing N N 41  
ASN CA  C    sing N N 42  
ASN CA  CB   sing N N 43  
ASN CA  HA   sing N N 44  
ASN C   O    doub N N 45  
ASN C   OXT  sing N N 46  
ASN CB  CG   sing N N 47  
ASN CB  HB2  sing N N 48  
ASN CB  HB3  sing N N 49  
ASN CG  OD1  doub N N 50  
ASN CG  ND2  sing N N 51  
ASN ND2 HD21 sing N N 52  
ASN ND2 HD22 sing N N 53  
ASN OXT HXT  sing N N 54  
ASP N   CA   sing N N 55  
ASP N   H    sing N N 56  
ASP N   H2   sing N N 57  
ASP CA  C    sing N N 58  
ASP CA  CB   sing N N 59  
ASP CA  HA   sing N N 60  
ASP C   O    doub N N 61  
ASP C   OXT  sing N N 62  
ASP CB  CG   sing N N 63  
ASP CB  HB2  sing N N 64  
ASP CB  HB3  sing N N 65  
ASP CG  OD1  doub N N 66  
ASP CG  OD2  sing N N 67  
ASP OD2 HD2  sing N N 68  
ASP OXT HXT  sing N N 69  
GLN N   CA   sing N N 70  
GLN N   H    sing N N 71  
GLN N   H2   sing N N 72  
GLN CA  C    sing N N 73  
GLN CA  CB   sing N N 74  
GLN CA  HA   sing N N 75  
GLN C   O    doub N N 76  
GLN C   OXT  sing N N 77  
GLN CB  CG   sing N N 78  
GLN CB  HB2  sing N N 79  
GLN CB  HB3  sing N N 80  
GLN CG  CD   sing N N 81  
GLN CG  HG2  sing N N 82  
GLN CG  HG3  sing N N 83  
GLN CD  OE1  doub N N 84  
GLN CD  NE2  sing N N 85  
GLN NE2 HE21 sing N N 86  
GLN NE2 HE22 sing N N 87  
GLN OXT HXT  sing N N 88  
GLU N   CA   sing N N 89  
GLU N   H    sing N N 90  
GLU N   H2   sing N N 91  
GLU CA  C    sing N N 92  
GLU CA  CB   sing N N 93  
GLU CA  HA   sing N N 94  
GLU C   O    doub N N 95  
GLU C   OXT  sing N N 96  
GLU CB  CG   sing N N 97  
GLU CB  HB2  sing N N 98  
GLU CB  HB3  sing N N 99  
GLU CG  CD   sing N N 100 
GLU CG  HG2  sing N N 101 
GLU CG  HG3  sing N N 102 
GLU CD  OE1  doub N N 103 
GLU CD  OE2  sing N N 104 
GLU OE2 HE2  sing N N 105 
GLU OXT HXT  sing N N 106 
GLY N   CA   sing N N 107 
GLY N   H    sing N N 108 
GLY N   H2   sing N N 109 
GLY CA  C    sing N N 110 
GLY CA  HA2  sing N N 111 
GLY CA  HA3  sing N N 112 
GLY C   O    doub N N 113 
GLY C   OXT  sing N N 114 
GLY OXT HXT  sing N N 115 
HIS N   CA   sing N N 116 
HIS N   H    sing N N 117 
HIS N   H2   sing N N 118 
HIS CA  C    sing N N 119 
HIS CA  CB   sing N N 120 
HIS CA  HA   sing N N 121 
HIS C   O    doub N N 122 
HIS C   OXT  sing N N 123 
HIS CB  CG   sing N N 124 
HIS CB  HB2  sing N N 125 
HIS CB  HB3  sing N N 126 
HIS CG  ND1  sing Y N 127 
HIS CG  CD2  doub Y N 128 
HIS ND1 CE1  doub Y N 129 
HIS ND1 HD1  sing N N 130 
HIS CD2 NE2  sing Y N 131 
HIS CD2 HD2  sing N N 132 
HIS CE1 NE2  sing Y N 133 
HIS CE1 HE1  sing N N 134 
HIS NE2 HE2  sing N N 135 
HIS OXT HXT  sing N N 136 
HOH O   H1   sing N N 137 
HOH O   H2   sing N N 138 
ILE N   CA   sing N N 139 
ILE N   H    sing N N 140 
ILE N   H2   sing N N 141 
ILE CA  C    sing N N 142 
ILE CA  CB   sing N N 143 
ILE CA  HA   sing N N 144 
ILE C   O    doub N N 145 
ILE C   OXT  sing N N 146 
ILE CB  CG1  sing N N 147 
ILE CB  CG2  sing N N 148 
ILE CB  HB   sing N N 149 
ILE CG1 CD1  sing N N 150 
ILE CG1 HG12 sing N N 151 
ILE CG1 HG13 sing N N 152 
ILE CG2 HG21 sing N N 153 
ILE CG2 HG22 sing N N 154 
ILE CG2 HG23 sing N N 155 
ILE CD1 HD11 sing N N 156 
ILE CD1 HD12 sing N N 157 
ILE CD1 HD13 sing N N 158 
ILE OXT HXT  sing N N 159 
LEU N   CA   sing N N 160 
LEU N   H    sing N N 161 
LEU N   H2   sing N N 162 
LEU CA  C    sing N N 163 
LEU CA  CB   sing N N 164 
LEU CA  HA   sing N N 165 
LEU C   O    doub N N 166 
LEU C   OXT  sing N N 167 
LEU CB  CG   sing N N 168 
LEU CB  HB2  sing N N 169 
LEU CB  HB3  sing N N 170 
LEU CG  CD1  sing N N 171 
LEU CG  CD2  sing N N 172 
LEU CG  HG   sing N N 173 
LEU CD1 HD11 sing N N 174 
LEU CD1 HD12 sing N N 175 
LEU CD1 HD13 sing N N 176 
LEU CD2 HD21 sing N N 177 
LEU CD2 HD22 sing N N 178 
LEU CD2 HD23 sing N N 179 
LEU OXT HXT  sing N N 180 
LYS N   CA   sing N N 181 
LYS N   H    sing N N 182 
LYS N   H2   sing N N 183 
LYS CA  C    sing N N 184 
LYS CA  CB   sing N N 185 
LYS CA  HA   sing N N 186 
LYS C   O    doub N N 187 
LYS C   OXT  sing N N 188 
LYS CB  CG   sing N N 189 
LYS CB  HB2  sing N N 190 
LYS CB  HB3  sing N N 191 
LYS CG  CD   sing N N 192 
LYS CG  HG2  sing N N 193 
LYS CG  HG3  sing N N 194 
LYS CD  CE   sing N N 195 
LYS CD  HD2  sing N N 196 
LYS CD  HD3  sing N N 197 
LYS CE  NZ   sing N N 198 
LYS CE  HE2  sing N N 199 
LYS CE  HE3  sing N N 200 
LYS NZ  HZ1  sing N N 201 
LYS NZ  HZ2  sing N N 202 
LYS NZ  HZ3  sing N N 203 
LYS OXT HXT  sing N N 204 
MET N   CA   sing N N 205 
MET N   H    sing N N 206 
MET N   H2   sing N N 207 
MET CA  C    sing N N 208 
MET CA  CB   sing N N 209 
MET CA  HA   sing N N 210 
MET C   O    doub N N 211 
MET C   OXT  sing N N 212 
MET CB  CG   sing N N 213 
MET CB  HB2  sing N N 214 
MET CB  HB3  sing N N 215 
MET CG  SD   sing N N 216 
MET CG  HG2  sing N N 217 
MET CG  HG3  sing N N 218 
MET SD  CE   sing N N 219 
MET CE  HE1  sing N N 220 
MET CE  HE2  sing N N 221 
MET CE  HE3  sing N N 222 
MET OXT HXT  sing N N 223 
PG4 O1  C1   sing N N 224 
PG4 O1  HO1  sing N N 225 
PG4 C1  C2   sing N N 226 
PG4 C1  H11  sing N N 227 
PG4 C1  H12  sing N N 228 
PG4 C2  O2   sing N N 229 
PG4 C2  H21  sing N N 230 
PG4 C2  H22  sing N N 231 
PG4 O2  C3   sing N N 232 
PG4 C3  C4   sing N N 233 
PG4 C3  H31  sing N N 234 
PG4 C3  H32  sing N N 235 
PG4 C4  O3   sing N N 236 
PG4 C4  H41  sing N N 237 
PG4 C4  H42  sing N N 238 
PG4 O3  C5   sing N N 239 
PG4 C5  C6   sing N N 240 
PG4 C5  H51  sing N N 241 
PG4 C5  H52  sing N N 242 
PG4 C6  O4   sing N N 243 
PG4 C6  H61  sing N N 244 
PG4 C6  H62  sing N N 245 
PG4 O4  C7   sing N N 246 
PG4 C7  C8   sing N N 247 
PG4 C7  H71  sing N N 248 
PG4 C7  H72  sing N N 249 
PG4 C8  O5   sing N N 250 
PG4 C8  H81  sing N N 251 
PG4 C8  H82  sing N N 252 
PG4 O5  HO5  sing N N 253 
PHE N   CA   sing N N 254 
PHE N   H    sing N N 255 
PHE N   H2   sing N N 256 
PHE CA  C    sing N N 257 
PHE CA  CB   sing N N 258 
PHE CA  HA   sing N N 259 
PHE C   O    doub N N 260 
PHE C   OXT  sing N N 261 
PHE CB  CG   sing N N 262 
PHE CB  HB2  sing N N 263 
PHE CB  HB3  sing N N 264 
PHE CG  CD1  doub Y N 265 
PHE CG  CD2  sing Y N 266 
PHE CD1 CE1  sing Y N 267 
PHE CD1 HD1  sing N N 268 
PHE CD2 CE2  doub Y N 269 
PHE CD2 HD2  sing N N 270 
PHE CE1 CZ   doub Y N 271 
PHE CE1 HE1  sing N N 272 
PHE CE2 CZ   sing Y N 273 
PHE CE2 HE2  sing N N 274 
PHE CZ  HZ   sing N N 275 
PHE OXT HXT  sing N N 276 
PRO N   CA   sing N N 277 
PRO N   CD   sing N N 278 
PRO N   H    sing N N 279 
PRO CA  C    sing N N 280 
PRO CA  CB   sing N N 281 
PRO CA  HA   sing N N 282 
PRO C   O    doub N N 283 
PRO C   OXT  sing N N 284 
PRO CB  CG   sing N N 285 
PRO CB  HB2  sing N N 286 
PRO CB  HB3  sing N N 287 
PRO CG  CD   sing N N 288 
PRO CG  HG2  sing N N 289 
PRO CG  HG3  sing N N 290 
PRO CD  HD2  sing N N 291 
PRO CD  HD3  sing N N 292 
PRO OXT HXT  sing N N 293 
SER N   CA   sing N N 294 
SER N   H    sing N N 295 
SER N   H2   sing N N 296 
SER CA  C    sing N N 297 
SER CA  CB   sing N N 298 
SER CA  HA   sing N N 299 
SER C   O    doub N N 300 
SER C   OXT  sing N N 301 
SER CB  OG   sing N N 302 
SER CB  HB2  sing N N 303 
SER CB  HB3  sing N N 304 
SER OG  HG   sing N N 305 
SER OXT HXT  sing N N 306 
THR N   CA   sing N N 307 
THR N   H    sing N N 308 
THR N   H2   sing N N 309 
THR CA  C    sing N N 310 
THR CA  CB   sing N N 311 
THR CA  HA   sing N N 312 
THR C   O    doub N N 313 
THR C   OXT  sing N N 314 
THR CB  OG1  sing N N 315 
THR CB  CG2  sing N N 316 
THR CB  HB   sing N N 317 
THR OG1 HG1  sing N N 318 
THR CG2 HG21 sing N N 319 
THR CG2 HG22 sing N N 320 
THR CG2 HG23 sing N N 321 
THR OXT HXT  sing N N 322 
TRP N   CA   sing N N 323 
TRP N   H    sing N N 324 
TRP N   H2   sing N N 325 
TRP CA  C    sing N N 326 
TRP CA  CB   sing N N 327 
TRP CA  HA   sing N N 328 
TRP C   O    doub N N 329 
TRP C   OXT  sing N N 330 
TRP CB  CG   sing N N 331 
TRP CB  HB2  sing N N 332 
TRP CB  HB3  sing N N 333 
TRP CG  CD1  doub Y N 334 
TRP CG  CD2  sing Y N 335 
TRP CD1 NE1  sing Y N 336 
TRP CD1 HD1  sing N N 337 
TRP CD2 CE2  doub Y N 338 
TRP CD2 CE3  sing Y N 339 
TRP NE1 CE2  sing Y N 340 
TRP NE1 HE1  sing N N 341 
TRP CE2 CZ2  sing Y N 342 
TRP CE3 CZ3  doub Y N 343 
TRP CE3 HE3  sing N N 344 
TRP CZ2 CH2  doub Y N 345 
TRP CZ2 HZ2  sing N N 346 
TRP CZ3 CH2  sing Y N 347 
TRP CZ3 HZ3  sing N N 348 
TRP CH2 HH2  sing N N 349 
TRP OXT HXT  sing N N 350 
TYR N   CA   sing N N 351 
TYR N   H    sing N N 352 
TYR N   H2   sing N N 353 
TYR CA  C    sing N N 354 
TYR CA  CB   sing N N 355 
TYR CA  HA   sing N N 356 
TYR C   O    doub N N 357 
TYR C   OXT  sing N N 358 
TYR CB  CG   sing N N 359 
TYR CB  HB2  sing N N 360 
TYR CB  HB3  sing N N 361 
TYR CG  CD1  doub Y N 362 
TYR CG  CD2  sing Y N 363 
TYR CD1 CE1  sing Y N 364 
TYR CD1 HD1  sing N N 365 
TYR CD2 CE2  doub Y N 366 
TYR CD2 HD2  sing N N 367 
TYR CE1 CZ   doub Y N 368 
TYR CE1 HE1  sing N N 369 
TYR CE2 CZ   sing Y N 370 
TYR CE2 HE2  sing N N 371 
TYR CZ  OH   sing N N 372 
TYR OH  HH   sing N N 373 
TYR OXT HXT  sing N N 374 
VAL N   CA   sing N N 375 
VAL N   H    sing N N 376 
VAL N   H2   sing N N 377 
VAL CA  C    sing N N 378 
VAL CA  CB   sing N N 379 
VAL CA  HA   sing N N 380 
VAL C   O    doub N N 381 
VAL C   OXT  sing N N 382 
VAL CB  CG1  sing N N 383 
VAL CB  CG2  sing N N 384 
VAL CB  HB   sing N N 385 
VAL CG1 HG11 sing N N 386 
VAL CG1 HG12 sing N N 387 
VAL CG1 HG13 sing N N 388 
VAL CG2 HG21 sing N N 389 
VAL CG2 HG22 sing N N 390 
VAL CG2 HG23 sing N N 391 
VAL OXT HXT  sing N N 392 
# 
_pdbx_audit_support.funding_organization   ERDF/CFCA/SEDA 
_pdbx_audit_support.country                Latvia 
_pdbx_audit_support.grant_number           1.1.1.2/VIAA/1/16/144 
_pdbx_audit_support.ordinal                1 
# 
_pdbx_initial_refinement_model.id               1 
_pdbx_initial_refinement_model.entity_id_list   ? 
_pdbx_initial_refinement_model.type             'experimental model' 
_pdbx_initial_refinement_model.source_name      PDB 
_pdbx_initial_refinement_model.accession_code   6FXE 
_pdbx_initial_refinement_model.details          ? 
# 
_atom_sites.entry_id                    6FZZ 
_atom_sites.fract_transf_matrix[1][1]   0.00944375 
_atom_sites.fract_transf_matrix[1][2]   -0.01473798 
_atom_sites.fract_transf_matrix[1][3]   -0.00420770 
_atom_sites.fract_transf_matrix[2][1]   0.01797345 
_atom_sites.fract_transf_matrix[2][2]   0.00072983 
_atom_sites.fract_transf_matrix[2][3]   -0.00072830 
_atom_sites.fract_transf_matrix[3][1]   0.00050510 
_atom_sites.fract_transf_matrix[3][2]   -0.00251546 
_atom_sites.fract_transf_matrix[3][3]   0.00994436 
_atom_sites.fract_transf_vector[1]      0.247044 
_atom_sites.fract_transf_vector[2]      0.687784 
_atom_sites.fract_transf_vector[3]      1.152962 
# 
loop_
_atom_type.symbol 
C 
N 
O 
S 
# 
loop_
_atom_site.group_PDB 
_atom_site.id 
_atom_site.type_symbol 
_atom_site.label_atom_id 
_atom_site.label_alt_id 
_atom_site.label_comp_id 
_atom_site.label_asym_id 
_atom_site.label_entity_id 
_atom_site.label_seq_id 
_atom_site.pdbx_PDB_ins_code 
_atom_site.Cartn_x 
_atom_site.Cartn_y 
_atom_site.Cartn_z 
_atom_site.occupancy 
_atom_site.B_iso_or_equiv 
_atom_site.pdbx_formal_charge 
_atom_site.auth_seq_id 
_atom_site.auth_comp_id 
_atom_site.auth_asym_id 
_atom_site.auth_atom_id 
_atom_site.pdbx_PDB_model_num 
ATOM   1    N N   . GLY A 1 14  ? -29.227 3.317   -14.559 1.00 43.15 ? 15  GLY A N   1 
ATOM   2    C CA  . GLY A 1 14  ? -28.334 2.632   -13.601 1.00 38.14 ? 15  GLY A CA  1 
ATOM   3    C C   . GLY A 1 14  ? -27.073 2.136   -14.284 1.00 33.79 ? 15  GLY A C   1 
ATOM   4    O O   . GLY A 1 14  ? -25.983 2.402   -13.787 1.00 37.81 ? 15  GLY A O   1 
ATOM   5    N N   . LYS A 1 15  ? -27.189 1.462   -15.429 1.00 31.36 ? 16  LYS A N   1 
ATOM   6    C CA  . LYS A 1 15  ? -26.015 0.934   -16.107 1.00 31.90 ? 16  LYS A CA  1 
ATOM   7    C C   . LYS A 1 15  ? -25.055 2.109   -16.498 1.00 33.34 ? 16  LYS A C   1 
ATOM   8    O O   . LYS A 1 15  ? -23.831 2.048   -16.323 1.00 30.89 ? 16  LYS A O   1 
ATOM   9    C CB  . LYS A 1 15  ? -26.397 0.110   -17.326 1.00 35.71 ? 16  LYS A CB  1 
ATOM   10   C CG  . LYS A 1 15  ? -25.265 -0.764  -17.859 1.00 38.71 ? 16  LYS A CG  1 
ATOM   11   C CD  . LYS A 1 15  ? -25.635 -1.498  -19.126 1.00 43.62 ? 16  LYS A CD  1 
ATOM   12   C CE  . LYS A 1 15  ? -24.848 -2.808  -19.299 1.00 48.54 ? 16  LYS A CE  1 
ATOM   13   N NZ  . LYS A 1 15  ? -23.617 -2.695  -20.137 1.00 49.04 ? 16  LYS A NZ  1 
ATOM   14   N N   . ASN A 1 16  ? -25.641 3.186   -17.011 1.00 32.30 ? 17  ASN A N   1 
ATOM   15   C CA  . ASN A 1 16  ? -24.874 4.311   -17.553 1.00 31.08 ? 17  ASN A CA  1 
ATOM   16   C C   . ASN A 1 16  ? -24.093 4.950   -16.428 1.00 27.88 ? 17  ASN A C   1 
ATOM   17   O O   . ASN A 1 16  ? -22.872 5.124   -16.536 1.00 28.18 ? 17  ASN A O   1 
ATOM   18   C CB  . ASN A 1 16  ? -25.795 5.292   -18.272 1.00 31.21 ? 17  ASN A CB  1 
ATOM   19   C CG  . ASN A 1 16  ? -26.381 4.703   -19.545 1.00 33.70 ? 17  ASN A CG  1 
ATOM   20   O OD1 . ASN A 1 16  ? -25.810 3.838   -20.180 1.00 32.53 ? 17  ASN A OD1 1 
ATOM   21   N ND2 . ASN A 1 16  ? -27.483 5.256   -19.983 1.00 35.55 ? 17  ASN A ND2 1 
ATOM   22   N N   . LYS A 1 17  ? -24.752 5.178   -15.309 1.00 26.95 ? 18  LYS A N   1 
ATOM   23   C CA  . LYS A 1 17  ? -24.084 5.752   -14.183 1.00 30.84 ? 18  LYS A CA  1 
ATOM   24   C C   . LYS A 1 17  ? -22.951 4.861   -13.610 1.00 33.61 ? 18  LYS A C   1 
ATOM   25   O O   . LYS A 1 17  ? -21.896 5.354   -13.220 1.00 27.76 ? 18  LYS A O   1 
ATOM   26   C CB  . LYS A 1 17  ? -25.078 6.134   -13.057 1.00 33.64 ? 18  LYS A CB  1 
ATOM   27   C CG  . LYS A 1 17  ? -24.316 6.868   -11.971 1.00 38.14 ? 18  LYS A CG  1 
ATOM   28   C CD  . LYS A 1 17  ? -25.118 7.749   -11.044 1.00 42.88 ? 18  LYS A CD  1 
ATOM   29   C CE  . LYS A 1 17  ? -24.180 8.660   -10.266 1.00 44.74 ? 18  LYS A CE  1 
ATOM   30   N NZ  . LYS A 1 17  ? -23.452 7.915   -9.206  1.00 49.25 ? 18  LYS A NZ  1 
ATOM   31   N N   . LEU A 1 18  ? -23.194 3.553   -13.519 1.00 31.23 ? 19  LEU A N   1 
ATOM   32   C CA  . LEU A 1 18  ? -22.170 2.623   -13.057 1.00 31.38 ? 19  LEU A CA  1 
ATOM   33   C C   . LEU A 1 18  ? -20.951 2.606   -13.954 1.00 27.07 ? 19  LEU A C   1 
ATOM   34   O O   . LEU A 1 18  ? -19.770 2.522   -13.476 1.00 27.69 ? 19  LEU A O   1 
ATOM   35   C CB  . LEU A 1 18  ? -22.810 1.209   -12.983 1.00 34.33 ? 19  LEU A CB  1 
ATOM   36   C CG  . LEU A 1 18  ? -23.691 0.953   -11.757 1.00 36.34 ? 19  LEU A CG  1 
ATOM   37   C CD1 . LEU A 1 18  ? -24.440 -0.377  -11.898 1.00 37.96 ? 19  LEU A CD1 1 
ATOM   38   C CD2 . LEU A 1 18  ? -22.833 0.924   -10.503 1.00 39.22 ? 19  LEU A CD2 1 
ATOM   39   N N   . LEU A 1 19  ? -21.200 2.612   -15.260 1.00 28.01 ? 20  LEU A N   1 
ATOM   40   C CA  . LEU A 1 19  ? -20.098 2.610   -16.225 1.00 28.18 ? 20  LEU A CA  1 
ATOM   41   C C   . LEU A 1 19  ? -19.259 3.852   -15.938 1.00 28.12 ? 20  LEU A C   1 
ATOM   42   O O   . LEU A 1 19  ? -18.029 3.762   -15.845 1.00 23.11 ? 20  LEU A O   1 
ATOM   43   C CB  . LEU A 1 19  ? -20.568 2.549   -17.672 1.00 30.23 ? 20  LEU A CB  1 
ATOM   44   C CG  . LEU A 1 19  ? -21.068 1.188   -18.171 1.00 35.65 ? 20  LEU A CG  1 
ATOM   45   C CD1 . LEU A 1 19  ? -21.837 1.307   -19.492 1.00 38.17 ? 20  LEU A CD1 1 
ATOM   46   C CD2 . LEU A 1 19  ? -19.908 0.218   -18.345 1.00 32.60 ? 20  LEU A CD2 1 
ATOM   47   N N   . ASN A 1 20  ? -19.948 4.996   -15.775 1.00 26.04 ? 21  ASN A N   1 
ATOM   48   C CA  . ASN A 1 20  ? -19.252 6.256   -15.558 1.00 25.36 ? 21  ASN A CA  1 
ATOM   49   C C   . ASN A 1 20  ? -18.485 6.235   -14.242 1.00 25.06 ? 21  ASN A C   1 
ATOM   50   O O   . ASN A 1 20  ? -17.340 6.653   -14.194 1.00 24.46 ? 21  ASN A O   1 
ATOM   51   C CB  . ASN A 1 20  ? -20.244 7.446   -15.633 1.00 25.64 ? 21  ASN A CB  1 
ATOM   52   C CG  . ASN A 1 20  ? -20.672 7.743   -17.056 1.00 25.38 ? 21  ASN A CG  1 
ATOM   53   O OD1 . ASN A 1 20  ? -19.937 7.495   -17.967 1.00 27.47 ? 21  ASN A OD1 1 
ATOM   54   N ND2 . ASN A 1 20  ? -21.826 8.262   -17.242 1.00 25.26 ? 21  ASN A ND2 1 
ATOM   55   N N   . ASP A 1 21  ? -19.113 5.772   -13.158 1.00 24.26 ? 22  ASP A N   1 
ATOM   56   C CA  . ASP A 1 21  ? -18.466 5.867   -11.849 1.00 27.84 ? 22  ASP A CA  1 
ATOM   57   C C   . ASP A 1 21  ? -17.176 4.956   -11.816 1.00 26.06 ? 22  ASP A C   1 
ATOM   58   O O   . ASP A 1 21  ? -16.159 5.207   -11.209 1.00 21.66 ? 22  ASP A O   1 
ATOM   59   C CB  . ASP A 1 21  ? -19.395 5.306   -10.799 1.00 31.87 ? 22  ASP A CB  1 
ATOM   60   C CG  . ASP A 1 21  ? -20.523 6.212   -10.448 1.00 40.03 ? 22  ASP A CG  1 
ATOM   61   O OD1 . ASP A 1 21  ? -20.448 7.465   -10.650 1.00 41.94 ? 22  ASP A OD1 1 
ATOM   62   O OD2 . ASP A 1 21  ? -21.485 5.629   -9.917  1.00 40.93 ? 22  ASP A OD2 1 
ATOM   63   N N   . LEU A 1 22  ? -17.293 3.869   -12.516 1.00 29.21 ? 23  LEU A N   1 
ATOM   64   C CA  . LEU A 1 22  ? -16.263 2.856   -12.541 1.00 31.60 ? 23  LEU A CA  1 
ATOM   65   C C   . LEU A 1 22  ? -15.096 3.296   -13.417 1.00 26.84 ? 23  LEU A C   1 
ATOM   66   O O   . LEU A 1 22  ? -13.923 3.168   -13.018 1.00 27.86 ? 23  LEU A O   1 
ATOM   67   C CB  . LEU A 1 22  ? -16.969 1.592   -12.988 1.00 33.18 ? 23  LEU A CB  1 
ATOM   68   C CG  . LEU A 1 22  ? -16.525 0.198   -12.671 1.00 43.42 ? 23  LEU A CG  1 
ATOM   69   C CD1 . LEU A 1 22  ? -15.832 0.036   -11.325 1.00 40.88 ? 23  LEU A CD1 1 
ATOM   70   C CD2 . LEU A 1 22  ? -17.751 -0.688  -12.829 1.00 46.06 ? 23  LEU A CD2 1 
ATOM   71   N N   . ARG A 1 23  ? -15.379 3.947   -14.551 1.00 24.79 ? 24  ARG A N   1 
ATOM   72   C CA  . ARG A 1 23  ? -14.290 4.571   -15.289 1.00 23.72 ? 24  ARG A CA  1 
ATOM   73   C C   . ARG A 1 23  ? -13.648 5.641   -14.508 1.00 24.34 ? 24  ARG A C   1 
ATOM   74   O O   . ARG A 1 23  ? -12.439 5.771   -14.538 1.00 21.53 ? 24  ARG A O   1 
ATOM   75   C CB  . ARG A 1 23  ? -14.701 5.157   -16.677 1.00 27.91 ? 24  ARG A CB  1 
ATOM   76   C CG  . ARG A 1 23  ? -14.887 4.111   -17.714 1.00 34.76 ? 24  ARG A CG  1 
ATOM   77   C CD  . ARG A 1 23  ? -15.501 4.669   -19.013 1.00 36.68 ? 24  ARG A CD  1 
ATOM   78   N NE  . ARG A 1 23  ? -15.560 3.464   -19.736 1.00 42.47 ? 24  ARG A NE  1 
ATOM   79   C CZ  . ARG A 1 23  ? -16.617 2.878   -20.253 1.00 41.69 ? 24  ARG A CZ  1 
ATOM   80   N NH1 . ARG A 1 23  ? -17.798 3.482   -20.396 1.00 39.66 ? 24  ARG A NH1 1 
ATOM   81   N NH2 . ARG A 1 23  ? -16.405 1.682   -20.762 1.00 39.87 ? 24  ARG A NH2 1 
ATOM   82   N N   . ASN A 1 24  ? -14.425 6.449   -13.824 1.00 23.25 ? 25  ASN A N   1 
ATOM   83   C CA  . ASN A 1 24  ? -13.832 7.473   -12.977 1.00 24.30 ? 25  ASN A CA  1 
ATOM   84   C C   . ASN A 1 24  ? -12.905 6.880   -11.914 1.00 21.29 ? 25  ASN A C   1 
ATOM   85   O O   . ASN A 1 24  ? -11.804 7.384   -11.670 1.00 19.52 ? 25  ASN A O   1 
ATOM   86   C CB  . ASN A 1 24  ? -14.932 8.320   -12.304 1.00 26.19 ? 25  ASN A CB  1 
ATOM   87   C CG  . ASN A 1 24  ? -15.359 9.456   -13.198 1.00 33.80 ? 25  ASN A CG  1 
ATOM   88   O OD1 . ASN A 1 24  ? -14.559 10.354  -13.485 1.00 39.85 ? 25  ASN A OD1 1 
ATOM   89   N ND2 . ASN A 1 24  ? -16.554 9.381   -13.726 1.00 39.90 ? 25  ASN A ND2 1 
ATOM   90   N N   . LEU A 1 25  ? -13.373 5.861   -11.227 1.00 20.19 ? 26  LEU A N   1 
ATOM   91   C CA  . LEU A 1 25  ? -12.527 5.207   -10.186 1.00 22.85 ? 26  LEU A CA  1 
ATOM   92   C C   . LEU A 1 25  ? -11.197 4.639   -10.745 1.00 22.33 ? 26  LEU A C   1 
ATOM   93   O O   . LEU A 1 25  ? -10.116 4.816   -10.171 1.00 22.64 ? 26  LEU A O   1 
ATOM   94   C CB  . LEU A 1 25  ? -13.323 4.068   -9.553  1.00 25.81 ? 26  LEU A CB  1 
ATOM   95   C CG  . LEU A 1 25  ? -14.374 4.476   -8.533  1.00 28.42 ? 26  LEU A CG  1 
ATOM   96   C CD1 . LEU A 1 25  ? -15.414 3.357   -8.306  1.00 28.89 ? 26  LEU A CD1 1 
ATOM   97   C CD2 . LEU A 1 25  ? -13.636 4.827   -7.226  1.00 32.95 ? 26  LEU A CD2 1 
ATOM   98   N N   . ILE A 1 26  ? -11.327 3.921   -11.855 1.00 22.24 ? 27  ILE A N   1 
ATOM   99   C CA  . ILE A 1 26  ? -10.231 3.228   -12.503 1.00 25.59 ? 27  ILE A CA  1 
ATOM   100  C C   . ILE A 1 26  ? -9.268  4.256   -13.078 1.00 25.75 ? 27  ILE A C   1 
ATOM   101  O O   . ILE A 1 26  ? -8.036  4.178   -12.860 1.00 23.20 ? 27  ILE A O   1 
ATOM   102  C CB  . ILE A 1 26  ? -10.730 2.250   -13.576 1.00 22.58 ? 27  ILE A CB  1 
ATOM   103  C CG1 . ILE A 1 26  ? -11.512 1.128   -12.887 1.00 24.12 ? 27  ILE A CG1 1 
ATOM   104  C CG2 . ILE A 1 26  ? -9.597  1.780   -14.441 1.00 27.03 ? 27  ILE A CG2 1 
ATOM   105  C CD1 . ILE A 1 26  ? -12.325 0.303   -13.862 1.00 25.08 ? 27  ILE A CD1 1 
ATOM   106  N N   . GLU A 1 27  ? -9.816  5.284   -13.739 1.00 25.05 ? 28  GLU A N   1 
ATOM   107  C CA  . GLU A 1 27  ? -8.932  6.288   -14.308 1.00 26.15 ? 28  GLU A CA  1 
ATOM   108  C C   . GLU A 1 27  ? -8.244  7.063   -13.230 1.00 25.88 ? 28  GLU A C   1 
ATOM   109  O O   . GLU A 1 27  ? -7.066  7.380   -13.347 1.00 27.62 ? 28  GLU A O   1 
ATOM   110  C CB  . GLU A 1 27  ? -9.643  7.152   -15.411 1.00 28.50 ? 28  GLU A CB  1 
ATOM   111  C CG  . GLU A 1 27  ? -10.150 6.239   -16.556 1.00 36.18 ? 28  GLU A CG  1 
ATOM   112  C CD  . GLU A 1 27  ? -10.580 6.989   -17.841 1.00 44.48 ? 28  GLU A CD  1 
ATOM   113  O OE1 . GLU A 1 27  ? -9.900  7.996   -18.155 1.00 46.06 ? 28  GLU A OE1 1 
ATOM   114  O OE2 . GLU A 1 27  ? -11.571 6.570   -18.541 1.00 38.82 ? 28  GLU A OE2 1 
ATOM   115  N N   . LYS A 1 28  ? -8.916  7.348   -12.126 1.00 26.24 ? 29  LYS A N   1 
ATOM   116  C CA  . LYS A 1 28  ? -8.298  8.106   -11.077 1.00 27.67 ? 29  LYS A CA  1 
ATOM   117  C C   . LYS A 1 28  ? -7.210  7.291   -10.295 1.00 30.58 ? 29  LYS A C   1 
ATOM   118  O O   . LYS A 1 28  ? -6.150  7.823   -9.864  1.00 28.89 ? 29  LYS A O   1 
ATOM   119  C CB  . LYS A 1 28  ? -9.397  8.588   -10.128 1.00 37.23 ? 29  LYS A CB  1 
ATOM   120  C CG  . LYS A 1 28  ? -8.969  8.950   -8.700  1.00 42.26 ? 29  LYS A CG  1 
ATOM   121  C CD  . LYS A 1 28  ? -8.115  10.209  -8.620  1.00 51.54 ? 29  LYS A CD  1 
ATOM   122  C CE  . LYS A 1 28  ? -8.033  10.667  -7.175  1.00 56.99 ? 29  LYS A CE  1 
ATOM   123  N NZ  . LYS A 1 28  ? -6.947  11.659  -6.955  1.00 57.56 ? 29  LYS A NZ  1 
ATOM   124  N N   . ALA A 1 29  ? -7.476  6.002   -10.120 1.00 24.50 ? 30  ALA A N   1 
ATOM   125  C CA  . ALA A 1 29  ? -6.494  5.088   -9.481  1.00 25.45 ? 30  ALA A CA  1 
ATOM   126  C C   . ALA A 1 29  ? -5.207  4.966   -10.325 1.00 22.66 ? 30  ALA A C   1 
ATOM   127  O O   . ALA A 1 29  ? -4.065  4.918   -9.767  1.00 21.38 ? 30  ALA A O   1 
ATOM   128  C CB  . ALA A 1 29  ? -7.113  3.709   -9.301  1.00 23.02 ? 30  ALA A CB  1 
ATOM   129  N N   . ASN A 1 30  ? -5.421  4.908   -11.620 1.00 25.80 ? 31  ASN A N   1 
ATOM   130  C CA  . ASN A 1 30  ? -4.313  4.879   -12.578 1.00 29.91 ? 31  ASN A CA  1 
ATOM   131  C C   . ASN A 1 30  ? -3.444  6.138   -12.539 1.00 30.19 ? 31  ASN A C   1 
ATOM   132  O O   . ASN A 1 30  ? -2.177  6.067   -12.518 1.00 29.34 ? 31  ASN A O   1 
ATOM   133  C CB  . ASN A 1 30  ? -4.773  4.554   -13.994 1.00 31.97 ? 31  ASN A CB  1 
ATOM   134  C CG  . ASN A 1 30  ? -3.594  4.252   -14.921 1.00 33.59 ? 31  ASN A CG  1 
ATOM   135  O OD1 . ASN A 1 30  ? -2.905  3.282   -14.708 1.00 34.20 ? 31  ASN A OD1 1 
ATOM   136  N ND2 . ASN A 1 30  ? -3.310  5.136   -15.859 1.00 32.30 ? 31  ASN A ND2 1 
ATOM   137  N N   . THR A 1 31  ? -4.080  7.296   -12.390 1.00 31.01 ? 32  THR A N   1 
ATOM   138  C CA  . THR A 1 31  ? -3.303  8.531   -12.144 1.00 34.35 ? 32  THR A CA  1 
ATOM   139  C C   . THR A 1 31  ? -2.472  8.505   -10.874 1.00 32.94 ? 32  THR A C   1 
ATOM   140  O O   . THR A 1 31  ? -1.281  8.898   -10.886 1.00 26.76 ? 32  THR A O   1 
ATOM   141  C CB  . THR A 1 31  ? -4.229  9.789   -12.096 1.00 35.07 ? 32  THR A CB  1 
ATOM   142  O OG1 . THR A 1 31  ? -4.742  9.917   -13.379 1.00 35.30 ? 32  THR A OG1 1 
ATOM   143  C CG2 . THR A 1 31  ? -3.457  11.053  -11.764 1.00 38.81 ? 32  THR A CG2 1 
ATOM   144  N N   . ASP A 1 32  ? -3.067  8.060   -9.769  1.00 28.81 ? 33  ASP A N   1 
ATOM   145  C CA  . ASP A 1 32  ? -2.278  7.863   -8.552  1.00 31.58 ? 33  ASP A CA  1 
ATOM   146  C C   . ASP A 1 32  ? -1.109  6.932   -8.789  1.00 28.15 ? 33  ASP A C   1 
ATOM   147  O O   . ASP A 1 32  ? -0.008  7.275   -8.393  1.00 36.10 ? 33  ASP A O   1 
ATOM   148  C CB  . ASP A 1 32  ? -3.098  7.348   -7.371  1.00 35.05 ? 33  ASP A CB  1 
ATOM   149  C CG  . ASP A 1 32  ? -4.113  8.379   -6.886  1.00 40.08 ? 33  ASP A CG  1 
ATOM   150  O OD1 . ASP A 1 32  ? -3.922  9.585   -7.148  1.00 44.06 ? 33  ASP A OD1 1 
ATOM   151  O OD2 . ASP A 1 32  ? -5.111  7.986   -6.255  1.00 50.07 ? 33  ASP A OD2 1 
ATOM   152  N N   . ARG A 1 33  ? -1.322  5.784   -9.439  1.00 24.79 ? 34  ARG A N   1 
ATOM   153  C CA  . ARG A 1 33  ? -0.210  4.872   -9.698  1.00 26.32 ? 34  ARG A CA  1 
ATOM   154  C C   . ARG A 1 33  ? 0.938   5.588   -10.394 1.00 29.51 ? 34  ARG A C   1 
ATOM   155  O O   . ARG A 1 33  ? 2.118   5.315   -10.102 1.00 27.25 ? 34  ARG A O   1 
ATOM   156  C CB  . ARG A 1 33  ? -0.619  3.668   -10.560 1.00 29.94 ? 34  ARG A CB  1 
ATOM   157  C CG  . ARG A 1 33  ? 0.568   2.771   -10.777 1.00 34.44 ? 34  ARG A CG  1 
ATOM   158  C CD  . ARG A 1 33  ? 0.261   1.534   -11.575 1.00 43.90 ? 34  ARG A CD  1 
ATOM   159  N NE  . ARG A 1 33  ? 1.212   0.416   -11.348 1.00 41.66 ? 34  ARG A NE  1 
ATOM   160  C CZ  . ARG A 1 33  ? 1.986   -0.180  -12.277 1.00 48.09 ? 34  ARG A CZ  1 
ATOM   161  N NH1 . ARG A 1 33  ? 2.061   0.295   -13.527 1.00 50.84 ? 34  ARG A NH1 1 
ATOM   162  N NH2 . ARG A 1 33  ? 2.697   -1.289  -11.962 1.00 33.83 ? 34  ARG A NH2 1 
ATOM   163  N N   . LYS A 1 34  ? 0.621   6.484   -11.328 1.00 26.98 ? 35  LYS A N   1 
ATOM   164  C CA  . LYS A 1 34  ? 1.680   7.207   -12.086 1.00 29.94 ? 35  LYS A CA  1 
ATOM   165  C C   . LYS A 1 34  ? 2.498   8.139   -11.164 1.00 27.95 ? 35  LYS A C   1 
ATOM   166  O O   . LYS A 1 34  ? 3.719   8.284   -11.301 1.00 28.34 ? 35  LYS A O   1 
ATOM   167  C CB  . LYS A 1 34  ? 1.097   7.980   -13.289 1.00 31.16 ? 35  LYS A CB  1 
ATOM   168  C CG  . LYS A 1 34  ? 0.703   7.069   -14.424 1.00 37.66 ? 35  LYS A CG  1 
ATOM   169  C CD  . LYS A 1 34  ? -0.202  7.779   -15.425 1.00 48.44 ? 35  LYS A CD  1 
ATOM   170  C CE  . LYS A 1 34  ? 0.212   7.521   -16.873 1.00 49.84 ? 35  LYS A CE  1 
ATOM   171  N NZ  . LYS A 1 34  ? -0.967  7.173   -17.703 1.00 55.54 ? 35  LYS A NZ  1 
ATOM   172  N N   . LYS A 1 35  ? 1.824   8.710   -10.187 1.00 26.20 ? 36  LYS A N   1 
ATOM   173  C CA  . LYS A 1 35  ? 2.451   9.433   -9.110  1.00 27.81 ? 36  LYS A CA  1 
ATOM   174  C C   . LYS A 1 35  ? 3.572   8.682   -8.367  1.00 29.19 ? 36  LYS A C   1 
ATOM   175  O O   . LYS A 1 35  ? 4.669   9.187   -8.102  1.00 26.39 ? 36  LYS A O   1 
ATOM   176  C CB  . LYS A 1 35  ? 1.386   9.866   -8.133  1.00 33.94 ? 36  LYS A CB  1 
ATOM   177  C CG  . LYS A 1 35  ? 1.583   11.247  -7.536  1.00 44.52 ? 36  LYS A CG  1 
ATOM   178  C CD  . LYS A 1 35  ? 0.301   11.685  -6.784  1.00 53.66 ? 36  LYS A CD  1 
ATOM   179  C CE  . LYS A 1 35  ? -0.012  10.800  -5.575  1.00 54.63 ? 36  LYS A CE  1 
ATOM   180  N NZ  . LYS A 1 35  ? -1.055  11.402  -4.682  1.00 63.96 ? 36  LYS A NZ  1 
ATOM   181  N N   . TYR A 1 36  ? 3.270   7.472   -7.999  1.00 26.39 ? 37  TYR A N   1 
ATOM   182  C CA  . TYR A 1 36  ? 4.244   6.611   -7.364  1.00 25.89 ? 37  TYR A CA  1 
ATOM   183  C C   . TYR A 1 36  ? 5.405   6.231   -8.257  1.00 24.28 ? 37  TYR A C   1 
ATOM   184  O O   . TYR A 1 36  ? 6.488   6.119   -7.733  1.00 22.70 ? 37  TYR A O   1 
ATOM   185  C CB  . TYR A 1 36  ? 3.531   5.367   -6.848  1.00 29.09 ? 37  TYR A CB  1 
ATOM   186  C CG  . TYR A 1 36  ? 2.282   5.718   -6.075  1.00 27.10 ? 37  TYR A CG  1 
ATOM   187  C CD1 . TYR A 1 36  ? 2.217   6.887   -5.314  1.00 31.40 ? 37  TYR A CD1 1 
ATOM   188  C CD2 . TYR A 1 36  ? 1.147   4.890   -6.141  1.00 28.65 ? 37  TYR A CD2 1 
ATOM   189  C CE1 . TYR A 1 36  ? 1.031   7.223   -4.648  1.00 34.17 ? 37  TYR A CE1 1 
ATOM   190  C CE2 . TYR A 1 36  ? -0.006  5.175   -5.430  1.00 28.77 ? 37  TYR A CE2 1 
ATOM   191  C CZ  . TYR A 1 36  ? -0.091  6.358   -4.744  1.00 33.92 ? 37  TYR A CZ  1 
ATOM   192  O OH  . TYR A 1 36  ? -1.240  6.636   -4.066  1.00 35.70 ? 37  TYR A OH  1 
ATOM   193  N N   . GLU A 1 37  ? 5.163   6.026   -9.567  1.00 23.80 ? 38  GLU A N   1 
ATOM   194  C CA  . GLU A 1 37  ? 6.241   5.741   -10.559 1.00 26.18 ? 38  GLU A CA  1 
ATOM   195  C C   . GLU A 1 37  ? 7.129   6.938   -10.622 1.00 28.19 ? 38  GLU A C   1 
ATOM   196  O O   . GLU A 1 37  ? 8.321   6.803   -10.671 1.00 23.37 ? 38  GLU A O   1 
ATOM   197  C CB  . GLU A 1 37  ? 5.730   5.414   -11.960 1.00 26.54 ? 38  GLU A CB  1 
ATOM   198  C CG  . GLU A 1 37  ? 5.059   4.062   -12.091 1.00 34.12 ? 38  GLU A CG  1 
ATOM   199  C CD  . GLU A 1 37  ? 4.130   4.016   -13.299 1.00 40.76 ? 38  GLU A CD  1 
ATOM   200  O OE1 . GLU A 1 37  ? 4.274   4.860   -14.170 1.00 44.43 ? 38  GLU A OE1 1 
ATOM   201  O OE2 . GLU A 1 37  ? 3.257   3.154   -13.394 1.00 47.83 ? 38  GLU A OE2 1 
ATOM   202  N N   . LYS A 1 38  ? 6.533   8.122   -10.567 1.00 27.78 ? 39  LYS A N   1 
ATOM   203  C CA  . LYS A 1 38  ? 7.284   9.369   -10.578 1.00 28.40 ? 39  LYS A CA  1 
ATOM   204  C C   . LYS A 1 38  ? 8.111   9.534   -9.307  1.00 30.36 ? 39  LYS A C   1 
ATOM   205  O O   . LYS A 1 38  ? 9.256   9.961   -9.412  1.00 31.49 ? 39  LYS A O   1 
ATOM   206  C CB  . LYS A 1 38  ? 6.346   10.572  -10.874 1.00 33.50 ? 39  LYS A CB  1 
ATOM   207  C CG  . LYS A 1 38  ? 6.999   11.934  -10.677 1.00 43.26 ? 39  LYS A CG  1 
ATOM   208  C CD  . LYS A 1 38  ? 6.193   13.061  -11.334 1.00 50.89 ? 39  LYS A CD  1 
ATOM   209  C CE  . LYS A 1 38  ? 7.039   14.328  -11.482 1.00 50.42 ? 39  LYS A CE  1 
ATOM   210  N NZ  . LYS A 1 38  ? 6.232   15.516  -11.850 1.00 54.36 ? 39  LYS A NZ  1 
ATOM   211  N N   . LYS A 1 39  ? 7.601   9.149   -8.121  1.00 27.04 ? 40  LYS A N   1 
ATOM   212  C CA  . LYS A 1 39  ? 8.381   9.239   -6.927  1.00 25.12 ? 40  LYS A CA  1 
ATOM   213  C C   . LYS A 1 39  ? 9.590   8.266   -6.987  1.00 25.58 ? 40  LYS A C   1 
ATOM   214  O O   . LYS A 1 39  ? 10.653  8.561   -6.385  1.00 24.49 ? 40  LYS A O   1 
ATOM   215  C CB  . LYS A 1 39  ? 7.599   8.927   -5.629  1.00 30.89 ? 40  LYS A CB  1 
ATOM   216  C CG  . LYS A 1 39  ? 6.489   9.901   -5.257  1.00 35.18 ? 40  LYS A CG  1 
ATOM   217  C CD  . LYS A 1 39  ? 7.069   11.265  -4.987  1.00 40.21 ? 40  LYS A CD  1 
ATOM   218  C CE  . LYS A 1 39  ? 6.102   12.192  -4.241  1.00 45.75 ? 40  LYS A CE  1 
ATOM   219  N NZ  . LYS A 1 39  ? 6.259   13.481  -4.922  1.00 49.26 ? 40  LYS A NZ  1 
ATOM   220  N N   . LEU A 1 40  ? 9.408   7.103   -7.610  1.00 21.37 ? 41  LEU A N   1 
ATOM   221  C CA  . LEU A 1 40  ? 10.563  6.208   -7.830  1.00 22.70 ? 41  LEU A CA  1 
ATOM   222  C C   . LEU A 1 40  ? 11.595  6.802   -8.860  1.00 24.19 ? 41  LEU A C   1 
ATOM   223  O O   . LEU A 1 40  ? 12.836  6.834   -8.627  1.00 26.01 ? 41  LEU A O   1 
ATOM   224  C CB  . LEU A 1 40  ? 10.101  4.836   -8.247  1.00 21.56 ? 41  LEU A CB  1 
ATOM   225  C CG  . LEU A 1 40  ? 11.240  3.862   -8.728  1.00 23.03 ? 41  LEU A CG  1 
ATOM   226  C CD1 . LEU A 1 40  ? 12.047  3.382   -7.545  1.00 24.75 ? 41  LEU A CD1 1 
ATOM   227  C CD2 . LEU A 1 40  ? 10.588  2.769   -9.503  1.00 24.36 ? 41  LEU A CD2 1 
ATOM   228  N N   . LYS A 1 41  ? 11.089  7.315   -9.960  1.00 25.50 ? 42  LYS A N   1 
ATOM   229  C CA  . LYS A 1 41  ? 11.955  7.924   -10.955 1.00 26.73 ? 42  LYS A CA  1 
ATOM   230  C C   . LYS A 1 41  ? 12.766  9.067   -10.408 1.00 26.77 ? 42  LYS A C   1 
ATOM   231  O O   . LYS A 1 41  ? 13.927  9.263   -10.834 1.00 27.87 ? 42  LYS A O   1 
ATOM   232  C CB  . LYS A 1 41  ? 11.146  8.314   -12.216 1.00 31.69 ? 42  LYS A CB  1 
ATOM   233  C CG  . LYS A 1 41  ? 10.838  7.088   -13.068 1.00 34.51 ? 42  LYS A CG  1 
ATOM   234  C CD  . LYS A 1 41  ? 9.666   7.261   -14.027 1.00 42.68 ? 42  LYS A CD  1 
ATOM   235  C CE  . LYS A 1 41  ? 9.955   8.250   -15.108 1.00 44.57 ? 42  LYS A CE  1 
ATOM   236  N NZ  . LYS A 1 41  ? 8.937   8.034   -16.163 1.00 50.05 ? 42  LYS A NZ  1 
ATOM   237  N N   . GLU A 1 42  ? 12.206  9.828   -9.458  1.00 24.70 ? 43  GLU A N   1 
ATOM   238  C CA  . GLU A 1 42  ? 12.931  10.958  -8.855  1.00 25.93 ? 43  GLU A CA  1 
ATOM   239  C C   . GLU A 1 42  ? 13.446  10.659  -7.524  1.00 23.61 ? 43  GLU A C   1 
ATOM   240  O O   . GLU A 1 42  ? 13.809  11.583  -6.803  1.00 22.43 ? 43  GLU A O   1 
ATOM   241  C CB  . GLU A 1 42  ? 12.024  12.225  -8.737  1.00 31.56 ? 43  GLU A CB  1 
ATOM   242  C CG  . GLU A 1 42  ? 11.402  12.536  -10.070 1.00 37.64 ? 43  GLU A CG  1 
ATOM   243  C CD  . GLU A 1 42  ? 10.455  13.760  -10.086 1.00 48.25 ? 43  GLU A CD  1 
ATOM   244  O OE1 . GLU A 1 42  ? 10.099  14.287  -8.999  1.00 49.07 ? 43  GLU A OE1 1 
ATOM   245  O OE2 . GLU A 1 42  ? 10.078  14.157  -11.213 1.00 50.82 ? 43  GLU A OE2 1 
ATOM   246  N N   . GLU A 1 43  ? 13.544  9.389   -7.142  1.00 25.43 ? 44  GLU A N   1 
ATOM   247  C CA  . GLU A 1 43  ? 13.977  9.099   -5.779  1.00 26.43 ? 44  GLU A CA  1 
ATOM   248  C C   . GLU A 1 43  ? 15.407  9.615   -5.477  1.00 27.85 ? 44  GLU A C   1 
ATOM   249  O O   . GLU A 1 43  ? 16.345  9.391   -6.231  1.00 24.62 ? 44  GLU A O   1 
ATOM   250  C CB  . GLU A 1 43  ? 13.786  7.626   -5.375  1.00 28.55 ? 44  GLU A CB  1 
ATOM   251  C CG  . GLU A 1 43  ? 14.932  6.753   -5.642  1.00 33.64 ? 44  GLU A CG  1 
ATOM   252  C CD  . GLU A 1 43  ? 14.694  5.315   -5.252  1.00 30.93 ? 44  GLU A CD  1 
ATOM   253  O OE1 . GLU A 1 43  ? 13.730  4.929   -4.531  1.00 27.77 ? 44  GLU A OE1 1 
ATOM   254  O OE2 . GLU A 1 43  ? 15.463  4.572   -5.813  1.00 32.84 ? 44  GLU A OE2 1 
ATOM   255  N N   . PRO A 1 44  ? 15.563  10.271  -4.341  1.00 25.41 ? 45  PRO A N   1 
ATOM   256  C CA  . PRO A 1 44  ? 16.890  10.671  -3.996  1.00 25.37 ? 45  PRO A CA  1 
ATOM   257  C C   . PRO A 1 44  ? 17.700  9.445   -3.651  1.00 28.01 ? 45  PRO A C   1 
ATOM   258  O O   . PRO A 1 44  ? 17.155  8.348   -3.446  1.00 24.87 ? 45  PRO A O   1 
ATOM   259  C CB  . PRO A 1 44  ? 16.707  11.535  -2.733  1.00 28.00 ? 45  PRO A CB  1 
ATOM   260  C CG  . PRO A 1 44  ? 15.265  11.681  -2.520  1.00 27.64 ? 45  PRO A CG  1 
ATOM   261  C CD  . PRO A 1 44  ? 14.572  10.594  -3.295  1.00 25.78 ? 45  PRO A CD  1 
ATOM   262  N N   . GLU A 1 45  ? 19.009  9.637   -3.582  1.00 27.23 ? 46  GLU A N   1 
ATOM   263  C CA  . GLU A 1 45  ? 19.944  8.562   -3.300  1.00 26.70 ? 46  GLU A CA  1 
ATOM   264  C C   . GLU A 1 45  ? 19.678  8.052   -1.907  1.00 27.09 ? 46  GLU A C   1 
ATOM   265  O O   . GLU A 1 45  ? 19.899  6.894   -1.643  1.00 27.27 ? 46  GLU A O   1 
ATOM   266  C CB  . GLU A 1 45  ? 21.370  9.111   -3.337  1.00 31.49 ? 46  GLU A CB  1 
ATOM   267  C CG  . GLU A 1 45  ? 21.813  9.479   -4.736  1.00 34.85 ? 46  GLU A CG  1 
ATOM   268  C CD  . GLU A 1 45  ? 23.316  9.717   -4.807  1.00 41.30 ? 46  GLU A CD  1 
ATOM   269  O OE1 . GLU A 1 45  ? 23.825  10.307  -3.848  1.00 39.18 ? 46  GLU A OE1 1 
ATOM   270  O OE2 . GLU A 1 45  ? 23.960  9.296   -5.799  1.00 38.57 ? 46  GLU A OE2 1 
ATOM   271  N N   . ASP A 1 46  ? 19.182  8.892   -0.997  1.00 27.11 ? 47  ASP A N   1 
ATOM   272  C CA  . ASP A 1 46  ? 18.896  8.363   0.336   1.00 28.88 ? 47  ASP A CA  1 
ATOM   273  C C   . ASP A 1 46  ? 17.535  7.683   0.430   1.00 27.04 ? 47  ASP A C   1 
ATOM   274  O O   . ASP A 1 46  ? 17.106  7.321   1.549   1.00 25.09 ? 47  ASP A O   1 
ATOM   275  C CB  . ASP A 1 46  ? 19.020  9.429   1.413   1.00 30.17 ? 47  ASP A CB  1 
ATOM   276  C CG  . ASP A 1 46  ? 17.982  10.469  1.337   1.00 34.99 ? 47  ASP A CG  1 
ATOM   277  O OD1 . ASP A 1 46  ? 17.149  10.527  0.428   1.00 31.90 ? 47  ASP A OD1 1 
ATOM   278  O OD2 . ASP A 1 46  ? 18.028  11.290  2.246   1.00 48.02 ? 47  ASP A OD2 1 
ATOM   279  N N   . GLN A 1 47  ? 16.825  7.632   -0.710  1.00 24.90 ? 48  GLN A N   1 
ATOM   280  C CA  . GLN A 1 47  ? 15.524  6.971   -0.784  1.00 26.20 ? 48  GLN A CA  1 
ATOM   281  C C   . GLN A 1 47  ? 14.543  7.551   0.252   1.00 26.59 ? 48  GLN A C   1 
ATOM   282  O O   . GLN A 1 47  ? 13.895  6.791   0.994   1.00 23.77 ? 48  GLN A O   1 
ATOM   283  C CB  . GLN A 1 47  ? 15.743  5.463   -0.635  1.00 26.08 ? 48  GLN A CB  1 
ATOM   284  C CG  . GLN A 1 47  ? 16.576  4.943   -1.817  1.00 22.43 ? 48  GLN A CG  1 
ATOM   285  C CD  . GLN A 1 47  ? 16.994  3.503   -1.711  1.00 21.25 ? 48  GLN A CD  1 
ATOM   286  O OE1 . GLN A 1 47  ? 16.937  2.866   -0.645  1.00 23.25 ? 48  GLN A OE1 1 
ATOM   287  N NE2 . GLN A 1 47  ? 17.416  2.956   -2.835  1.00 20.96 ? 48  GLN A NE2 1 
ATOM   288  N N   . TYR A 1 48  ? 14.556  8.897   0.356   1.00 25.83 ? 49  TYR A N   1 
ATOM   289  C CA  . TYR A 1 48  ? 13.644  9.684   1.227   1.00 26.24 ? 49  TYR A CA  1 
ATOM   290  C C   . TYR A 1 48  ? 13.837  9.400   2.706   1.00 26.71 ? 49  TYR A C   1 
ATOM   291  O O   . TYR A 1 48  ? 12.902  9.616   3.475   1.00 33.08 ? 49  TYR A O   1 
ATOM   292  C CB  . TYR A 1 48  ? 12.134  9.483   0.831   1.00 23.49 ? 49  TYR A CB  1 
ATOM   293  C CG  . TYR A 1 48  ? 11.792  9.752   -0.641  1.00 23.19 ? 49  TYR A CG  1 
ATOM   294  C CD1 . TYR A 1 48  ? 11.680  11.080  -1.136  1.00 24.66 ? 49  TYR A CD1 1 
ATOM   295  C CD2 . TYR A 1 48  ? 11.574  8.720   -1.551  1.00 22.30 ? 49  TYR A CD2 1 
ATOM   296  C CE1 . TYR A 1 48  ? 11.388  11.337  -2.433  1.00 22.64 ? 49  TYR A CE1 1 
ATOM   297  C CE2 . TYR A 1 48  ? 11.291  8.980   -2.889  1.00 23.39 ? 49  TYR A CE2 1 
ATOM   298  C CZ  . TYR A 1 48  ? 11.166  10.300  -3.317  1.00 24.27 ? 49  TYR A CZ  1 
ATOM   299  O OH  . TYR A 1 48  ? 10.887  10.590  -4.635  1.00 26.68 ? 49  TYR A OH  1 
ATOM   300  N N   . GLY A 1 49  ? 15.051  8.956   3.062   1.00 24.34 ? 50  GLY A N   1 
ATOM   301  C CA  . GLY A 1 49  ? 15.524  8.609   4.364   1.00 27.11 ? 50  GLY A CA  1 
ATOM   302  C C   . GLY A 1 49  ? 14.890  7.309   4.912   1.00 30.79 ? 50  GLY A C   1 
ATOM   303  O O   . GLY A 1 49  ? 14.852  7.095   6.140   1.00 26.21 ? 50  GLY A O   1 
ATOM   304  N N   . ILE A 1 50  ? 14.369  6.471   4.015   1.00 27.58 ? 51  ILE A N   1 
ATOM   305  C CA  . ILE A 1 50  ? 13.739  5.200   4.411   1.00 24.88 ? 51  ILE A CA  1 
ATOM   306  C C   . ILE A 1 50  ? 14.801  4.159   4.565   1.00 25.72 ? 51  ILE A C   1 
ATOM   307  O O   . ILE A 1 50  ? 15.083  3.345   3.654   1.00 23.16 ? 51  ILE A O   1 
ATOM   308  C CB  . ILE A 1 50  ? 12.635  4.752   3.423   1.00 23.23 ? 51  ILE A CB  1 
ATOM   309  C CG1 . ILE A 1 50  ? 11.530  5.814   3.420   1.00 25.55 ? 51  ILE A CG1 1 
ATOM   310  C CG2 . ILE A 1 50  ? 12.022  3.439   3.882   1.00 25.57 ? 51  ILE A CG2 1 
ATOM   311  C CD1 . ILE A 1 50  ? 10.529  5.702   2.256   1.00 27.37 ? 51  ILE A CD1 1 
ATOM   312  N N   . LEU A 1 51  ? 15.445  4.204   5.712   1.00 27.95 ? 52  LEU A N   1 
ATOM   313  C CA  . LEU A 1 51  ? 16.587  3.325   5.954   1.00 28.11 ? 52  LEU A CA  1 
ATOM   314  C C   . LEU A 1 51  ? 16.109  1.876   6.095   1.00 26.39 ? 52  LEU A C   1 
ATOM   315  O O   . LEU A 1 51  ? 16.915  0.937   5.930   1.00 25.94 ? 52  LEU A O   1 
ATOM   316  C CB  . LEU A 1 51  ? 17.352  3.733   7.207   1.00 32.23 ? 52  LEU A CB  1 
ATOM   317  C CG  . LEU A 1 51  ? 18.323  4.947   7.210   1.00 36.40 ? 52  LEU A CG  1 
ATOM   318  C CD1 . LEU A 1 51  ? 19.026  5.010   8.582   1.00 36.34 ? 52  LEU A CD1 1 
ATOM   319  C CD2 . LEU A 1 51  ? 19.396  4.902   6.135   1.00 34.23 ? 52  LEU A CD2 1 
ATOM   320  N N   . ALA A 1 52  ? 14.806  1.708   6.382   1.00 22.90 ? 53  ALA A N   1 
ATOM   321  C CA  . ALA A 1 52  ? 14.173  0.397   6.477   1.00 23.97 ? 53  ALA A CA  1 
ATOM   322  C C   . ALA A 1 52  ? 14.409  -0.492  5.274   1.00 23.57 ? 53  ALA A C   1 
ATOM   323  O O   . ALA A 1 52  ? 14.514  -1.767  5.407   1.00 26.25 ? 53  ALA A O   1 
ATOM   324  C CB  . ALA A 1 52  ? 12.699  0.587   6.759   1.00 23.25 ? 53  ALA A CB  1 
ATOM   325  N N   . PHE A 1 53  ? 14.516  0.137   4.090   1.00 22.81 ? 54  PHE A N   1 
ATOM   326  C CA  . PHE A 1 53  ? 14.798  -0.614  2.865   1.00 22.92 ? 54  PHE A CA  1 
ATOM   327  C C   . PHE A 1 53  ? 16.062  -1.472  2.975   1.00 25.04 ? 54  PHE A C   1 
ATOM   328  O O   . PHE A 1 53  ? 16.124  -2.589  2.435   1.00 26.39 ? 54  PHE A O   1 
ATOM   329  C CB  . PHE A 1 53  ? 14.896  0.321   1.657   1.00 22.67 ? 54  PHE A CB  1 
ATOM   330  C CG  . PHE A 1 53  ? 13.595  0.977   1.274   1.00 21.01 ? 54  PHE A CG  1 
ATOM   331  C CD1 . PHE A 1 53  ? 12.371  0.298   1.390   1.00 20.99 ? 54  PHE A CD1 1 
ATOM   332  C CD2 . PHE A 1 53  ? 13.612  2.240   0.718   1.00 20.65 ? 54  PHE A CD2 1 
ATOM   333  C CE1 . PHE A 1 53  ? 11.181  0.900   1.008   1.00 20.51 ? 54  PHE A CE1 1 
ATOM   334  C CE2 . PHE A 1 53  ? 12.434  2.853   0.302   1.00 20.99 ? 54  PHE A CE2 1 
ATOM   335  C CZ  . PHE A 1 53  ? 11.218  2.189   0.447   1.00 20.27 ? 54  PHE A CZ  1 
ATOM   336  N N   . LYS A 1 54  ? 17.058  -0.949  3.671   1.00 25.89 ? 55  LYS A N   1 
ATOM   337  C CA  . LYS A 1 54  ? 18.358  -1.649  3.781   1.00 26.83 ? 55  LYS A CA  1 
ATOM   338  C C   . LYS A 1 54  ? 18.255  -2.860  4.689   1.00 26.95 ? 55  LYS A C   1 
ATOM   339  O O   . LYS A 1 54  ? 19.104  -3.709  4.623   1.00 28.48 ? 55  LYS A O   1 
ATOM   340  C CB  . LYS A 1 54  ? 19.458  -0.726  4.311   1.00 28.25 ? 55  LYS A CB  1 
ATOM   341  C CG  . LYS A 1 54  ? 19.840  0.334   3.333   1.00 33.00 ? 55  LYS A CG  1 
ATOM   342  C CD  . LYS A 1 54  ? 20.801  1.321   3.949   1.00 39.47 ? 55  LYS A CD  1 
ATOM   343  C CE  . LYS A 1 54  ? 21.030  2.506   3.020   1.00 46.42 ? 55  LYS A CE  1 
ATOM   344  N NZ  . LYS A 1 54  ? 22.123  3.374   3.555   1.00 56.81 ? 55  LYS A NZ  1 
ATOM   345  N N   . SER A 1 55  ? 17.199  -2.988  5.474   1.00 26.14 ? 56  SER A N   1 
ATOM   346  C CA  . SER A 1 55  ? 17.083  -4.130  6.332   1.00 30.92 ? 56  SER A CA  1 
ATOM   347  C C   . SER A 1 55  ? 16.053  -5.165  5.841   1.00 33.23 ? 56  SER A C   1 
ATOM   348  O O   . SER A 1 55  ? 15.676  -6.089  6.551   1.00 34.19 ? 56  SER A O   1 
ATOM   349  C CB  . SER A 1 55  ? 16.841  -3.643  7.776   1.00 34.21 ? 56  SER A CB  1 
ATOM   350  O OG  . SER A 1 55  ? 15.501  -3.818  8.036   1.00 44.13 ? 56  SER A OG  1 
ATOM   351  N N   . LEU A 1 56  ? 15.614  -5.004  4.600   1.00 29.58 ? 57  LEU A N   1 
ATOM   352  C CA  . LEU A 1 56  ? 14.718  -5.942  3.941   1.00 25.87 ? 57  LEU A CA  1 
ATOM   353  C C   . LEU A 1 56  ? 15.559  -6.650  2.867   1.00 23.26 ? 57  LEU A C   1 
ATOM   354  O O   . LEU A 1 56  ? 15.940  -6.065  1.848   1.00 25.17 ? 57  LEU A O   1 
ATOM   355  C CB  . LEU A 1 56  ? 13.572  -5.169  3.302   1.00 24.90 ? 57  LEU A CB  1 
ATOM   356  C CG  . LEU A 1 56  ? 12.496  -4.569  4.272   1.00 23.01 ? 57  LEU A CG  1 
ATOM   357  C CD1 . LEU A 1 56  ? 11.650  -3.550  3.510   1.00 23.58 ? 57  LEU A CD1 1 
ATOM   358  C CD2 . LEU A 1 56  ? 11.621  -5.677  4.839   1.00 25.03 ? 57  LEU A CD2 1 
ATOM   359  N N   . ARG A 1 57  ? 15.870  -7.907  3.095   1.00 26.35 ? 58  ARG A N   1 
ATOM   360  C CA  . ARG A 1 57  ? 16.747  -8.635  2.177   1.00 26.39 ? 58  ARG A CA  1 
ATOM   361  C C   . ARG A 1 57  ? 15.908  -9.783  1.611   1.00 26.65 ? 58  ARG A C   1 
ATOM   362  O O   . ARG A 1 57  ? 15.313  -10.615 2.354   1.00 24.42 ? 58  ARG A O   1 
ATOM   363  C CB  . ARG A 1 57  ? 18.043  -9.098  2.926   1.00 27.75 ? 58  ARG A CB  1 
ATOM   364  C CG  . ARG A 1 57  ? 18.949  -9.915  1.999   1.00 30.79 ? 58  ARG A CG  1 
ATOM   365  C CD  . ARG A 1 57  ? 20.278  -10.340 2.640   1.00 27.12 ? 58  ARG A CD  1 
ATOM   366  N NE  . ARG A 1 57  ? 20.981  -9.162  3.111   1.00 27.13 ? 58  ARG A NE  1 
ATOM   367  C CZ  . ARG A 1 57  ? 21.622  -8.287  2.352   1.00 26.29 ? 58  ARG A CZ  1 
ATOM   368  N NH1 . ARG A 1 57  ? 21.724  -8.427  1.015   1.00 27.38 ? 58  ARG A NH1 1 
ATOM   369  N NH2 . ARG A 1 57  ? 22.203  -7.281  2.953   1.00 25.64 ? 58  ARG A NH2 1 
ATOM   370  N N   . TRP A 1 58  ? 15.842  -9.856  0.289   1.00 24.22 ? 59  TRP A N   1 
ATOM   371  C CA  . TRP A 1 58  ? 15.119  -10.964 -0.361  1.00 24.28 ? 59  TRP A CA  1 
ATOM   372  C C   . TRP A 1 58  ? 15.701  -12.317 -0.032  1.00 30.91 ? 59  TRP A C   1 
ATOM   373  O O   . TRP A 1 58  ? 16.923  -12.450 -0.011  1.00 23.84 ? 59  TRP A O   1 
ATOM   374  C CB  . TRP A 1 58  ? 15.195  -10.836 -1.837  1.00 23.20 ? 59  TRP A CB  1 
ATOM   375  C CG  . TRP A 1 58  ? 14.476  -9.601  -2.410  1.00 22.90 ? 59  TRP A CG  1 
ATOM   376  C CD1 . TRP A 1 58  ? 15.000  -8.383  -2.586  1.00 23.42 ? 59  TRP A CD1 1 
ATOM   377  C CD2 . TRP A 1 58  ? 13.115  -9.522  -2.832  1.00 24.19 ? 59  TRP A CD2 1 
ATOM   378  N NE1 . TRP A 1 58  ? 14.083  -7.519  -3.151  1.00 22.20 ? 59  TRP A NE1 1 
ATOM   379  C CE2 . TRP A 1 58  ? 12.893  -8.181  -3.280  1.00 22.12 ? 59  TRP A CE2 1 
ATOM   380  C CE3 . TRP A 1 58  ? 12.045  -10.435 -2.843  1.00 26.29 ? 59  TRP A CE3 1 
ATOM   381  C CZ2 . TRP A 1 58  ? 11.668  -7.743  -3.810  1.00 22.65 ? 59  TRP A CZ2 1 
ATOM   382  C CZ3 . TRP A 1 58  ? 10.811  -9.981  -3.360  1.00 24.36 ? 59  TRP A CZ3 1 
ATOM   383  C CH2 . TRP A 1 58  ? 10.646  -8.633  -3.832  1.00 23.59 ? 59  TRP A CH2 1 
ATOM   384  N N   . HIS A 1 59  ? 14.867  -13.338 0.179   1.00 33.96 ? 60  HIS A N   1 
ATOM   385  C CA  . HIS A 1 59  ? 15.440  -14.653 0.479   1.00 39.90 ? 60  HIS A CA  1 
ATOM   386  C C   . HIS A 1 59  ? 15.971  -15.432 -0.754  1.00 37.72 ? 60  HIS A C   1 
ATOM   387  O O   . HIS A 1 59  ? 16.988  -16.121 -0.665  1.00 33.89 ? 60  HIS A O   1 
ATOM   388  C CB  . HIS A 1 59  ? 14.513  -15.513 1.339   1.00 51.58 ? 60  HIS A CB  1 
ATOM   389  C CG  . HIS A 1 59  ? 15.221  -16.688 1.939   1.00 58.32 ? 60  HIS A CG  1 
ATOM   390  N ND1 . HIS A 1 59  ? 15.159  -17.954 1.395   1.00 62.63 ? 60  HIS A ND1 1 
ATOM   391  C CD2 . HIS A 1 59  ? 16.077  -16.770 2.986   1.00 64.90 ? 60  HIS A CD2 1 
ATOM   392  C CE1 . HIS A 1 59  ? 15.905  -18.775 2.112   1.00 66.55 ? 60  HIS A CE1 1 
ATOM   393  N NE2 . HIS A 1 59  ? 16.488  -18.079 3.071   1.00 65.09 ? 60  HIS A NE2 1 
ATOM   394  N N   . GLU A 1 60  ? 15.364  -15.231 -1.915  1.00 32.17 ? 61  GLU A N   1 
ATOM   395  C CA  . GLU A 1 60  ? 15.775  -15.861 -3.147  1.00 35.23 ? 61  GLU A CA  1 
ATOM   396  C C   . GLU A 1 60  ? 16.957  -15.117 -3.746  1.00 34.56 ? 61  GLU A C   1 
ATOM   397  O O   . GLU A 1 60  ? 17.091  -13.863 -3.575  1.00 31.01 ? 61  GLU A O   1 
ATOM   398  C CB  . GLU A 1 60  ? 14.618  -15.882 -4.159  1.00 41.41 ? 61  GLU A CB  1 
ATOM   399  C CG  . GLU A 1 60  ? 13.255  -16.209 -3.545  1.00 49.02 ? 61  GLU A CG  1 
ATOM   400  C CD  . GLU A 1 60  ? 12.662  -15.067 -2.684  1.00 60.99 ? 61  GLU A CD  1 
ATOM   401  O OE1 . GLU A 1 60  ? 13.001  -13.871 -2.868  1.00 58.30 ? 61  GLU A OE1 1 
ATOM   402  O OE2 . GLU A 1 60  ? 11.872  -15.370 -1.765  1.00 74.89 ? 61  GLU A OE2 1 
ATOM   403  N N   . GLU A 1 61  ? 17.807  -15.872 -4.447  1.00 28.13 ? 62  GLU A N   1 
ATOM   404  C CA  . GLU A 1 61  ? 18.966  -15.334 -5.144  1.00 30.82 ? 62  GLU A CA  1 
ATOM   405  C C   . GLU A 1 61  ? 18.550  -14.175 -6.075  1.00 29.28 ? 62  GLU A C   1 
ATOM   406  O O   . GLU A 1 61  ? 17.510  -14.260 -6.672  1.00 32.00 ? 62  GLU A O   1 
ATOM   407  C CB  . GLU A 1 61  ? 19.694  -16.437 -5.957  1.00 33.44 ? 62  GLU A CB  1 
ATOM   408  C CG  . GLU A 1 61  ? 20.353  -17.515 -5.095  1.00 34.19 ? 62  GLU A CG  1 
ATOM   409  C CD  . GLU A 1 61  ? 21.441  -16.991 -4.146  1.00 34.36 ? 62  GLU A CD  1 
ATOM   410  O OE1 . GLU A 1 61  ? 22.026  -15.948 -4.457  1.00 30.51 ? 62  GLU A OE1 1 
ATOM   411  O OE2 . GLU A 1 61  ? 21.692  -17.609 -3.082  1.00 33.73 ? 62  GLU A OE2 1 
ATOM   412  N N   . PRO A 1 62  ? 19.368  -13.114 -6.226  1.00 30.05 ? 63  PRO A N   1 
ATOM   413  C CA  . PRO A 1 62  ? 20.684  -12.956 -5.685  1.00 26.55 ? 63  PRO A CA  1 
ATOM   414  C C   . PRO A 1 62  ? 20.702  -12.385 -4.240  1.00 23.62 ? 63  PRO A C   1 
ATOM   415  O O   . PRO A 1 62  ? 21.757  -11.977 -3.782  1.00 23.69 ? 63  PRO A O   1 
ATOM   416  C CB  . PRO A 1 62  ? 21.338  -11.995 -6.693  1.00 28.73 ? 63  PRO A CB  1 
ATOM   417  C CG  . PRO A 1 62  ? 20.212  -11.023 -7.056  1.00 27.63 ? 63  PRO A CG  1 
ATOM   418  C CD  . PRO A 1 62  ? 18.974  -11.932 -7.062  1.00 29.78 ? 63  PRO A CD  1 
ATOM   419  N N   . ARG A 1 63  ? 19.576  -12.400 -3.517  1.00 23.85 ? 64  ARG A N   1 
ATOM   420  C CA  . ARG A 1 63  ? 19.553  -12.048 -2.106  1.00 24.51 ? 64  ARG A CA  1 
ATOM   421  C C   . ARG A 1 63  ? 19.964  -10.581 -1.886  1.00 24.67 ? 64  ARG A C   1 
ATOM   422  O O   . ARG A 1 63  ? 20.588  -10.251 -0.887  1.00 20.01 ? 64  ARG A O   1 
ATOM   423  C CB  . ARG A 1 63  ? 20.431  -13.007 -1.227  1.00 27.67 ? 64  ARG A CB  1 
ATOM   424  C CG  . ARG A 1 63  ? 20.075  -14.476 -1.459  1.00 31.97 ? 64  ARG A CG  1 
ATOM   425  C CD  . ARG A 1 63  ? 20.274  -15.492 -0.316  1.00 34.84 ? 64  ARG A CD  1 
ATOM   426  N NE  . ARG A 1 63  ? 20.696  -14.920 0.967   1.00 47.97 ? 64  ARG A NE  1 
ATOM   427  C CZ  . ARG A 1 63  ? 19.944  -14.632 2.019   1.00 46.40 ? 64  ARG A CZ  1 
ATOM   428  N NH1 . ARG A 1 63  ? 18.649  -14.782 2.038   1.00 52.43 ? 64  ARG A NH1 1 
ATOM   429  N NH2 . ARG A 1 63  ? 20.523  -14.126 3.060   1.00 54.20 ? 64  ARG A NH2 1 
ATOM   430  N N   . GLU A 1 64  ? 19.557  -9.698  -2.797  1.00 23.83 ? 65  GLU A N   1 
ATOM   431  C CA  . GLU A 1 64  ? 19.792  -8.247  -2.637  1.00 24.36 ? 65  GLU A CA  1 
ATOM   432  C C   . GLU A 1 64  ? 18.804  -7.640  -1.600  1.00 24.70 ? 65  GLU A C   1 
ATOM   433  O O   . GLU A 1 64  ? 17.873  -8.306  -1.159  1.00 22.98 ? 65  GLU A O   1 
ATOM   434  C CB  . GLU A 1 64  ? 19.752  -7.537  -4.024  1.00 24.04 ? 65  GLU A CB  1 
ATOM   435  C CG  . GLU A 1 64  ? 18.349  -7.258  -4.605  1.00 23.99 ? 65  GLU A CG  1 
ATOM   436  C CD  . GLU A 1 64  ? 17.547  -8.444  -5.168  1.00 25.29 ? 65  GLU A CD  1 
ATOM   437  O OE1 . GLU A 1 64  ? 17.832  -9.595  -4.802  1.00 24.88 ? 65  GLU A OE1 1 
ATOM   438  O OE2 . GLU A 1 64  ? 16.575  -8.228  -5.990  1.00 21.44 ? 65  GLU A OE2 1 
ATOM   439  N N   . THR A 1 65  ? 19.036  -6.389  -1.190  1.00 21.28 ? 66  THR A N   1 
ATOM   440  C CA  . THR A 1 65  ? 18.063  -5.693  -0.329  1.00 22.51 ? 66  THR A CA  1 
ATOM   441  C C   . THR A 1 65  ? 17.068  -4.878  -1.175  1.00 20.55 ? 66  THR A C   1 
ATOM   442  O O   . THR A 1 65  ? 17.287  -4.671  -2.368  1.00 19.09 ? 66  THR A O   1 
ATOM   443  C CB  . THR A 1 65  ? 18.666  -4.721  0.690   1.00 21.25 ? 66  THR A CB  1 
ATOM   444  O OG1 . THR A 1 65  ? 19.253  -3.633  0.003   1.00 21.16 ? 66  THR A OG1 1 
ATOM   445  C CG2 . THR A 1 65  ? 19.675  -5.391  1.541   1.00 24.22 ? 66  THR A CG2 1 
ATOM   446  N N   . VAL A 1 66  ? 15.969  -4.471  -0.526  1.00 19.08 ? 67  VAL A N   1 
ATOM   447  C CA  . VAL A 1 66  ? 14.984  -3.609  -1.164  1.00 19.19 ? 67  VAL A CA  1 
ATOM   448  C C   . VAL A 1 66  ? 15.640  -2.262  -1.490  1.00 20.34 ? 67  VAL A C   1 
ATOM   449  O O   . VAL A 1 66  ? 15.184  -1.506  -2.381  1.00 19.61 ? 67  VAL A O   1 
ATOM   450  C CB  . VAL A 1 66  ? 13.736  -3.483  -0.253  1.00 20.47 ? 67  VAL A CB  1 
ATOM   451  C CG1 . VAL A 1 66  ? 12.820  -2.312  -0.663  1.00 22.15 ? 67  VAL A CG1 1 
ATOM   452  C CG2 . VAL A 1 66  ? 12.982  -4.801  -0.289  1.00 20.02 ? 67  VAL A CG2 1 
ATOM   453  N N   . SER A 1 67  ? 16.696  -1.904  -0.738  1.00 17.75 ? 68  SER A N   1 
ATOM   454  C CA  . SER A 1 67  ? 17.420  -0.688  -1.040  1.00 19.07 ? 68  SER A CA  1 
ATOM   455  C C   . SER A 1 67  ? 18.253  -0.767  -2.373  1.00 22.61 ? 68  SER A C   1 
ATOM   456  O O   . SER A 1 67  ? 18.541  0.271   -2.999  1.00 24.88 ? 68  SER A O   1 
ATOM   457  C CB  . SER A 1 67  ? 18.392  -0.318  0.120   1.00 21.41 ? 68  SER A CB  1 
ATOM   458  O OG  . SER A 1 67  ? 19.011  0.879   -0.261  1.00 27.23 ? 68  SER A OG  1 
ATOM   459  N N   . ASP A 1 68  ? 18.627  -1.971  -2.804  1.00 25.44 ? 69  ASP A N   1 
ATOM   460  C CA  . ASP A 1 68  ? 19.448  -2.170  -3.992  1.00 23.65 ? 69  ASP A CA  1 
ATOM   461  C C   . ASP A 1 68  ? 18.604  -1.952  -5.215  1.00 27.25 ? 69  ASP A C   1 
ATOM   462  O O   . ASP A 1 68  ? 17.350  -1.967  -5.149  1.00 20.56 ? 69  ASP A O   1 
ATOM   463  C CB  . ASP A 1 68  ? 20.038  -3.565  -4.048  1.00 25.65 ? 69  ASP A CB  1 
ATOM   464  C CG  . ASP A 1 68  ? 21.134  -3.782  -3.026  1.00 29.39 ? 69  ASP A CG  1 
ATOM   465  O OD1 . ASP A 1 68  ? 22.010  -2.910  -2.966  1.00 30.82 ? 69  ASP A OD1 1 
ATOM   466  O OD2 . ASP A 1 68  ? 21.091  -4.772  -2.259  1.00 24.10 ? 69  ASP A OD2 1 
ATOM   467  N N   . ASN A 1 69  ? 19.285  -1.789  -6.340  1.00 24.72 ? 70  ASN A N   1 
ATOM   468  C CA  . ASN A 1 69  ? 18.616  -1.410  -7.547  1.00 26.42 ? 70  ASN A CA  1 
ATOM   469  C C   . ASN A 1 69  ? 18.210  -2.523  -8.495  1.00 29.29 ? 70  ASN A C   1 
ATOM   470  O O   . ASN A 1 69  ? 18.221  -2.364  -9.724  1.00 31.15 ? 70  ASN A O   1 
ATOM   471  C CB  . ASN A 1 69  ? 19.379  -0.291  -8.235  1.00 29.90 ? 70  ASN A CB  1 
ATOM   472  C CG  . ASN A 1 69  ? 19.168  1.045   -7.529  1.00 32.96 ? 70  ASN A CG  1 
ATOM   473  O OD1 . ASN A 1 69  ? 18.072  1.340   -7.031  1.00 27.38 ? 70  ASN A OD1 1 
ATOM   474  N ND2 . ASN A 1 69  ? 20.193  1.863   -7.501  1.00 29.56 ? 70  ASN A ND2 1 
ATOM   475  N N   . SER A 1 70  ? 17.733  -3.637  -7.960  1.00 26.04 ? 71  SER A N   1 
ATOM   476  C CA  . SER A 1 70  ? 17.160  -4.623  -8.851  1.00 23.85 ? 71  SER A CA  1 
ATOM   477  C C   . SER A 1 70  ? 15.754  -4.160  -9.298  1.00 26.28 ? 71  SER A C   1 
ATOM   478  O O   . SER A 1 70  ? 15.197  -3.240  -8.711  1.00 22.61 ? 71  SER A O   1 
ATOM   479  C CB  . SER A 1 70  ? 17.089  -5.951  -8.128  1.00 25.19 ? 71  SER A CB  1 
ATOM   480  O OG  . SER A 1 70  ? 16.196  -5.853  -7.034  1.00 22.59 ? 71  SER A OG  1 
ATOM   481  N N   . GLU A 1 71  ? 15.157  -4.836  -10.289 1.00 26.24 ? 72  GLU A N   1 
ATOM   482  C CA  . GLU A 1 71  ? 13.820  -4.495  -10.726 1.00 29.46 ? 72  GLU A CA  1 
ATOM   483  C C   . GLU A 1 71  ? 12.794  -4.815  -9.660  1.00 27.15 ? 72  GLU A C   1 
ATOM   484  O O   . GLU A 1 71  ? 11.881  -4.041  -9.441  1.00 22.31 ? 72  GLU A O   1 
ATOM   485  C CB  . GLU A 1 71  ? 13.465  -5.198  -12.057 1.00 34.34 ? 72  GLU A CB  1 
ATOM   486  C CG  . GLU A 1 71  ? 14.338  -4.686  -13.204 1.00 39.87 ? 72  GLU A CG  1 
ATOM   487  C CD  . GLU A 1 71  ? 14.331  -3.154  -13.331 1.00 49.84 ? 72  GLU A CD  1 
ATOM   488  O OE1 . GLU A 1 71  ? 13.222  -2.574  -13.520 1.00 54.82 ? 72  GLU A OE1 1 
ATOM   489  O OE2 . GLU A 1 71  ? 15.424  -2.521  -13.256 1.00 59.22 ? 72  GLU A OE2 1 
ATOM   490  N N   . ARG A 1 72  ? 12.919  -5.950  -8.990  1.00 21.25 ? 73  ARG A N   1 
ATOM   491  C CA  . ARG A 1 72  ? 11.930  -6.256  -7.976  1.00 22.95 ? 73  ARG A CA  1 
ATOM   492  C C   . ARG A 1 72  ? 12.055  -5.312  -6.746  1.00 21.48 ? 73  ARG A C   1 
ATOM   493  O O   . ARG A 1 72  ? 11.055  -5.001  -6.096  1.00 21.20 ? 73  ARG A O   1 
ATOM   494  C CB  . ARG A 1 72  ? 11.988  -7.747  -7.579  1.00 23.01 ? 73  ARG A CB  1 
ATOM   495  C CG  . ARG A 1 72  ? 13.242  -8.206  -6.903  1.00 23.17 ? 73  ARG A CG  1 
ATOM   496  C CD  . ARG A 1 72  ? 13.153  -9.672  -6.537  1.00 24.25 ? 73  ARG A CD  1 
ATOM   497  N NE  . ARG A 1 72  ? 14.451  -10.128 -6.012  1.00 24.64 ? 73  ARG A NE  1 
ATOM   498  C CZ  . ARG A 1 72  ? 14.690  -11.348 -5.549  1.00 28.73 ? 73  ARG A CZ  1 
ATOM   499  N NH1 . ARG A 1 72  ? 13.693  -12.247 -5.441  1.00 31.91 ? 73  ARG A NH1 1 
ATOM   500  N NH2 . ARG A 1 72  ? 15.915  -11.652 -5.086  1.00 27.78 ? 73  ARG A NH2 1 
ATOM   501  N N   . SER A 1 73  ? 13.288  -4.882  -6.411  1.00 20.88 ? 74  SER A N   1 
ATOM   502  C CA  . SER A 1 73  ? 13.479  -3.941  -5.348  1.00 18.01 ? 74  SER A CA  1 
ATOM   503  C C   . SER A 1 73  ? 12.850  -2.580  -5.684  1.00 21.04 ? 74  SER A C   1 
ATOM   504  O O   . SER A 1 73  ? 12.208  -1.967  -4.827  1.00 16.50 ? 74  SER A O   1 
ATOM   505  C CB  . SER A 1 73  ? 14.948  -3.856  -4.933  1.00 19.35 ? 74  SER A CB  1 
ATOM   506  O OG  . SER A 1 73  ? 15.290  -4.999  -4.181  1.00 17.81 ? 74  SER A OG  1 
ATOM   507  N N   . LYS A 1 74  ? 13.093  -2.074  -6.884  1.00 19.70 ? 75  LYS A N   1 
ATOM   508  C CA  . LYS A 1 74  ? 12.453  -0.837  -7.330  1.00 22.30 ? 75  LYS A CA  1 
ATOM   509  C C   . LYS A 1 74  ? 10.927  -0.908  -7.234  1.00 19.50 ? 75  LYS A C   1 
ATOM   510  O O   . LYS A 1 74  ? 10.305  0.050   -6.749  1.00 19.30 ? 75  LYS A O   1 
ATOM   511  C CB  . LYS A 1 74  ? 12.858  -0.473  -8.737  1.00 20.07 ? 75  LYS A CB  1 
ATOM   512  C CG  . LYS A 1 74  ? 14.344  -0.134  -8.796  1.00 22.46 ? 75  LYS A CG  1 
ATOM   513  C CD  . LYS A 1 74  ? 14.678  0.298   -10.205 1.00 24.32 ? 75  LYS A CD  1 
ATOM   514  C CE  . LYS A 1 74  ? 16.131  0.611   -10.389 1.00 24.38 ? 75  LYS A CE  1 
ATOM   515  N NZ  . LYS A 1 74  ? 16.231  0.977   -11.829 1.00 26.50 ? 75  LYS A NZ  1 
ATOM   516  N N   . ALA A 1 75  ? 10.362  -2.043  -7.641  1.00 22.62 ? 76  ALA A N   1 
ATOM   517  C CA  . ALA A 1 75  ? 8.901   -2.293  -7.531  1.00 22.46 ? 76  ALA A CA  1 
ATOM   518  C C   . ALA A 1 75  ? 8.428   -2.212  -6.076  1.00 20.93 ? 76  ALA A C   1 
ATOM   519  O O   . ALA A 1 75  ? 7.392   -1.569  -5.760  1.00 19.50 ? 76  ALA A O   1 
ATOM   520  C CB  . ALA A 1 75  ? 8.527   -3.623  -8.190  1.00 21.19 ? 76  ALA A CB  1 
ATOM   521  N N   . TYR A 1 76  ? 9.176   -2.852  -5.179  1.00 18.95 ? 77  TYR A N   1 
ATOM   522  C CA  . TYR A 1 76  ? 8.816   -2.907  -3.745  1.00 18.98 ? 77  TYR A CA  1 
ATOM   523  C C   . TYR A 1 76  ? 8.863   -1.450  -3.238  1.00 19.45 ? 77  TYR A C   1 
ATOM   524  O O   . TYR A 1 76  ? 7.964   -1.002  -2.531  1.00 22.36 ? 77  TYR A O   1 
ATOM   525  C CB  . TYR A 1 76  ? 9.822   -3.789  -2.986  1.00 19.15 ? 77  TYR A CB  1 
ATOM   526  C CG  . TYR A 1 76  ? 9.513   -4.075  -1.554  1.00 20.38 ? 77  TYR A CG  1 
ATOM   527  C CD1 . TYR A 1 76  ? 9.491   -3.052  -0.585  1.00 20.49 ? 77  TYR A CD1 1 
ATOM   528  C CD2 . TYR A 1 76  ? 9.298   -5.412  -1.130  1.00 19.55 ? 77  TYR A CD2 1 
ATOM   529  C CE1 . TYR A 1 76  ? 9.208   -3.346  0.744   1.00 21.81 ? 77  TYR A CE1 1 
ATOM   530  C CE2 . TYR A 1 76  ? 8.976   -5.690  0.183   1.00 20.88 ? 77  TYR A CE2 1 
ATOM   531  C CZ  . TYR A 1 76  ? 8.961   -4.656  1.110   1.00 21.46 ? 77  TYR A CZ  1 
ATOM   532  O OH  . TYR A 1 76  ? 8.684   -4.981  2.395   1.00 22.13 ? 77  TYR A OH  1 
ATOM   533  N N   . ARG A 1 77  ? 9.915   -0.691  -3.586  1.00 19.34 ? 78  ARG A N   1 
ATOM   534  C CA  . ARG A 1 77  ? 9.961   0.722   -3.168  1.00 18.95 ? 78  ARG A CA  1 
ATOM   535  C C   . ARG A 1 77  ? 8.796   1.568   -3.678  1.00 17.76 ? 78  ARG A C   1 
ATOM   536  O O   . ARG A 1 77  ? 8.223   2.374   -2.933  1.00 18.78 ? 78  ARG A O   1 
ATOM   537  C CB  . ARG A 1 77  ? 11.277  1.380   -3.566  1.00 19.00 ? 78  ARG A CB  1 
ATOM   538  C CG  . ARG A 1 77  ? 12.421  0.792   -2.816  1.00 19.13 ? 78  ARG A CG  1 
ATOM   539  C CD  . ARG A 1 77  ? 13.662  1.702   -2.800  1.00 19.54 ? 78  ARG A CD  1 
ATOM   540  N NE  . ARG A 1 77  ? 14.206  2.141   -4.129  1.00 20.27 ? 78  ARG A NE  1 
ATOM   541  C CZ  . ARG A 1 77  ? 15.107  1.489   -4.850  1.00 20.99 ? 78  ARG A CZ  1 
ATOM   542  N NH1 . ARG A 1 77  ? 15.493  0.284   -4.516  1.00 19.60 ? 78  ARG A NH1 1 
ATOM   543  N NH2 . ARG A 1 77  ? 15.586  2.022   -5.961  1.00 20.41 ? 78  ARG A NH2 1 
ATOM   544  N N   . LYS A 1 78  ? 8.498   1.442   -4.955  1.00 19.73 ? 79  LYS A N   1 
ATOM   545  C CA  . LYS A 1 78  ? 7.361   2.114   -5.555  1.00 20.63 ? 79  LYS A CA  1 
ATOM   546  C C   . LYS A 1 78  ? 6.062   1.777   -4.812  1.00 20.73 ? 79  LYS A C   1 
ATOM   547  O O   . LYS A 1 78  ? 5.294   2.663   -4.550  1.00 17.37 ? 79  LYS A O   1 
ATOM   548  C CB  . LYS A 1 78  ? 7.250   1.694   -7.030  1.00 24.30 ? 79  LYS A CB  1 
ATOM   549  C CG  . LYS A 1 78  ? 6.097   2.280   -7.809  1.00 30.00 ? 79  LYS A CG  1 
ATOM   550  C CD  . LYS A 1 78  ? 5.899   1.639   -9.191  1.00 34.60 ? 79  LYS A CD  1 
ATOM   551  C CE  . LYS A 1 78  ? 5.071   0.360   -9.107  1.00 49.08 ? 79  LYS A CE  1 
ATOM   552  N NZ  . LYS A 1 78  ? 3.695   0.561   -8.550  1.00 44.27 ? 79  LYS A NZ  1 
ATOM   553  N N   . LEU A 1 79  ? 5.844   0.505   -4.445  1.00 21.21 ? 80  LEU A N   1 
ATOM   554  C CA  . LEU A 1 79  ? 4.630   0.114   -3.697  1.00 21.11 ? 80  LEU A CA  1 
ATOM   555  C C   . LEU A 1 79  ? 4.672   0.755   -2.308  1.00 19.09 ? 80  LEU A C   1 
ATOM   556  O O   . LEU A 1 79  ? 3.618   1.107   -1.736  1.00 20.83 ? 80  LEU A O   1 
ATOM   557  C CB  . LEU A 1 79  ? 4.510   -1.369  -3.618  1.00 22.74 ? 80  LEU A CB  1 
ATOM   558  C CG  . LEU A 1 79  ? 4.236   -2.070  -4.985  1.00 24.25 ? 80  LEU A CG  1 
ATOM   559  C CD1 . LEU A 1 79  ? 4.314   -3.568  -4.865  1.00 26.86 ? 80  LEU A CD1 1 
ATOM   560  C CD2 . LEU A 1 79  ? 2.849   -1.719  -5.577  1.00 25.37 ? 80  LEU A CD2 1 
ATOM   561  N N   . THR A 1 80  ? 5.881   0.910   -1.765  1.00 19.59 ? 81  THR A N   1 
ATOM   562  C CA  . THR A 1 80  ? 6.077   1.613   -0.487  1.00 20.19 ? 81  THR A CA  1 
ATOM   563  C C   . THR A 1 80  ? 5.629   3.089   -0.543  1.00 21.28 ? 81  THR A C   1 
ATOM   564  O O   . THR A 1 80  ? 4.916   3.568   0.335   1.00 21.93 ? 81  THR A O   1 
ATOM   565  C CB  . THR A 1 80  ? 7.548   1.484   0.026   1.00 20.07 ? 81  THR A CB  1 
ATOM   566  O OG1 . THR A 1 80  ? 7.900   0.099   0.213   1.00 18.35 ? 81  THR A OG1 1 
ATOM   567  C CG2 . THR A 1 80  ? 7.682   2.189   1.377   1.00 19.74 ? 81  THR A CG2 1 
ATOM   568  N N   . TYR A 1 81  ? 6.064   3.801   -1.593  1.00 21.00 ? 82  TYR A N   1 
ATOM   569  C CA  . TYR A 1 81  ? 5.681   5.197   -1.824  1.00 21.00 ? 82  TYR A CA  1 
ATOM   570  C C   . TYR A 1 81  ? 4.141   5.293   -2.002  1.00 21.76 ? 82  TYR A C   1 
ATOM   571  O O   . TYR A 1 81  ? 3.506   6.278   -1.602  1.00 22.30 ? 82  TYR A O   1 
ATOM   572  C CB  . TYR A 1 81  ? 6.422   5.730   -3.061  1.00 22.81 ? 82  TYR A CB  1 
ATOM   573  C CG  . TYR A 1 81  ? 7.936   5.605   -2.936  1.00 22.36 ? 82  TYR A CG  1 
ATOM   574  C CD1 . TYR A 1 81  ? 8.547   5.758   -1.694  1.00 22.39 ? 82  TYR A CD1 1 
ATOM   575  C CD2 . TYR A 1 81  ? 8.749   5.404   -4.039  1.00 21.03 ? 82  TYR A CD2 1 
ATOM   576  C CE1 . TYR A 1 81  ? 9.899   5.657   -1.562  1.00 22.66 ? 82  TYR A CE1 1 
ATOM   577  C CE2 . TYR A 1 81  ? 10.128  5.311   -3.919  1.00 19.97 ? 82  TYR A CE2 1 
ATOM   578  C CZ  . TYR A 1 81  ? 10.687  5.427   -2.675  1.00 20.68 ? 82  TYR A CZ  1 
ATOM   579  O OH  . TYR A 1 81  ? 12.050  5.362   -2.433  1.00 21.62 ? 82  TYR A OH  1 
ATOM   580  N N   . GLY A 1 82  ? 3.553   4.253   -2.576  1.00 19.97 ? 83  GLY A N   1 
ATOM   581  C CA  . GLY A 1 82  ? 2.109   4.195   -2.729  1.00 22.45 ? 83  GLY A CA  1 
ATOM   582  C C   . GLY A 1 82  ? 1.332   4.097   -1.407  1.00 23.53 ? 83  GLY A C   1 
ATOM   583  O O   . GLY A 1 82  ? 0.396   4.850   -1.190  1.00 22.11 ? 83  GLY A O   1 
ATOM   584  N N   . ILE A 1 83  ? 1.714   3.161   -0.549  1.00 21.89 ? 84  ILE A N   1 
ATOM   585  C CA  . ILE A 1 83  ? 1.005   2.906   0.685   1.00 24.36 ? 84  ILE A CA  1 
ATOM   586  C C   . ILE A 1 83  ? 1.312   4.009   1.690   1.00 26.05 ? 84  ILE A C   1 
ATOM   587  O O   . ILE A 1 83  ? 0.451   4.385   2.515   1.00 24.46 ? 84  ILE A O   1 
ATOM   588  C CB  . ILE A 1 83  ? 1.317   1.486   1.272   1.00 26.39 ? 84  ILE A CB  1 
ATOM   589  C CG1 . ILE A 1 83  ? 0.328   1.143   2.414   1.00 28.78 ? 84  ILE A CG1 1 
ATOM   590  C CG2 . ILE A 1 83  ? 2.718   1.360   1.842   1.00 25.18 ? 84  ILE A CG2 1 
ATOM   591  C CD1 . ILE A 1 83  ? -1.080  0.912   1.953   1.00 28.81 ? 84  ILE A CD1 1 
ATOM   592  N N   . LEU A 1 84  ? 2.485   4.627   1.556   1.00 22.39 ? 85  LEU A N   1 
ATOM   593  C CA  . LEU A 1 84  ? 2.809   5.788   2.425   1.00 21.67 ? 85  LEU A CA  1 
ATOM   594  C C   . LEU A 1 84  ? 2.519   7.116   1.723   1.00 24.40 ? 85  LEU A C   1 
ATOM   595  O O   . LEU A 1 84  ? 3.162   8.129   1.971   1.00 25.81 ? 85  LEU A O   1 
ATOM   596  C CB  . LEU A 1 84  ? 4.266   5.711   2.847   1.00 22.43 ? 85  LEU A CB  1 
ATOM   597  C CG  . LEU A 1 84  ? 4.709   4.435   3.611   1.00 22.52 ? 85  LEU A CG  1 
ATOM   598  C CD1 . LEU A 1 84  ? 6.167   4.587   4.030   1.00 24.64 ? 85  LEU A CD1 1 
ATOM   599  C CD2 . LEU A 1 84  ? 3.808   4.231   4.843   1.00 25.62 ? 85  LEU A CD2 1 
ATOM   600  N N   . ASN A 1 85  ? 1.579   7.114   0.806   1.00 28.54 ? 86  ASN A N   1 
ATOM   601  C CA  . ASN A 1 85  ? 1.485   8.256   -0.104  1.00 32.95 ? 86  ASN A CA  1 
ATOM   602  C C   . ASN A 1 85  ? 0.964   9.553   0.525   1.00 38.95 ? 86  ASN A C   1 
ATOM   603  O O   . ASN A 1 85  ? 1.131   10.646  -0.021  1.00 38.83 ? 86  ASN A O   1 
ATOM   604  C CB  . ASN A 1 85  ? 0.734   7.870   -1.351  1.00 37.92 ? 86  ASN A CB  1 
ATOM   605  C CG  . ASN A 1 85  ? -0.762  7.806   -1.157  1.00 47.01 ? 86  ASN A CG  1 
ATOM   606  O OD1 . ASN A 1 85  ? -1.276  7.324   -0.139  1.00 45.34 ? 86  ASN A OD1 1 
ATOM   607  N ND2 . ASN A 1 85  ? -1.478  8.283   -2.166  1.00 53.75 ? 86  ASN A ND2 1 
ATOM   608  N N   . ASP A 1 86  ? 0.392   9.474   1.710   1.00 38.78 ? 87  ASP A N   1 
ATOM   609  C CA  . ASP A 1 86  ? -0.003  10.715  2.320   1.00 44.06 ? 87  ASP A CA  1 
ATOM   610  C C   . ASP A 1 86  ? 1.110   11.283  3.210   1.00 46.71 ? 87  ASP A C   1 
ATOM   611  O O   . ASP A 1 86  ? 0.815   12.169  4.001   1.00 42.43 ? 87  ASP A O   1 
ATOM   612  C CB  . ASP A 1 86  ? -1.315  10.477  3.092   1.00 51.65 ? 87  ASP A CB  1 
ATOM   613  C CG  . ASP A 1 86  ? -2.079  11.779  3.425   1.00 54.32 ? 87  ASP A CG  1 
ATOM   614  O OD1 . ASP A 1 86  ? -1.801  12.875  2.836   1.00 49.57 ? 87  ASP A OD1 1 
ATOM   615  O OD2 . ASP A 1 86  ? -2.954  11.673  4.334   1.00 54.05 ? 87  ASP A OD2 1 
ATOM   616  N N   . MET A 1 87  ? 2.360   10.777  3.111   1.00 39.52 ? 88  MET A N   1 
ATOM   617  C CA  . MET A 1 87  ? 3.500   11.311  3.919   1.00 38.42 ? 88  MET A CA  1 
ATOM   618  C C   . MET A 1 87  ? 4.485   12.157  3.126   1.00 37.25 ? 88  MET A C   1 
ATOM   619  O O   . MET A 1 87  ? 4.769   11.841  1.992   1.00 32.31 ? 88  MET A O   1 
ATOM   620  C CB  . MET A 1 87  ? 4.297   10.183  4.524   1.00 31.47 ? 88  MET A CB  1 
ATOM   621  C CG  . MET A 1 87  ? 3.504   9.370   5.509   1.00 29.64 ? 88  MET A CG  1 
ATOM   622  S SD  . MET A 1 87  ? 4.507   8.104   6.288   1.00 27.79 ? 88  MET A SD  1 
ATOM   623  C CE  . MET A 1 87  ? 3.298   7.181   7.234   1.00 28.22 ? 88  MET A CE  1 
ATOM   624  N N   . ASN A 1 88  ? 5.056   13.206  3.722   1.00 37.66 ? 89  ASN A N   1 
ATOM   625  C CA  . ASN A 1 88  ? 6.197   13.875  3.062   1.00 42.14 ? 89  ASN A CA  1 
ATOM   626  C C   . ASN A 1 88  ? 7.512   13.214  3.448   1.00 47.81 ? 89  ASN A C   1 
ATOM   627  O O   . ASN A 1 88  ? 7.509   12.296  4.306   1.00 37.15 ? 89  ASN A O   1 
ATOM   628  C CB  . ASN A 1 88  ? 6.249   15.356  3.382   1.00 46.39 ? 89  ASN A CB  1 
ATOM   629  C CG  . ASN A 1 88  ? 6.504   15.606  4.831   1.00 48.58 ? 89  ASN A CG  1 
ATOM   630  O OD1 . ASN A 1 88  ? 7.494   15.140  5.396   1.00 43.48 ? 89  ASN A OD1 1 
ATOM   631  N ND2 . ASN A 1 88  ? 5.573   16.277  5.461   1.00 53.45 ? 89  ASN A ND2 1 
ATOM   632  N N   . ALA A 1 89  ? 8.617   13.695  2.841   1.00 41.82 ? 90  ALA A N   1 
ATOM   633  C CA  . ALA A 1 89  ? 9.968   13.161  3.066   1.00 48.03 ? 90  ALA A CA  1 
ATOM   634  C C   . ALA A 1 89  ? 10.310  13.049  4.564   1.00 46.23 ? 90  ALA A C   1 
ATOM   635  O O   . ALA A 1 89  ? 10.861  12.034  4.971   1.00 41.97 ? 90  ALA A O   1 
ATOM   636  C CB  . ALA A 1 89  ? 11.030  13.967  2.309   1.00 50.30 ? 90  ALA A CB  1 
ATOM   637  N N   . ASP A 1 90  ? 9.913   14.049  5.358   1.00 42.70 ? 91  ASP A N   1 
ATOM   638  C CA  . ASP A 1 90  ? 10.120  14.064  6.808   1.00 41.92 ? 91  ASP A CA  1 
ATOM   639  C C   . ASP A 1 90  ? 9.292   12.985  7.558   1.00 39.23 ? 91  ASP A C   1 
ATOM   640  O O   . ASP A 1 90  ? 9.781   12.364  8.495   1.00 35.26 ? 91  ASP A O   1 
ATOM   641  C CB  . ASP A 1 90  ? 9.750   15.428  7.349   1.00 47.37 ? 91  ASP A CB  1 
ATOM   642  C CG  . ASP A 1 90  ? 9.686   15.469  8.853   1.00 56.44 ? 91  ASP A CG  1 
ATOM   643  O OD1 . ASP A 1 90  ? 10.772  15.522  9.482   1.00 58.62 ? 91  ASP A OD1 1 
ATOM   644  O OD2 . ASP A 1 90  ? 8.548   15.445  9.407   1.00 61.71 ? 91  ASP A OD2 1 
ATOM   645  N N   . GLU A 1 91  ? 8.025   12.833  7.182   1.00 35.15 ? 92  GLU A N   1 
ATOM   646  C CA  . GLU A 1 91  ? 7.179   11.799  7.743   1.00 35.00 ? 92  GLU A CA  1 
ATOM   647  C C   . GLU A 1 91  ? 7.636   10.427  7.315   1.00 30.19 ? 92  GLU A C   1 
ATOM   648  O O   . GLU A 1 91  ? 7.632   9.501   8.134   1.00 30.52 ? 92  GLU A O   1 
ATOM   649  C CB  . GLU A 1 91  ? 5.744   12.006  7.319   1.00 35.25 ? 92  GLU A CB  1 
ATOM   650  C CG  . GLU A 1 91  ? 5.077   13.194  7.988   1.00 37.95 ? 92  GLU A CG  1 
ATOM   651  C CD  . GLU A 1 91  ? 3.744   13.450  7.352   1.00 38.63 ? 92  GLU A CD  1 
ATOM   652  O OE1 . GLU A 1 91  ? 3.745   13.661  6.105   1.00 41.50 ? 92  GLU A OE1 1 
ATOM   653  O OE2 . GLU A 1 91  ? 2.720   13.341  8.061   1.00 44.56 ? 92  GLU A OE2 1 
ATOM   654  N N   . LEU A 1 92  ? 8.046   10.286  6.047   1.00 28.91 ? 93  LEU A N   1 
ATOM   655  C CA  . LEU A 1 92  ? 8.638   9.035   5.558   1.00 28.54 ? 93  LEU A CA  1 
ATOM   656  C C   . LEU A 1 92  ? 9.832   8.590   6.400   1.00 30.92 ? 93  LEU A C   1 
ATOM   657  O O   . LEU A 1 92  ? 9.946   7.416   6.782   1.00 29.03 ? 93  LEU A O   1 
ATOM   658  C CB  . LEU A 1 92  ? 9.063   9.158   4.073   1.00 31.03 ? 93  LEU A CB  1 
ATOM   659  C CG  . LEU A 1 92  ? 7.937   9.278   3.050   1.00 31.25 ? 93  LEU A CG  1 
ATOM   660  C CD1 . LEU A 1 92  ? 8.454   9.532   1.641   1.00 30.02 ? 93  LEU A CD1 1 
ATOM   661  C CD2 . LEU A 1 92  ? 7.070   8.049   3.047   1.00 30.54 ? 93  LEU A CD2 1 
ATOM   662  N N   . LYS A 1 93  ? 10.754  9.519   6.677   1.00 30.20 ? 94  LYS A N   1 
ATOM   663  C CA  . LYS A 1 93  ? 11.975  9.160   7.399   1.00 29.63 ? 94  LYS A CA  1 
ATOM   664  C C   . LYS A 1 93  ? 11.578  8.815   8.843   1.00 24.95 ? 94  LYS A C   1 
ATOM   665  O O   . LYS A 1 93  ? 12.077  7.894   9.431   1.00 26.01 ? 94  LYS A O   1 
ATOM   666  C CB  . LYS A 1 93  ? 12.995  10.344  7.375   1.00 34.08 ? 94  LYS A CB  1 
ATOM   667  C CG  . LYS A 1 93  ? 14.150  10.133  8.372   1.00 42.55 ? 94  LYS A CG  1 
ATOM   668  C CD  . LYS A 1 93  ? 14.860  11.420  8.797   1.00 52.56 ? 94  LYS A CD  1 
ATOM   669  C CE  . LYS A 1 93  ? 15.156  12.347  7.632   1.00 54.46 ? 94  LYS A CE  1 
ATOM   670  N NZ  . LYS A 1 93  ? 16.185  13.366  7.998   1.00 60.81 ? 94  LYS A NZ  1 
ATOM   671  N N   . ARG A 1 94  ? 10.677  9.579   9.420   1.00 24.75 ? 95  ARG A N   1 
ATOM   672  C CA  . ARG A 1 94  ? 10.254  9.326   10.785  1.00 28.91 ? 95  ARG A CA  1 
ATOM   673  C C   . ARG A 1 94  ? 9.505   7.999   10.897  1.00 27.98 ? 95  ARG A C   1 
ATOM   674  O O   . ARG A 1 94  ? 9.718   7.275   11.835  1.00 25.43 ? 95  ARG A O   1 
ATOM   675  C CB  . ARG A 1 94  ? 9.381   10.477  11.272  1.00 32.08 ? 95  ARG A CB  1 
ATOM   676  C CG  . ARG A 1 94  ? 8.709   10.301  12.613  1.00 37.89 ? 95  ARG A CG  1 
ATOM   677  C CD  . ARG A 1 94  ? 9.567   9.787   13.758  1.00 46.24 ? 95  ARG A CD  1 
ATOM   678  N NE  . ARG A 1 94  ? 10.747  10.601  14.038  1.00 61.07 ? 95  ARG A NE  1 
ATOM   679  C CZ  . ARG A 1 94  ? 11.591  10.364  15.043  1.00 69.22 ? 95  ARG A CZ  1 
ATOM   680  N NH1 . ARG A 1 94  ? 11.389  9.338   15.866  1.00 75.97 ? 95  ARG A NH1 1 
ATOM   681  N NH2 . ARG A 1 94  ? 12.641  11.153  15.230  1.00 75.89 ? 95  ARG A NH2 1 
ATOM   682  N N   . PHE A 1 95  ? 8.620   7.701   9.945   1.00 27.35 ? 96  PHE A N   1 
ATOM   683  C CA  . PHE A 1 95  ? 7.979   6.408   9.938   1.00 24.60 ? 96  PHE A CA  1 
ATOM   684  C C   . PHE A 1 95  ? 9.003   5.277   9.975   1.00 24.31 ? 96  PHE A C   1 
ATOM   685  O O   . PHE A 1 95  ? 8.892   4.314   10.739  1.00 23.94 ? 96  PHE A O   1 
ATOM   686  C CB  . PHE A 1 95  ? 7.085   6.254   8.698   1.00 23.38 ? 96  PHE A CB  1 
ATOM   687  C CG  . PHE A 1 95  ? 6.287   4.967   8.678   1.00 21.16 ? 96  PHE A CG  1 
ATOM   688  C CD1 . PHE A 1 95  ? 5.178   4.800   9.507   1.00 23.45 ? 96  PHE A CD1 1 
ATOM   689  C CD2 . PHE A 1 95  ? 6.653   3.923   7.831   1.00 23.77 ? 96  PHE A CD2 1 
ATOM   690  C CE1 . PHE A 1 95  ? 4.473   3.587   9.474   1.00 23.13 ? 96  PHE A CE1 1 
ATOM   691  C CE2 . PHE A 1 95  ? 5.934   2.742   7.796   1.00 20.57 ? 96  PHE A CE2 1 
ATOM   692  C CZ  . PHE A 1 95  ? 4.843   2.596   8.583   1.00 21.55 ? 96  PHE A CZ  1 
ATOM   693  N N   . SER A 1 96  ? 9.995   5.380   9.104   1.00 24.56 ? 97  SER A N   1 
ATOM   694  C CA  . SER A 1 96  ? 11.024  4.345   9.032   1.00 25.27 ? 97  SER A CA  1 
ATOM   695  C C   . SER A 1 96  ? 11.751  4.192   10.376  1.00 23.27 ? 97  SER A C   1 
ATOM   696  O O   . SER A 1 96  ? 11.990  3.069   10.857  1.00 21.04 ? 97  SER A O   1 
ATOM   697  C CB  . SER A 1 96  ? 11.973  4.680   7.869   1.00 23.26 ? 97  SER A CB  1 
ATOM   698  O OG  . SER A 1 96  ? 13.108  3.883   7.842   1.00 23.09 ? 97  SER A OG  1 
ATOM   699  N N   . GLU A 1 97  ? 12.181  5.331   10.933  1.00 22.29 ? 98  GLU A N   1 
ATOM   700  C CA  . GLU A 1 97  ? 12.791  5.385   12.255  1.00 25.54 ? 98  GLU A CA  1 
ATOM   701  C C   . GLU A 1 97  ? 11.960  4.669   13.318  1.00 22.49 ? 98  GLU A C   1 
ATOM   702  O O   . GLU A 1 97  ? 12.521  3.817   14.071  1.00 22.75 ? 98  GLU A O   1 
ATOM   703  C CB  . GLU A 1 97  ? 13.057  6.858   12.671  1.00 28.62 ? 98  GLU A CB  1 
ATOM   704  C CG  . GLU A 1 97  ? 14.089  7.492   11.751  1.00 33.19 ? 98  GLU A CG  1 
ATOM   705  C CD  . GLU A 1 97  ? 14.303  8.991   12.039  1.00 41.37 ? 98  GLU A CD  1 
ATOM   706  O OE1 . GLU A 1 97  ? 13.469  9.595   12.757  1.00 39.74 ? 98  GLU A OE1 1 
ATOM   707  O OE2 . GLU A 1 97  ? 15.290  9.565   11.518  1.00 42.71 ? 98  GLU A OE2 1 
ATOM   708  N N   . ILE A 1 98  ? 10.643  4.925   13.345  1.00 21.59 ? 99  ILE A N   1 
ATOM   709  C CA  . ILE A 1 98  ? 9.768   4.342   14.363  1.00 21.25 ? 99  ILE A CA  1 
ATOM   710  C C   . ILE A 1 98  ? 9.674   2.821   14.211  1.00 24.57 ? 99  ILE A C   1 
ATOM   711  O O   . ILE A 1 98  ? 9.775   2.104   15.176  1.00 21.69 ? 99  ILE A O   1 
ATOM   712  C CB  . ILE A 1 98  ? 8.333   4.902   14.318  1.00 24.22 ? 99  ILE A CB  1 
ATOM   713  C CG1 . ILE A 1 98  ? 8.301   6.351   14.769  1.00 25.71 ? 99  ILE A CG1 1 
ATOM   714  C CG2 . ILE A 1 98  ? 7.395   4.131   15.218  1.00 24.03 ? 99  ILE A CG2 1 
ATOM   715  C CD1 . ILE A 1 98  ? 7.060   7.025   14.247  1.00 30.55 ? 99  ILE A CD1 1 
ATOM   716  N N   . ILE A 1 99  ? 9.489   2.335   12.976  1.00 22.19 ? 100 ILE A N   1 
ATOM   717  C CA  . ILE A 1 99  ? 9.452   0.908   12.733  1.00 21.98 ? 100 ILE A CA  1 
ATOM   718  C C   . ILE A 1 99  ? 10.787  0.155   13.035  1.00 22.67 ? 100 ILE A C   1 
ATOM   719  O O   . ILE A 1 99  ? 10.783  -0.926  13.605  1.00 22.23 ? 100 ILE A O   1 
ATOM   720  C CB  . ILE A 1 99  ? 8.947   0.621   11.294  1.00 21.10 ? 100 ILE A CB  1 
ATOM   721  C CG1 . ILE A 1 99  ? 7.634   1.376   11.046  1.00 22.11 ? 100 ILE A CG1 1 
ATOM   722  C CG2 . ILE A 1 99  ? 8.805   -0.877  11.061  1.00 21.36 ? 100 ILE A CG2 1 
ATOM   723  C CD1 . ILE A 1 99  ? 6.464   0.998   11.989  1.00 22.83 ? 100 ILE A CD1 1 
ATOM   724  N N   . ILE A 1 100 ? 11.916  0.744   12.647  1.00 24.53 ? 101 ILE A N   1 
ATOM   725  C CA  . ILE A 1 100 ? 13.236  0.260   13.041  1.00 25.30 ? 101 ILE A CA  1 
ATOM   726  C C   . ILE A 1 100 ? 13.404  0.190   14.556  1.00 23.54 ? 101 ILE A C   1 
ATOM   727  O O   . ILE A 1 100 ? 13.840  -0.837  15.088  1.00 20.68 ? 101 ILE A O   1 
ATOM   728  C CB  . ILE A 1 100 ? 14.347  1.120   12.411  1.00 26.39 ? 101 ILE A CB  1 
ATOM   729  C CG1 . ILE A 1 100 ? 14.394  0.895   10.894  1.00 25.57 ? 101 ILE A CG1 1 
ATOM   730  C CG2 . ILE A 1 100 ? 15.713  0.872   13.068  1.00 30.98 ? 101 ILE A CG2 1 
ATOM   731  C CD1 . ILE A 1 100 ? 15.224  1.943   10.155  1.00 24.90 ? 101 ILE A CD1 1 
ATOM   732  N N   . LEU A 1 101 ? 13.043  1.256   15.235  1.00 23.86 ? 102 LEU A N   1 
ATOM   733  C CA  . LEU A 1 101 ? 13.060  1.256   16.709  1.00 28.96 ? 102 LEU A CA  1 
ATOM   734  C C   . LEU A 1 101 ? 12.200  0.171   17.341  1.00 28.61 ? 102 LEU A C   1 
ATOM   735  O O   . LEU A 1 101 ? 12.599  -0.430  18.313  1.00 25.89 ? 102 LEU A O   1 
ATOM   736  C CB  . LEU A 1 101 ? 12.643  2.590   17.244  1.00 30.24 ? 102 LEU A CB  1 
ATOM   737  C CG  . LEU A 1 101 ? 13.738  3.612   17.106  1.00 38.50 ? 102 LEU A CG  1 
ATOM   738  C CD1 . LEU A 1 101 ? 13.148  4.990   17.429  1.00 43.57 ? 102 LEU A CD1 1 
ATOM   739  C CD2 . LEU A 1 101 ? 14.929  3.255   18.011  1.00 41.11 ? 102 LEU A CD2 1 
ATOM   740  N N   . ALA A 1 102 ? 11.027  -0.092  16.774  1.00 26.29 ? 103 ALA A N   1 
ATOM   741  C CA  . ALA A 1 102 ? 10.178  -1.227  17.197  1.00 26.68 ? 103 ALA A CA  1 
ATOM   742  C C   . ALA A 1 102 ? 10.736  -2.572  16.780  1.00 24.84 ? 103 ALA A C   1 
ATOM   743  O O   . ALA A 1 102 ? 10.219  -3.610  17.225  1.00 23.70 ? 103 ALA A O   1 
ATOM   744  C CB  . ALA A 1 102 ? 8.759   -1.074  16.610  1.00 26.67 ? 103 ALA A CB  1 
ATOM   745  N N   . ASN A 1 103 ? 11.708  -2.561  15.874  1.00 25.50 ? 104 ASN A N   1 
ATOM   746  C CA  . ASN A 1 103 ? 12.276  -3.781  15.225  1.00 27.78 ? 104 ASN A CA  1 
ATOM   747  C C   . ASN A 1 103 ? 11.221  -4.682  14.513  1.00 28.84 ? 104 ASN A C   1 
ATOM   748  O O   . ASN A 1 103 ? 11.124  -5.911  14.726  1.00 23.69 ? 104 ASN A O   1 
ATOM   749  C CB  . ASN A 1 103 ? 13.102  -4.563  16.211  1.00 34.40 ? 104 ASN A CB  1 
ATOM   750  C CG  . ASN A 1 103 ? 13.948  -5.619  15.545  1.00 38.21 ? 104 ASN A CG  1 
ATOM   751  O OD1 . ASN A 1 103 ? 14.594  -5.377  14.514  1.00 32.81 ? 104 ASN A OD1 1 
ATOM   752  N ND2 . ASN A 1 103 ? 13.965  -6.789  16.126  1.00 36.86 ? 104 ASN A ND2 1 
ATOM   753  N N   . GLU A 1 104 ? 10.399  -4.049  13.668  1.00 25.46 ? 105 GLU A N   1 
ATOM   754  C CA  . GLU A 1 104 ? 9.326   -4.787  12.986  1.00 25.60 ? 105 GLU A CA  1 
ATOM   755  C C   . GLU A 1 104 ? 9.336   -4.396  11.524  1.00 24.85 ? 105 GLU A C   1 
ATOM   756  O O   . GLU A 1 104 ? 8.258   -4.339  10.915  1.00 20.91 ? 105 GLU A O   1 
ATOM   757  C CB  . GLU A 1 104 ? 7.945   -4.469  13.607  1.00 26.34 ? 105 GLU A CB  1 
ATOM   758  C CG  . GLU A 1 104 ? 7.680   -5.022  15.015  1.00 31.70 ? 105 GLU A CG  1 
ATOM   759  C CD  . GLU A 1 104 ? 7.747   -6.550  15.040  1.00 36.82 ? 105 GLU A CD  1 
ATOM   760  O OE1 . GLU A 1 104 ? 7.589   -7.204  13.967  1.00 31.85 ? 105 GLU A OE1 1 
ATOM   761  O OE2 . GLU A 1 104 ? 8.083   -7.107  16.109  1.00 35.39 ? 105 GLU A OE2 1 
ATOM   762  N N   . VAL A 1 105 ? 10.539  -4.172  10.954  1.00 23.28 ? 106 VAL A N   1 
ATOM   763  C CA  . VAL A 1 105 ? 10.622  -3.743  9.559   1.00 22.36 ? 106 VAL A CA  1 
ATOM   764  C C   . VAL A 1 105 ? 9.940   -4.752  8.636   1.00 21.52 ? 106 VAL A C   1 
ATOM   765  O O   . VAL A 1 105 ? 9.103   -4.402  7.795   1.00 19.17 ? 106 VAL A O   1 
ATOM   766  C CB  . VAL A 1 105 ? 12.053  -3.445  9.133   1.00 21.74 ? 106 VAL A CB  1 
ATOM   767  C CG1 . VAL A 1 105 ? 12.114  -3.188  7.613   1.00 22.81 ? 106 VAL A CG1 1 
ATOM   768  C CG2 . VAL A 1 105 ? 12.585  -2.216  9.873   1.00 21.81 ? 106 VAL A CG2 1 
ATOM   769  N N   . GLU A 1 106 ? 10.296  -6.018  8.806   1.00 20.95 ? 107 GLU A N   1 
ATOM   770  C CA  . GLU A 1 106 ? 9.765   -7.068  7.930   1.00 22.59 ? 107 GLU A CA  1 
ATOM   771  C C   . GLU A 1 106 ? 8.287   -7.215  7.935   1.00 21.69 ? 107 GLU A C   1 
ATOM   772  O O   . GLU A 1 106 ? 7.659   -7.238  6.863   1.00 22.54 ? 107 GLU A O   1 
ATOM   773  C CB  . GLU A 1 106 ? 10.418  -8.424  8.252   1.00 25.27 ? 107 GLU A CB  1 
ATOM   774  C CG  . GLU A 1 106 ? 11.866  -8.453  7.818   1.00 30.79 ? 107 GLU A CG  1 
ATOM   775  C CD  . GLU A 1 106 ? 12.516  -9.829  8.079   1.00 39.15 ? 107 GLU A CD  1 
ATOM   776  O OE1 . GLU A 1 106 ? 11.817  -10.769 8.575   1.00 38.34 ? 107 GLU A OE1 1 
ATOM   777  O OE2 . GLU A 1 106 ? 13.718  -9.965  7.760   1.00 39.03 ? 107 GLU A OE2 1 
ATOM   778  N N   . ASP A 1 107 ? 7.684   -7.287  9.111   1.00 19.96 ? 108 ASP A N   1 
ATOM   779  C CA  . ASP A 1 107 ? 6.269   -7.616  9.203   1.00 19.91 ? 108 ASP A CA  1 
ATOM   780  C C   . ASP A 1 107 ? 5.435   -6.381  8.797   1.00 24.00 ? 108 ASP A C   1 
ATOM   781  O O   . ASP A 1 107 ? 4.380   -6.538  8.214   1.00 23.05 ? 108 ASP A O   1 
ATOM   782  C CB  . ASP A 1 107 ? 5.877   -8.056  10.637  1.00 21.86 ? 108 ASP A CB  1 
ATOM   783  C CG  . ASP A 1 107 ? 6.216   -9.539  10.908  1.00 27.55 ? 108 ASP A CG  1 
ATOM   784  O OD1 . ASP A 1 107 ? 6.918   -10.130 10.091  1.00 30.34 ? 108 ASP A OD1 1 
ATOM   785  O OD2 . ASP A 1 107 ? 5.811   -10.122 11.923  1.00 30.29 ? 108 ASP A OD2 1 
ATOM   786  N N   . ILE A 1 108 ? 5.869   -5.179  9.175   1.00 18.99 ? 109 ILE A N   1 
ATOM   787  C CA  . ILE A 1 108 ? 5.143   -3.956  8.762   1.00 20.29 ? 109 ILE A CA  1 
ATOM   788  C C   . ILE A 1 108 ? 5.272   -3.745  7.239   1.00 20.04 ? 109 ILE A C   1 
ATOM   789  O O   . ILE A 1 108 ? 4.245   -3.477  6.550   1.00 21.50 ? 109 ILE A O   1 
ATOM   790  C CB  . ILE A 1 108 ? 5.722   -2.697  9.496   1.00 22.22 ? 109 ILE A CB  1 
ATOM   791  C CG1 . ILE A 1 108 ? 5.321   -2.699  10.942  1.00 20.70 ? 109 ILE A CG1 1 
ATOM   792  C CG2 . ILE A 1 108 ? 5.298   -1.399  8.819   1.00 21.46 ? 109 ILE A CG2 1 
ATOM   793  C CD1 . ILE A 1 108 ? 3.854   -2.330  11.217  1.00 21.57 ? 109 ILE A CD1 1 
ATOM   794  N N   . PHE A 1 109 ? 6.509   -3.789  6.719   1.00 18.27 ? 110 PHE A N   1 
ATOM   795  C CA  . PHE A 1 109 ? 6.734   -3.413  5.325   1.00 18.96 ? 110 PHE A CA  1 
ATOM   796  C C   . PHE A 1 109 ? 6.244   -4.518  4.390   1.00 20.05 ? 110 PHE A C   1 
ATOM   797  O O   . PHE A 1 109 ? 5.515   -4.242  3.425   1.00 18.74 ? 110 PHE A O   1 
ATOM   798  C CB  . PHE A 1 109 ? 8.191   -3.003  5.027   1.00 20.54 ? 110 PHE A CB  1 
ATOM   799  C CG  . PHE A 1 109 ? 8.497   -1.577  5.441   1.00 21.29 ? 110 PHE A CG  1 
ATOM   800  C CD1 . PHE A 1 109 ? 8.845   -1.274  6.762   1.00 23.35 ? 110 PHE A CD1 1 
ATOM   801  C CD2 . PHE A 1 109 ? 8.438   -0.556  4.512   1.00 23.07 ? 110 PHE A CD2 1 
ATOM   802  C CE1 . PHE A 1 109 ? 9.108   0.033   7.137   1.00 23.87 ? 110 PHE A CE1 1 
ATOM   803  C CE2 . PHE A 1 109 ? 8.727   0.749   4.891   1.00 23.83 ? 110 PHE A CE2 1 
ATOM   804  C CZ  . PHE A 1 109 ? 9.019   1.033   6.202   1.00 22.10 ? 110 PHE A CZ  1 
ATOM   805  N N   . ASN A 1 110 ? 6.555   -5.768  4.679   1.00 21.13 ? 111 ASN A N   1 
ATOM   806  C CA  . ASN A 1 110 ? 6.128   -6.820  3.739   1.00 23.46 ? 111 ASN A CA  1 
ATOM   807  C C   . ASN A 1 110 ? 4.592   -6.921  3.637   1.00 22.20 ? 111 ASN A C   1 
ATOM   808  O O   . ASN A 1 110 ? 4.023   -7.198  2.550   1.00 21.16 ? 111 ASN A O   1 
ATOM   809  C CB  . ASN A 1 110 ? 6.732   -8.191  4.109   1.00 22.64 ? 111 ASN A CB  1 
ATOM   810  C CG  . ASN A 1 110 ? 8.231   -8.283  3.843   1.00 28.78 ? 111 ASN A CG  1 
ATOM   811  O OD1 . ASN A 1 110 ? 8.842   -7.520  3.069   1.00 26.72 ? 111 ASN A OD1 1 
ATOM   812  N ND2 . ASN A 1 110 ? 8.849   -9.306  4.462   1.00 27.52 ? 111 ASN A ND2 1 
ATOM   813  N N   . THR A 1 111 ? 3.941   -6.745  4.773   1.00 21.97 ? 112 THR A N   1 
ATOM   814  C CA  . THR A 1 111 ? 2.504   -6.863  4.841   1.00 25.37 ? 112 THR A CA  1 
ATOM   815  C C   . THR A 1 111 ? 1.854   -5.713  4.062   1.00 22.75 ? 112 THR A C   1 
ATOM   816  O O   . THR A 1 111 ? 0.951   -5.972  3.263   1.00 19.85 ? 112 THR A O   1 
ATOM   817  C CB  . THR A 1 111 ? 1.960   -6.983  6.305   1.00 25.42 ? 112 THR A CB  1 
ATOM   818  O OG1 . THR A 1 111 ? 2.572   -8.066  6.968   1.00 24.93 ? 112 THR A OG1 1 
ATOM   819  C CG2 . THR A 1 111 ? 0.482   -7.292  6.297   1.00 28.38 ? 112 THR A CG2 1 
ATOM   820  N N   . SER A 1 112 ? 2.364   -4.489  4.259   1.00 21.41 ? 113 SER A N   1 
ATOM   821  C CA  . SER A 1 112 ? 1.833   -3.258  3.693   1.00 21.08 ? 113 SER A CA  1 
ATOM   822  C C   . SER A 1 112 ? 2.011   -3.272  2.199   1.00 21.73 ? 113 SER A C   1 
ATOM   823  O O   . SER A 1 112 ? 1.097   -2.921  1.442   1.00 22.94 ? 113 SER A O   1 
ATOM   824  C CB  . SER A 1 112 ? 2.650   -2.000  4.227   1.00 21.56 ? 113 SER A CB  1 
ATOM   825  O OG  . SER A 1 112 ? 2.518   -2.010  5.565   1.00 23.64 ? 113 SER A OG  1 
ATOM   826  N N   . ILE A 1 113 ? 3.193   -3.685  1.761   1.00 20.77 ? 114 ILE A N   1 
ATOM   827  C CA  . ILE A 1 113 ? 3.528   -3.673  0.361   1.00 21.99 ? 114 ILE A CA  1 
ATOM   828  C C   . ILE A 1 113 ? 2.791   -4.793  -0.381  1.00 21.92 ? 114 ILE A C   1 
ATOM   829  O O   . ILE A 1 113 ? 2.514   -4.664  -1.556  1.00 20.74 ? 114 ILE A O   1 
ATOM   830  C CB  . ILE A 1 113 ? 5.079   -3.692  0.202   1.00 23.76 ? 114 ILE A CB  1 
ATOM   831  C CG1 . ILE A 1 113 ? 5.622   -2.273  0.192   1.00 24.36 ? 114 ILE A CG1 1 
ATOM   832  C CG2 . ILE A 1 113 ? 5.542   -4.493  -0.962  1.00 28.57 ? 114 ILE A CG2 1 
ATOM   833  C CD1 . ILE A 1 113 ? 5.539   -1.598  1.554   1.00 30.31 ? 114 ILE A CD1 1 
ATOM   834  N N   . THR A 1 114 ? 2.457   -5.896  0.290   1.00 20.95 ? 115 THR A N   1 
ATOM   835  C CA  . THR A 1 114 ? 1.662   -6.913  -0.319  1.00 20.50 ? 115 THR A CA  1 
ATOM   836  C C   . THR A 1 114 ? 0.232   -6.383  -0.578  1.00 23.44 ? 115 THR A C   1 
ATOM   837  O O   . THR A 1 114 ? -0.335  -6.572  -1.674  1.00 21.42 ? 115 THR A O   1 
ATOM   838  C CB  . THR A 1 114 ? 1.648   -8.202  0.552   1.00 22.86 ? 115 THR A CB  1 
ATOM   839  O OG1 . THR A 1 114 ? 2.970   -8.671  0.693   1.00 21.33 ? 115 THR A OG1 1 
ATOM   840  C CG2 . THR A 1 114 ? 0.760   -9.338  -0.042  1.00 22.62 ? 115 THR A CG2 1 
ATOM   841  N N   . LEU A 1 115 ? -0.327  -5.691  0.408   1.00 21.96 ? 116 LEU A N   1 
ATOM   842  C CA  . LEU A 1 115 ? -1.634  -5.084  0.277   1.00 22.73 ? 116 LEU A CA  1 
ATOM   843  C C   . LEU A 1 115 ? -1.606  -4.096  -0.941  1.00 22.00 ? 116 LEU A C   1 
ATOM   844  O O   . LEU A 1 115 ? -2.414  -4.190  -1.868  1.00 19.49 ? 116 LEU A O   1 
ATOM   845  C CB  . LEU A 1 115 ? -2.031  -4.388  1.599   1.00 21.36 ? 116 LEU A CB  1 
ATOM   846  C CG  . LEU A 1 115 ? -3.422  -3.723  1.601   1.00 26.94 ? 116 LEU A CG  1 
ATOM   847  C CD1 . LEU A 1 115 ? -3.824  -3.316  3.011   1.00 29.45 ? 116 LEU A CD1 1 
ATOM   848  C CD2 . LEU A 1 115 ? -3.454  -2.476  0.727   1.00 30.28 ? 116 LEU A CD2 1 
ATOM   849  N N   . GLU A 1 116 ? -0.597  -3.223  -0.966  1.00 22.05 ? 117 GLU A N   1 
ATOM   850  C CA  . GLU A 1 116 ? -0.475  -2.273  -2.047  1.00 21.51 ? 117 GLU A CA  1 
ATOM   851  C C   . GLU A 1 116 ? -0.321  -2.957  -3.386  1.00 19.60 ? 117 GLU A C   1 
ATOM   852  O O   . GLU A 1 116 ? -0.919  -2.532  -4.394  1.00 20.11 ? 117 GLU A O   1 
ATOM   853  C CB  . GLU A 1 116 ? 0.636   -1.304  -1.804  1.00 21.73 ? 117 GLU A CB  1 
ATOM   854  C CG  . GLU A 1 116 ? 0.605   -0.173  -2.806  1.00 24.14 ? 117 GLU A CG  1 
ATOM   855  C CD  . GLU A 1 116 ? -0.365  0.932   -2.438  1.00 24.98 ? 117 GLU A CD  1 
ATOM   856  O OE1 . GLU A 1 116 ? -0.902  0.964   -1.300  1.00 30.50 ? 117 GLU A OE1 1 
ATOM   857  O OE2 . GLU A 1 116 ? -0.524  1.820   -3.283  1.00 27.65 ? 117 GLU A OE2 1 
ATOM   858  N N   . GLY A 1 117 ? 0.429   -4.045  -3.403  1.00 17.25 ? 118 GLY A N   1 
ATOM   859  C CA  . GLY A 1 117 ? 0.677   -4.776  -4.603  1.00 17.30 ? 118 GLY A CA  1 
ATOM   860  C C   . GLY A 1 117 ? -0.610  -5.379  -5.132  1.00 18.15 ? 118 GLY A C   1 
ATOM   861  O O   . GLY A 1 117 ? -0.754  -5.553  -6.317  1.00 20.59 ? 118 GLY A O   1 
ATOM   862  N N   . ASN A 1 118 ? -1.562  -5.681  -4.259  1.00 18.09 ? 119 ASN A N   1 
ATOM   863  C CA  . ASN A 1 118 ? -2.823  -6.245  -4.717  1.00 17.64 ? 119 ASN A CA  1 
ATOM   864  C C   . ASN A 1 118 ? -3.638  -5.164  -5.387  1.00 17.10 ? 119 ASN A C   1 
ATOM   865  O O   . ASN A 1 118 ? -4.367  -5.410  -6.340  1.00 18.73 ? 119 ASN A O   1 
ATOM   866  C CB  . ASN A 1 118 ? -3.606  -6.921  -3.575  1.00 18.76 ? 119 ASN A CB  1 
ATOM   867  C CG  . ASN A 1 118 ? -2.961  -8.220  -3.121  1.00 21.97 ? 119 ASN A CG  1 
ATOM   868  O OD1 . ASN A 1 118 ? -2.261  -8.859  -3.903  1.00 19.27 ? 119 ASN A OD1 1 
ATOM   869  N ND2 . ASN A 1 118 ? -3.212  -8.624  -1.854  1.00 22.37 ? 119 ASN A ND2 1 
ATOM   870  N N   . ILE A 1 119 ? -3.587  -3.975  -4.822  1.00 17.39 ? 120 ILE A N   1 
ATOM   871  C CA  . ILE A 1 119 ? -4.239  -2.810  -5.442  1.00 19.86 ? 120 ILE A CA  1 
ATOM   872  C C   . ILE A 1 119 ? -3.632  -2.485  -6.802  1.00 18.43 ? 120 ILE A C   1 
ATOM   873  O O   . ILE A 1 119 ? -4.349  -2.267  -7.772  1.00 19.59 ? 120 ILE A O   1 
ATOM   874  C CB  . ILE A 1 119 ? -4.198  -1.587  -4.505  1.00 20.28 ? 120 ILE A CB  1 
ATOM   875  C CG1 . ILE A 1 119 ? -5.188  -1.856  -3.376  1.00 24.70 ? 120 ILE A CG1 1 
ATOM   876  C CG2 . ILE A 1 119 ? -4.574  -0.308  -5.250  1.00 24.38 ? 120 ILE A CG2 1 
ATOM   877  C CD1 . ILE A 1 119 ? -5.094  -0.939  -2.204  1.00 28.52 ? 120 ILE A CD1 1 
ATOM   878  N N   . ASP A 1 120 ? -2.325  -2.412  -6.843  1.00 18.32 ? 121 ASP A N   1 
ATOM   879  C CA  . ASP A 1 120 ? -1.575  -2.100  -8.096  1.00 20.16 ? 121 ASP A CA  1 
ATOM   880  C C   . ASP A 1 120 ? -1.910  -3.090  -9.203  1.00 20.13 ? 121 ASP A C   1 
ATOM   881  O O   . ASP A 1 120 ? -2.181  -2.701  -10.345 1.00 19.77 ? 121 ASP A O   1 
ATOM   882  C CB  . ASP A 1 120 ? -0.090  -2.171  -7.806  1.00 23.73 ? 121 ASP A CB  1 
ATOM   883  C CG  . ASP A 1 120 ? 0.737   -1.580  -8.951  1.00 30.05 ? 121 ASP A CG  1 
ATOM   884  O OD1 . ASP A 1 120 ? 0.676   -0.364  -9.175  1.00 33.27 ? 121 ASP A OD1 1 
ATOM   885  O OD2 . ASP A 1 120 ? 1.305   -2.350  -9.690  1.00 30.57 ? 121 ASP A OD2 1 
ATOM   886  N N   . TYR A 1 121 ? -1.898  -4.385  -8.868  1.00 18.39 ? 122 TYR A N   1 
ATOM   887  C CA  . TYR A 1 121 ? -2.216  -5.444  -9.806  1.00 18.50 ? 122 TYR A CA  1 
ATOM   888  C C   . TYR A 1 121 ? -3.624  -5.327  -10.314 1.00 20.24 ? 122 TYR A C   1 
ATOM   889  O O   . TYR A 1 121 ? -3.889  -5.503  -11.493 1.00 20.35 ? 122 TYR A O   1 
ATOM   890  C CB  . TYR A 1 121 ? -1.983  -6.832  -9.177  1.00 19.16 ? 122 TYR A CB  1 
ATOM   891  C CG  . TYR A 1 121 ? -2.071  -7.963  -10.167 1.00 19.91 ? 122 TYR A CG  1 
ATOM   892  C CD1 . TYR A 1 121 ? -0.959  -8.380  -10.868 1.00 22.09 ? 122 TYR A CD1 1 
ATOM   893  C CD2 . TYR A 1 121 ? -3.261  -8.617  -10.388 1.00 22.93 ? 122 TYR A CD2 1 
ATOM   894  C CE1 . TYR A 1 121 ? -1.021  -9.444  -11.790 1.00 22.88 ? 122 TYR A CE1 1 
ATOM   895  C CE2 . TYR A 1 121 ? -3.380  -9.657  -11.320 1.00 25.42 ? 122 TYR A CE2 1 
ATOM   896  C CZ  . TYR A 1 121 ? -2.246  -10.098 -12.015 1.00 26.05 ? 122 TYR A CZ  1 
ATOM   897  O OH  . TYR A 1 121 ? -2.347  -11.177 -12.930 1.00 29.20 ? 122 TYR A OH  1 
ATOM   898  N N   . THR A 1 122 ? -4.556  -5.035  -9.410  1.00 20.28 ? 123 THR A N   1 
ATOM   899  C CA  . THR A 1 122 ? -5.906  -4.858  -9.824  1.00 21.92 ? 123 THR A CA  1 
ATOM   900  C C   . THR A 1 122 ? -6.037  -3.646  -10.783 1.00 22.81 ? 123 THR A C   1 
ATOM   901  O O   . THR A 1 122 ? -6.775  -3.736  -11.752 1.00 22.94 ? 123 THR A O   1 
ATOM   902  C CB  . THR A 1 122 ? -6.849  -4.717  -8.595  1.00 24.75 ? 123 THR A CB  1 
ATOM   903  O OG1 . THR A 1 122 ? -6.678  -5.877  -7.749  1.00 22.02 ? 123 THR A OG1 1 
ATOM   904  C CG2 . THR A 1 122 ? -8.300  -4.663  -9.029  1.00 26.07 ? 123 THR A CG2 1 
ATOM   905  N N   . ILE A 1 123 ? -5.320  -2.552  -10.512 1.00 20.45 ? 124 ILE A N   1 
ATOM   906  C CA  . ILE A 1 123 ? -5.439  -1.385  -11.362 1.00 24.62 ? 124 ILE A CA  1 
ATOM   907  C C   . ILE A 1 123 ? -4.899  -1.678  -12.776 1.00 26.68 ? 124 ILE A C   1 
ATOM   908  O O   . ILE A 1 123 ? -5.622  -1.421  -13.755 1.00 27.61 ? 124 ILE A O   1 
ATOM   909  C CB  . ILE A 1 123 ? -4.783  -0.142  -10.755 1.00 25.09 ? 124 ILE A CB  1 
ATOM   910  C CG1 . ILE A 1 123 ? -5.509  0.235   -9.491  1.00 29.04 ? 124 ILE A CG1 1 
ATOM   911  C CG2 . ILE A 1 123 ? -4.843  0.977   -11.776 1.00 26.94 ? 124 ILE A CG2 1 
ATOM   912  C CD1 . ILE A 1 123 ? -4.708  1.167   -8.582  1.00 29.99 ? 124 ILE A CD1 1 
ATOM   913  N N   . ILE A 1 124 ? -3.717  -2.328  -12.874 1.00 22.90 ? 125 ILE A N   1 
ATOM   914  C CA  . ILE A 1 124 ? -3.187  -2.669  -14.203 1.00 26.68 ? 125 ILE A CA  1 
ATOM   915  C C   . ILE A 1 124 ? -4.021  -3.697  -14.933 1.00 24.88 ? 125 ILE A C   1 
ATOM   916  O O   . ILE A 1 124 ? -4.042  -3.721  -16.157 1.00 26.19 ? 125 ILE A O   1 
ATOM   917  C CB  . ILE A 1 124 ? -1.702  -3.046  -14.190 1.00 25.62 ? 125 ILE A CB  1 
ATOM   918  C CG1 . ILE A 1 124 ? -1.438  -4.323  -13.426 1.00 26.16 ? 125 ILE A CG1 1 
ATOM   919  C CG2 . ILE A 1 124 ? -0.892  -1.934  -13.525 1.00 31.04 ? 125 ILE A CG2 1 
ATOM   920  C CD1 . ILE A 1 124 ? 0.039   -4.510  -13.167 1.00 32.70 ? 125 ILE A CD1 1 
ATOM   921  N N   . HIS A 1 125 ? -4.736  -4.528  -14.182 1.00 21.76 ? 126 HIS A N   1 
ATOM   922  C CA  . HIS A 1 125 ? -5.666  -5.415  -14.789 1.00 21.79 ? 126 HIS A CA  1 
ATOM   923  C C   . HIS A 1 125 ? -6.877  -4.730  -15.424 1.00 22.95 ? 126 HIS A C   1 
ATOM   924  O O   . HIS A 1 125 ? -7.372  -5.124  -16.515 1.00 19.04 ? 126 HIS A O   1 
ATOM   925  C CB  . HIS A 1 125 ? -6.191  -6.341  -13.732 1.00 21.14 ? 126 HIS A CB  1 
ATOM   926  C CG  . HIS A 1 125 ? -7.142  -7.319  -14.255 1.00 21.81 ? 126 HIS A CG  1 
ATOM   927  N ND1 . HIS A 1 125 ? -6.752  -8.372  -15.062 1.00 28.48 ? 126 HIS A ND1 1 
ATOM   928  C CD2 . HIS A 1 125 ? -8.472  -7.444  -14.087 1.00 22.21 ? 126 HIS A CD2 1 
ATOM   929  C CE1 . HIS A 1 125 ? -7.814  -9.061  -15.419 1.00 24.19 ? 126 HIS A CE1 1 
ATOM   930  N NE2 . HIS A 1 125 ? -8.860  -8.558  -14.797 1.00 23.34 ? 126 HIS A NE2 1 
ATOM   931  N N   . LEU A 1 126 ? -7.422  -3.761  -14.714 1.00 20.73 ? 127 LEU A N   1 
ATOM   932  C CA  . LEU A 1 126 ? -8.670  -3.133  -15.156 1.00 21.78 ? 127 LEU A CA  1 
ATOM   933  C C   . LEU A 1 126 ? -8.483  -2.034  -16.209 1.00 21.76 ? 127 LEU A C   1 
ATOM   934  O O   . LEU A 1 126 ? -9.355  -1.851  -17.104 1.00 25.60 ? 127 LEU A O   1 
ATOM   935  C CB  . LEU A 1 126 ? -9.419  -2.569  -13.918 1.00 21.61 ? 127 LEU A CB  1 
ATOM   936  C CG  . LEU A 1 126 ? -10.030 -3.557  -12.927 1.00 22.25 ? 127 LEU A CG  1 
ATOM   937  C CD1 . LEU A 1 126 ? -10.647 -2.829  -11.734 1.00 22.51 ? 127 LEU A CD1 1 
ATOM   938  C CD2 . LEU A 1 126 ? -11.131 -4.368  -13.571 1.00 24.61 ? 127 LEU A CD2 1 
ATOM   939  N N   . TYR A 1 127 ? -7.406  -1.273  -16.066 1.00 22.18 ? 128 TYR A N   1 
ATOM   940  C CA  . TYR A 1 127 ? -7.142  -0.097  -16.862 1.00 23.49 ? 128 TYR A CA  1 
ATOM   941  C C   . TYR A 1 127 ? -7.236  -0.369  -18.392 1.00 28.26 ? 128 TYR A C   1 
ATOM   942  O O   . TYR A 1 127 ? -8.041  0.335   -19.089 1.00 27.71 ? 128 TYR A O   1 
ATOM   943  C CB  . TYR A 1 127 ? -5.925  0.693   -16.391 1.00 25.07 ? 128 TYR A CB  1 
ATOM   944  C CG  . TYR A 1 127 ? -5.761  1.988   -17.192 1.00 29.52 ? 128 TYR A CG  1 
ATOM   945  C CD1 . TYR A 1 127 ? -6.489  3.142   -16.866 1.00 28.67 ? 128 TYR A CD1 1 
ATOM   946  C CD2 . TYR A 1 127 ? -4.928  2.039   -18.314 1.00 31.75 ? 128 TYR A CD2 1 
ATOM   947  C CE1 . TYR A 1 127 ? -6.380  4.319   -17.619 1.00 32.87 ? 128 TYR A CE1 1 
ATOM   948  C CE2 . TYR A 1 127 ? -4.807  3.220   -19.081 1.00 35.74 ? 128 TYR A CE2 1 
ATOM   949  C CZ  . TYR A 1 127 ? -5.528  4.362   -18.721 1.00 35.00 ? 128 TYR A CZ  1 
ATOM   950  O OH  . TYR A 1 127 ? -5.479  5.496   -19.510 1.00 33.09 ? 128 TYR A OH  1 
ATOM   951  N N   . PRO A 1 128 ? -6.579  -1.435  -18.874 1.00 27.51 ? 129 PRO A N   1 
ATOM   952  C CA  . PRO A 1 128 ? -6.585  -1.730  -20.332 1.00 27.53 ? 129 PRO A CA  1 
ATOM   953  C C   . PRO A 1 128 ? -7.896  -2.170  -20.793 1.00 25.75 ? 129 PRO A C   1 
ATOM   954  O O   . PRO A 1 128 ? -8.157  -2.156  -21.991 1.00 31.69 ? 129 PRO A O   1 
ATOM   955  C CB  . PRO A 1 128 ? -5.546  -2.851  -20.490 1.00 26.48 ? 129 PRO A CB  1 
ATOM   956  C CG  . PRO A 1 128 ? -4.700  -2.766  -19.255 1.00 28.77 ? 129 PRO A CG  1 
ATOM   957  C CD  . PRO A 1 128 ? -5.569  -2.250  -18.153 1.00 28.35 ? 129 PRO A CD  1 
ATOM   958  N N   . LYS A 1 129 ? -8.743  -2.614  -19.864 1.00 24.02 ? 130 LYS A N   1 
ATOM   959  C CA  . LYS A 1 129 ? -10.045 -3.097  -20.198 1.00 24.53 ? 130 LYS A CA  1 
ATOM   960  C C   . LYS A 1 129 ? -11.226 -2.126  -19.987 1.00 28.64 ? 130 LYS A C   1 
ATOM   961  O O   . LYS A 1 129 ? -12.395 -2.511  -20.137 1.00 27.63 ? 130 LYS A O   1 
ATOM   962  C CB  . LYS A 1 129 ? -10.363 -4.354  -19.361 1.00 28.18 ? 130 LYS A CB  1 
ATOM   963  C CG  . LYS A 1 129 ? -9.275  -5.436  -19.436 1.00 27.27 ? 130 LYS A CG  1 
ATOM   964  C CD  . LYS A 1 129 ? -9.597  -6.506  -18.421 1.00 29.31 ? 130 LYS A CD  1 
ATOM   965  C CE  . LYS A 1 129 ? -8.651  -7.711  -18.530 1.00 28.98 ? 130 LYS A CE  1 
ATOM   966  N NZ  . LYS A 1 129 ? -7.254  -7.319  -18.209 1.00 27.91 ? 130 LYS A NZ  1 
ATOM   967  N N   . LYS A 1 130 ? -10.926 -0.912  -19.593 1.00 28.33 ? 131 LYS A N   1 
ATOM   968  C CA  . LYS A 1 130 ? -11.950 -0.050  -19.053 1.00 32.73 ? 131 LYS A CA  1 
ATOM   969  C C   . LYS A 1 130 ? -12.987 0.403   -20.132 1.00 33.99 ? 131 LYS A C   1 
ATOM   970  O O   . LYS A 1 130 ? -14.091 0.764   -19.806 1.00 32.11 ? 131 LYS A O   1 
ATOM   971  C CB  . LYS A 1 130 ? -11.286 1.175   -18.452 1.00 30.04 ? 131 LYS A CB  1 
ATOM   972  C CG  . LYS A 1 130 ? -10.766 2.120   -19.480 1.00 32.87 ? 131 LYS A CG  1 
ATOM   973  C CD  . LYS A 1 130 ? -9.900  3.198   -18.925 1.00 36.92 ? 131 LYS A CD  1 
ATOM   974  C CE  . LYS A 1 130 ? -9.754  4.295   -19.987 1.00 42.90 ? 131 LYS A CE  1 
ATOM   975  N NZ  . LYS A 1 130 ? -8.502  4.194   -20.751 1.00 53.06 ? 131 LYS A NZ  1 
ATOM   976  N N   . ASP A 1 131 ? -12.590 0.416   -21.396 1.00 35.38 ? 132 ASP A N   1 
ATOM   977  C CA  . ASP A 1 131 ? -13.527 0.795   -22.471 1.00 38.04 ? 132 ASP A CA  1 
ATOM   978  C C   . ASP A 1 131 ? -14.407 -0.335  -22.894 1.00 36.61 ? 132 ASP A C   1 
ATOM   979  O O   . ASP A 1 131 ? -15.324 -0.156  -23.693 1.00 40.16 ? 132 ASP A O   1 
ATOM   980  C CB  . ASP A 1 131 ? -12.767 1.439   -23.617 1.00 40.28 ? 132 ASP A CB  1 
ATOM   981  C CG  . ASP A 1 131 ? -12.120 2.735   -23.181 1.00 43.08 ? 132 ASP A CG  1 
ATOM   982  O OD1 . ASP A 1 131 ? -12.637 3.393   -22.234 1.00 44.73 ? 132 ASP A OD1 1 
ATOM   983  O OD2 . ASP A 1 131 ? -11.081 3.092   -23.747 1.00 47.38 ? 132 ASP A OD2 1 
ATOM   984  N N   . ASN A 1 132 ? -14.207 -1.482  -22.259 1.00 33.54 ? 133 ASN A N   1 
ATOM   985  C CA  . ASN A 1 132 ? -14.923 -2.680  -22.534 1.00 32.70 ? 133 ASN A CA  1 
ATOM   986  C C   . ASN A 1 132 ? -15.892 -3.039  -21.470 1.00 32.25 ? 133 ASN A C   1 
ATOM   987  O O   . ASN A 1 132 ? -16.423 -4.139  -21.544 1.00 27.36 ? 133 ASN A O   1 
ATOM   988  C CB  . ASN A 1 132 ? -13.968 -3.873  -22.643 1.00 39.37 ? 133 ASN A CB  1 
ATOM   989  C CG  . ASN A 1 132 ? -13.010 -3.741  -23.781 1.00 47.68 ? 133 ASN A CG  1 
ATOM   990  O OD1 . ASN A 1 132 ? -12.969 -4.598  -24.647 1.00 64.29 ? 133 ASN A OD1 1 
ATOM   991  N ND2 . ASN A 1 132 ? -12.196 -2.681  -23.772 1.00 56.83 ? 133 ASN A ND2 1 
ATOM   992  N N   . LEU A 1 133 ? -16.086 -2.167  -20.463 1.00 29.77 ? 134 LEU A N   1 
ATOM   993  C CA  . LEU A 1 133 ? -16.966 -2.455  -19.351 1.00 28.49 ? 134 LEU A CA  1 
ATOM   994  C C   . LEU A 1 133 ? -18.347 -2.639  -19.806 1.00 30.54 ? 134 LEU A C   1 
ATOM   995  O O   . LEU A 1 133 ? -19.111 -3.310  -19.099 1.00 30.22 ? 134 LEU A O   1 
ATOM   996  C CB  . LEU A 1 133 ? -16.914 -1.409  -18.228 1.00 32.60 ? 134 LEU A CB  1 
ATOM   997  C CG  . LEU A 1 133 ? -15.562 -1.350  -17.468 1.00 38.62 ? 134 LEU A CG  1 
ATOM   998  C CD1 . LEU A 1 133 ? -15.289 -0.034  -16.739 1.00 39.50 ? 134 LEU A CD1 1 
ATOM   999  C CD2 . LEU A 1 133 ? -15.481 -2.534  -16.503 1.00 43.36 ? 134 LEU A CD2 1 
ATOM   1000 N N   . ASN A 1 134 ? -18.705 -2.100  -20.984 1.00 34.29 ? 135 ASN A N   1 
ATOM   1001 C CA  . ASN A 1 134 ? -20.116 -2.225  -21.422 1.00 38.87 ? 135 ASN A CA  1 
ATOM   1002 C C   . ASN A 1 134 ? -20.495 -3.695  -21.744 1.00 41.95 ? 135 ASN A C   1 
ATOM   1003 O O   . ASN A 1 134 ? -21.679 -4.037  -21.771 1.00 40.81 ? 135 ASN A O   1 
ATOM   1004 C CB  . ASN A 1 134 ? -20.463 -1.270  -22.601 1.00 37.31 ? 135 ASN A CB  1 
ATOM   1005 C CG  . ASN A 1 134 ? -19.638 -1.534  -23.856 1.00 40.26 ? 135 ASN A CG  1 
ATOM   1006 O OD1 . ASN A 1 134 ? -19.215 -2.671  -24.157 1.00 40.66 ? 135 ASN A OD1 1 
ATOM   1007 N ND2 . ASN A 1 134 ? -19.400 -0.485  -24.604 1.00 40.02 ? 135 ASN A ND2 1 
ATOM   1008 N N   . LYS A 1 135 ? -19.517 -4.578  -21.948 1.00 37.64 ? 136 LYS A N   1 
ATOM   1009 C CA  . LYS A 1 135 ? -19.890 -6.021  -22.102 1.00 43.74 ? 136 LYS A CA  1 
ATOM   1010 C C   . LYS A 1 135 ? -20.457 -6.655  -20.826 1.00 44.82 ? 136 LYS A C   1 
ATOM   1011 O O   . LYS A 1 135 ? -21.063 -7.734  -20.887 1.00 42.26 ? 136 LYS A O   1 
ATOM   1012 C CB  . LYS A 1 135 ? -18.713 -6.837  -22.645 1.00 45.16 ? 136 LYS A CB  1 
ATOM   1013 C CG  . LYS A 1 135 ? -18.216 -6.322  -23.979 1.00 48.20 ? 136 LYS A CG  1 
ATOM   1014 C CD  . LYS A 1 135 ? -16.900 -6.989  -24.293 1.00 56.69 ? 136 LYS A CD  1 
ATOM   1015 C CE  . LYS A 1 135 ? -16.489 -6.793  -25.748 1.00 61.20 ? 136 LYS A CE  1 
ATOM   1016 N NZ  . LYS A 1 135 ? -15.344 -7.686  -26.089 1.00 58.15 ? 136 LYS A NZ  1 
ATOM   1017 N N   . LEU A 1 136 ? -20.316 -5.992  -19.670 1.00 41.36 ? 137 LEU A N   1 
ATOM   1018 C CA  . LEU A 1 136 ? -20.831 -6.556  -18.438 1.00 37.68 ? 137 LEU A CA  1 
ATOM   1019 C C   . LEU A 1 136 ? -22.287 -6.191  -18.241 1.00 38.94 ? 137 LEU A C   1 
ATOM   1020 O O   . LEU A 1 136 ? -22.747 -5.107  -18.618 1.00 36.70 ? 137 LEU A O   1 
ATOM   1021 C CB  . LEU A 1 136 ? -19.992 -6.153  -17.182 1.00 35.51 ? 137 LEU A CB  1 
ATOM   1022 C CG  . LEU A 1 136 ? -18.491 -6.493  -17.206 1.00 40.46 ? 137 LEU A CG  1 
ATOM   1023 C CD1 . LEU A 1 136 ? -17.798 -5.787  -16.035 1.00 43.82 ? 137 LEU A CD1 1 
ATOM   1024 C CD2 . LEU A 1 136 ? -18.274 -8.006  -17.135 1.00 42.31 ? 137 LEU A CD2 1 
ATOM   1025 N N   . LYS A 1 137 ? -23.006 -7.078  -17.568 1.00 37.47 ? 138 LYS A N   1 
ATOM   1026 C CA  . LYS A 1 137 ? -24.347 -6.762  -17.118 1.00 41.56 ? 138 LYS A CA  1 
ATOM   1027 C C   . LYS A 1 137 ? -24.295 -5.924  -15.848 1.00 38.24 ? 138 LYS A C   1 
ATOM   1028 O O   . LYS A 1 137 ? -23.233 -5.847  -15.191 1.00 31.67 ? 138 LYS A O   1 
ATOM   1029 C CB  . LYS A 1 137 ? -25.158 -8.075  -16.935 1.00 49.81 ? 138 LYS A CB  1 
ATOM   1030 C CG  . LYS A 1 137 ? -26.600 -7.884  -16.468 1.00 56.25 ? 138 LYS A CG  1 
ATOM   1031 C CD  . LYS A 1 137 ? -26.735 -8.209  -14.990 1.00 57.92 ? 138 LYS A CD  1 
ATOM   1032 C CE  . LYS A 1 137 ? -28.062 -7.764  -14.413 1.00 52.62 ? 138 LYS A CE  1 
ATOM   1033 N NZ  . LYS A 1 137 ? -28.513 -8.843  -13.492 1.00 61.01 ? 138 LYS A NZ  1 
ATOM   1034 N N   . ILE A 1 138 ? -25.439 -5.292  -15.527 1.00 37.67 ? 139 ILE A N   1 
ATOM   1035 C CA  . ILE A 1 138 ? -25.600 -4.347  -14.415 1.00 42.66 ? 139 ILE A CA  1 
ATOM   1036 C C   . ILE A 1 138 ? -25.099 -4.901  -13.071 1.00 40.97 ? 139 ILE A C   1 
ATOM   1037 O O   . ILE A 1 138 ? -24.378 -4.219  -12.348 1.00 34.00 ? 139 ILE A O   1 
ATOM   1038 C CB  . ILE A 1 138 ? -27.057 -3.858  -14.269 1.00 45.83 ? 139 ILE A CB  1 
ATOM   1039 C CG1 . ILE A 1 138 ? -27.465 -2.991  -15.478 1.00 50.17 ? 139 ILE A CG1 1 
ATOM   1040 C CG2 . ILE A 1 138 ? -27.261 -3.019  -12.995 1.00 47.10 ? 139 ILE A CG2 1 
ATOM   1041 C CD1 . ILE A 1 138 ? -28.856 -2.371  -15.326 1.00 48.03 ? 139 ILE A CD1 1 
ATOM   1042 N N   . SER A 1 139 ? -25.498 -6.121  -12.743 1.00 40.65 ? 140 SER A N   1 
ATOM   1043 C CA  . SER A 1 139 ? -25.155 -6.724  -11.462 1.00 36.67 ? 140 SER A CA  1 
ATOM   1044 C C   . SER A 1 139 ? -23.667 -7.004  -11.371 1.00 29.98 ? 140 SER A C   1 
ATOM   1045 O O   . SER A 1 139 ? -23.115 -6.846  -10.290 1.00 36.93 ? 140 SER A O   1 
ATOM   1046 C CB  . SER A 1 139 ? -26.004 -7.988  -11.201 1.00 37.73 ? 140 SER A CB  1 
ATOM   1047 O OG  . SER A 1 139 ? -25.701 -9.005  -12.146 1.00 34.38 ? 140 SER A OG  1 
ATOM   1048 N N   . ASP A 1 140 ? -23.010 -7.429  -12.452 1.00 30.97 ? 141 ASP A N   1 
ATOM   1049 C CA  . ASP A 1 140 ? -21.532 -7.574  -12.499 1.00 31.06 ? 141 ASP A CA  1 
ATOM   1050 C C   . ASP A 1 140 ? -20.825 -6.197  -12.300 1.00 33.40 ? 141 ASP A C   1 
ATOM   1051 O O   . ASP A 1 140 ? -19.754 -6.124  -11.689 1.00 28.51 ? 141 ASP A O   1 
ATOM   1052 C CB  . ASP A 1 140 ? -21.055 -8.081  -13.848 1.00 37.29 ? 141 ASP A CB  1 
ATOM   1053 C CG  . ASP A 1 140 ? -21.259 -9.569  -14.057 1.00 44.07 ? 141 ASP A CG  1 
ATOM   1054 O OD1 . ASP A 1 140 ? -21.567 -10.300 -13.108 1.00 46.58 ? 141 ASP A OD1 1 
ATOM   1055 O OD2 . ASP A 1 140 ? -21.076 -9.992  -15.207 1.00 58.30 ? 141 ASP A OD2 1 
ATOM   1056 N N   . LEU A 1 141 ? -21.381 -5.138  -12.899 1.00 33.77 ? 142 LEU A N   1 
ATOM   1057 C CA  . LEU A 1 141 ? -20.800 -3.784  -12.791 1.00 33.13 ? 142 LEU A CA  1 
ATOM   1058 C C   . LEU A 1 141 ? -20.969 -3.294  -11.395 1.00 31.85 ? 142 LEU A C   1 
ATOM   1059 O O   . LEU A 1 141 ? -20.071 -2.682  -10.864 1.00 26.68 ? 142 LEU A O   1 
ATOM   1060 C CB  . LEU A 1 141 ? -21.497 -2.748  -13.749 1.00 35.03 ? 142 LEU A CB  1 
ATOM   1061 C CG  . LEU A 1 141 ? -21.204 -2.886  -15.239 1.00 37.91 ? 142 LEU A CG  1 
ATOM   1062 C CD1 . LEU A 1 141 ? -22.167 -1.977  -16.015 1.00 36.52 ? 142 LEU A CD1 1 
ATOM   1063 C CD2 . LEU A 1 141 ? -19.730 -2.616  -15.606 1.00 38.97 ? 142 LEU A CD2 1 
ATOM   1064 N N   . GLU A 1 142 ? -22.169 -3.479  -10.830 1.00 28.50 ? 143 GLU A N   1 
ATOM   1065 C CA  . GLU A 1 142 ? -22.422 -3.148  -9.455  1.00 30.62 ? 143 GLU A CA  1 
ATOM   1066 C C   . GLU A 1 142 ? -21.444 -3.871  -8.478  1.00 31.08 ? 143 GLU A C   1 
ATOM   1067 O O   . GLU A 1 142 ? -20.881 -3.283  -7.553  1.00 23.66 ? 143 GLU A O   1 
ATOM   1068 C CB  . GLU A 1 142 ? -23.828 -3.527  -9.113  1.00 36.65 ? 143 GLU A CB  1 
ATOM   1069 C CG  . GLU A 1 142 ? -24.256 -2.975  -7.788  1.00 44.02 ? 143 GLU A CG  1 
ATOM   1070 C CD  . GLU A 1 142 ? -25.761 -2.777  -7.744  1.00 55.97 ? 143 GLU A CD  1 
ATOM   1071 O OE1 . GLU A 1 142 ? -26.451 -3.302  -8.654  1.00 58.43 ? 143 GLU A OE1 1 
ATOM   1072 O OE2 . GLU A 1 142 ? -26.237 -2.091  -6.805  1.00 60.50 ? 143 GLU A OE2 1 
ATOM   1073 N N   . ASN A 1 143 ? -21.236 -5.148  -8.736  1.00 29.20 ? 144 ASN A N   1 
ATOM   1074 C CA  . ASN A 1 143 ? -20.357 -5.963  -7.914  1.00 30.11 ? 144 ASN A CA  1 
ATOM   1075 C C   . ASN A 1 143 ? -18.914 -5.457  -8.049  1.00 26.89 ? 144 ASN A C   1 
ATOM   1076 O O   . ASN A 1 143 ? -18.259 -5.205  -7.038  1.00 26.41 ? 144 ASN A O   1 
ATOM   1077 C CB  . ASN A 1 143 ? -20.508 -7.429  -8.325  1.00 33.20 ? 144 ASN A CB  1 
ATOM   1078 C CG  . ASN A 1 143 ? -19.846 -8.363  -7.366  1.00 39.10 ? 144 ASN A CG  1 
ATOM   1079 O OD1 . ASN A 1 143 ? -20.035 -8.280  -6.157  1.00 41.15 ? 144 ASN A OD1 1 
ATOM   1080 N ND2 . ASN A 1 143 ? -19.052 -9.253  -7.896  1.00 42.63 ? 144 ASN A ND2 1 
ATOM   1081 N N   . LEU A 1 144 ? -18.493 -5.218  -9.282  1.00 24.29 ? 145 LEU A N   1 
ATOM   1082 C CA  . LEU A 1 144 ? -17.173 -4.751  -9.582  1.00 26.89 ? 145 LEU A CA  1 
ATOM   1083 C C   . LEU A 1 144 ? -16.893 -3.420  -8.904  1.00 28.21 ? 145 LEU A C   1 
ATOM   1084 O O   . LEU A 1 144 ? -15.794 -3.212  -8.326  1.00 24.54 ? 145 LEU A O   1 
ATOM   1085 C CB  . LEU A 1 144 ? -16.934 -4.681  -11.101 1.00 27.16 ? 145 LEU A CB  1 
ATOM   1086 C CG  . LEU A 1 144 ? -15.649 -4.070  -11.622 1.00 28.46 ? 145 LEU A CG  1 
ATOM   1087 C CD1 . LEU A 1 144 ? -14.427 -4.788  -11.067 1.00 29.18 ? 145 LEU A CD1 1 
ATOM   1088 C CD2 . LEU A 1 144 ? -15.608 -4.070  -13.165 1.00 32.02 ? 145 LEU A CD2 1 
ATOM   1089 N N   . LYS A 1 145 ? -17.869 -2.518  -8.979  1.00 24.48 ? 146 LYS A N   1 
ATOM   1090 C CA  . LYS A 1 145 ? -17.710 -1.236  -8.340  1.00 24.59 ? 146 LYS A CA  1 
ATOM   1091 C C   . LYS A 1 145 ? -17.579 -1.381  -6.823  1.00 21.98 ? 146 LYS A C   1 
ATOM   1092 O O   . LYS A 1 145 ? -16.727 -0.778  -6.234  1.00 22.49 ? 146 LYS A O   1 
ATOM   1093 C CB  . LYS A 1 145 ? -18.848 -0.283  -8.691  1.00 25.19 ? 146 LYS A CB  1 
ATOM   1094 C CG  . LYS A 1 145 ? -18.751 1.083   -7.950  1.00 27.99 ? 146 LYS A CG  1 
ATOM   1095 C CD  . LYS A 1 145 ? -20.102 1.791   -7.989  1.00 33.38 ? 146 LYS A CD  1 
ATOM   1096 C CE  . LYS A 1 145 ? -20.036 3.277   -7.636  1.00 34.84 ? 146 LYS A CE  1 
ATOM   1097 N NZ  . LYS A 1 145 ? -20.182 3.409   -6.176  1.00 36.34 ? 146 LYS A NZ  1 
ATOM   1098 N N   . ASN A 1 146 ? -18.452 -2.134  -6.194  1.00 24.38 ? 147 ASN A N   1 
ATOM   1099 C CA  . ASN A 1 146 ? -18.388 -2.325  -4.774  1.00 24.36 ? 147 ASN A CA  1 
ATOM   1100 C C   . ASN A 1 146 ? -17.062 -3.025  -4.360  1.00 22.64 ? 147 ASN A C   1 
ATOM   1101 O O   . ASN A 1 146 ? -16.504 -2.655  -3.347  1.00 21.73 ? 147 ASN A O   1 
ATOM   1102 C CB  . ASN A 1 146 ? -19.558 -3.176  -4.304  1.00 31.19 ? 147 ASN A CB  1 
ATOM   1103 C CG  . ASN A 1 146 ? -20.914 -2.465  -4.449  1.00 37.89 ? 147 ASN A CG  1 
ATOM   1104 O OD1 . ASN A 1 146 ? -21.017 -1.229  -4.463  1.00 42.35 ? 147 ASN A OD1 1 
ATOM   1105 N ND2 . ASN A 1 146 ? -21.961 -3.257  -4.552  1.00 40.27 ? 147 ASN A ND2 1 
ATOM   1106 N N   . LEU A 1 147 ? -16.608 -4.029  -5.111  1.00 21.65 ? 148 LEU A N   1 
ATOM   1107 C CA  . LEU A 1 147 ? -15.330 -4.733  -4.792  1.00 22.67 ? 148 LEU A CA  1 
ATOM   1108 C C   . LEU A 1 147 ? -14.130 -3.766  -4.881  1.00 22.17 ? 148 LEU A C   1 
ATOM   1109 O O   . LEU A 1 147 ? -13.288 -3.681  -3.997  1.00 20.66 ? 148 LEU A O   1 
ATOM   1110 C CB  . LEU A 1 147 ? -15.138 -5.930  -5.686  1.00 23.32 ? 148 LEU A CB  1 
ATOM   1111 C CG  . LEU A 1 147 ? -16.099 -7.115  -5.466  1.00 22.63 ? 148 LEU A CG  1 
ATOM   1112 C CD1 . LEU A 1 147 ? -15.941 -8.097  -6.590  1.00 25.44 ? 148 LEU A CD1 1 
ATOM   1113 C CD2 . LEU A 1 147 ? -15.821 -7.843  -4.180  1.00 23.42 ? 148 LEU A CD2 1 
ATOM   1114 N N   . PHE A 1 148 ? -14.122 -2.949  -5.919  1.00 22.24 ? 149 PHE A N   1 
ATOM   1115 C CA  . PHE A 1 148 ? -13.001 -2.037  -6.154  1.00 21.39 ? 149 PHE A CA  1 
ATOM   1116 C C   . PHE A 1 148 ? -12.928 -0.955  -5.110  1.00 19.76 ? 149 PHE A C   1 
ATOM   1117 O O   . PHE A 1 148 ? -11.845 -0.601  -4.585  1.00 19.01 ? 149 PHE A O   1 
ATOM   1118 C CB  . PHE A 1 148 ? -13.107 -1.425  -7.554  1.00 21.95 ? 149 PHE A CB  1 
ATOM   1119 C CG  . PHE A 1 148 ? -11.852 -0.763  -7.987  1.00 24.09 ? 149 PHE A CG  1 
ATOM   1120 C CD1 . PHE A 1 148 ? -10.627 -1.451  -7.931  1.00 24.88 ? 149 PHE A CD1 1 
ATOM   1121 C CD2 . PHE A 1 148 ? -11.851 0.528   -8.447  1.00 26.28 ? 149 PHE A CD2 1 
ATOM   1122 C CE1 . PHE A 1 148 ? -9.454  -0.864  -8.333  1.00 25.37 ? 149 PHE A CE1 1 
ATOM   1123 C CE2 . PHE A 1 148 ? -10.689 1.105   -8.896  1.00 25.86 ? 149 PHE A CE2 1 
ATOM   1124 C CZ  . PHE A 1 148 ? -9.486  0.434   -8.809  1.00 27.35 ? 149 PHE A CZ  1 
ATOM   1125 N N   . GLU A 1 149 ? -14.093 -0.430  -4.752  1.00 20.89 ? 150 GLU A N   1 
ATOM   1126 C CA  . GLU A 1 149 ? -14.185 0.512   -3.668  1.00 22.38 ? 150 GLU A CA  1 
ATOM   1127 C C   . GLU A 1 149 ? -13.759 -0.042  -2.351  1.00 20.51 ? 150 GLU A C   1 
ATOM   1128 O O   . GLU A 1 149 ? -13.033 0.632   -1.584  1.00 22.21 ? 150 GLU A O   1 
ATOM   1129 C CB  . GLU A 1 149 ? -15.609 1.105   -3.538  1.00 25.44 ? 150 GLU A CB  1 
ATOM   1130 C CG  . GLU A 1 149 ? -15.965 1.975   -4.676  1.00 28.65 ? 150 GLU A CG  1 
ATOM   1131 C CD  . GLU A 1 149 ? -17.351 2.624   -4.512  1.00 39.40 ? 150 GLU A CD  1 
ATOM   1132 O OE1 . GLU A 1 149 ? -18.130 2.183   -3.673  1.00 40.19 ? 150 GLU A OE1 1 
ATOM   1133 O OE2 . GLU A 1 149 ? -17.688 3.553   -5.254  1.00 37.32 ? 150 GLU A OE2 1 
ATOM   1134 N N   . LYS A 1 150 ? -14.227 -1.235  -2.056  1.00 23.26 ? 151 LYS A N   1 
ATOM   1135 C CA  . LYS A 1 150 ? -13.775 -1.932  -0.847  1.00 26.74 ? 151 LYS A CA  1 
ATOM   1136 C C   . LYS A 1 150 ? -12.244 -2.139  -0.888  1.00 26.43 ? 151 LYS A C   1 
ATOM   1137 O O   . LYS A 1 150 ? -11.538 -1.873  0.128   1.00 24.11 ? 151 LYS A O   1 
ATOM   1138 C CB  . LYS A 1 150 ? -14.477 -3.281  -0.697  1.00 31.61 ? 151 LYS A CB  1 
ATOM   1139 C CG  . LYS A 1 150 ? -15.933 -3.165  -0.238  1.00 39.05 ? 151 LYS A CG  1 
ATOM   1140 C CD  . LYS A 1 150 ? -16.486 -4.498  0.255   1.00 43.67 ? 151 LYS A CD  1 
ATOM   1141 C CE  . LYS A 1 150 ? -16.892 -5.401  -0.903  1.00 54.99 ? 151 LYS A CE  1 
ATOM   1142 N NZ  . LYS A 1 150 ? -17.480 -6.738  -0.511  1.00 60.77 ? 151 LYS A NZ  1 
ATOM   1143 N N   . LEU A 1 151 ? -11.719 -2.574  -2.049  1.00 22.87 ? 152 LEU A N   1 
ATOM   1144 C CA  . LEU A 1 151 ? -10.234 -2.743  -2.184  1.00 21.99 ? 152 LEU A CA  1 
ATOM   1145 C C   . LEU A 1 151 ? -9.477  -1.448  -1.898  1.00 23.47 ? 152 LEU A C   1 
ATOM   1146 O O   . LEU A 1 151 ? -8.545  -1.446  -1.078  1.00 22.51 ? 152 LEU A O   1 
ATOM   1147 C CB  . LEU A 1 151 ? -9.877  -3.276  -3.590  1.00 23.34 ? 152 LEU A CB  1 
ATOM   1148 C CG  . LEU A 1 151 ? -8.407  -3.512  -3.925  1.00 22.20 ? 152 LEU A CG  1 
ATOM   1149 C CD1 . LEU A 1 151 ? -7.838  -4.527  -2.933  1.00 24.34 ? 152 LEU A CD1 1 
ATOM   1150 C CD2 . LEU A 1 151 ? -8.353  -4.021  -5.350  1.00 22.78 ? 152 LEU A CD2 1 
ATOM   1151 N N   . LEU A 1 152 ? -9.936  -0.310  -2.460  1.00 23.19 ? 153 LEU A N   1 
ATOM   1152 C CA  . LEU A 1 152 ? -9.323  0.977   -2.228  1.00 24.20 ? 153 LEU A CA  1 
ATOM   1153 C C   . LEU A 1 152 ? -9.427  1.397   -0.757  1.00 28.10 ? 153 LEU A C   1 
ATOM   1154 O O   . LEU A 1 152 ? -8.478  1.964   -0.179  1.00 26.25 ? 153 LEU A O   1 
ATOM   1155 C CB  . LEU A 1 152 ? -9.901  2.061   -3.177  1.00 25.89 ? 153 LEU A CB  1 
ATOM   1156 C CG  . LEU A 1 152 ? -9.683  1.893   -4.684  1.00 28.43 ? 153 LEU A CG  1 
ATOM   1157 C CD1 . LEU A 1 152 ? -10.358 3.003   -5.485  1.00 30.54 ? 153 LEU A CD1 1 
ATOM   1158 C CD2 . LEU A 1 152 ? -8.188  1.835   -5.026  1.00 28.67 ? 153 LEU A CD2 1 
ATOM   1159 N N   . SER A 1 153 ? -10.564 1.099   -0.103  1.00 28.30 ? 154 SER A N   1 
ATOM   1160 C CA  . SER A 1 153 ? -10.678 1.383   1.343   1.00 28.18 ? 154 SER A CA  1 
ATOM   1161 C C   . SER A 1 153 ? -9.671  0.648   2.207   1.00 26.43 ? 154 SER A C   1 
ATOM   1162 O O   . SER A 1 153 ? -9.303  1.187   3.230   1.00 25.00 ? 154 SER A O   1 
ATOM   1163 C CB  . SER A 1 153 ? -12.087 0.995   1.913   1.00 28.75 ? 154 SER A CB  1 
ATOM   1164 O OG  . SER A 1 153 ? -13.014 1.577   1.062   1.00 38.73 ? 154 SER A OG  1 
ATOM   1165 N N   . THR A 1 154 ? -9.300  -0.586  1.857   1.00 26.50 ? 155 THR A N   1 
ATOM   1166 C CA  . THR A 1 154 ? -8.295  -1.327  2.679   1.00 28.89 ? 155 THR A CA  1 
ATOM   1167 C C   . THR A 1 154 ? -7.045  -0.518  2.752   1.00 30.26 ? 155 THR A C   1 
ATOM   1168 O O   . THR A 1 154 ? -6.448  -0.355  3.810   1.00 27.26 ? 155 THR A O   1 
ATOM   1169 C CB  . THR A 1 154 ? -8.024  -2.778  2.212   1.00 31.00 ? 155 THR A CB  1 
ATOM   1170 O OG1 . THR A 1 154 ? -7.380  -2.819  0.902   1.00 32.19 ? 155 THR A OG1 1 
ATOM   1171 C CG2 . THR A 1 154 ? -9.389  -3.572  2.195   1.00 32.68 ? 155 THR A CG2 1 
ATOM   1172 N N   . LYS A 1 155 ? -6.646  0.024   1.614   1.00 28.03 ? 156 LYS A N   1 
ATOM   1173 C CA  . LYS A 1 155 ? -5.438  0.811   1.560   1.00 28.82 ? 156 LYS A CA  1 
ATOM   1174 C C   . LYS A 1 155 ? -5.564  2.046   2.385   1.00 28.96 ? 156 LYS A C   1 
ATOM   1175 O O   . LYS A 1 155 ? -4.626  2.419   3.103   1.00 30.90 ? 156 LYS A O   1 
ATOM   1176 C CB  . LYS A 1 155 ? -5.108  1.140   0.103   1.00 29.89 ? 156 LYS A CB  1 
ATOM   1177 C CG  . LYS A 1 155 ? -4.251  2.379   -0.045  1.00 30.09 ? 156 LYS A CG  1 
ATOM   1178 C CD  . LYS A 1 155 ? -3.784  2.611   -1.469  1.00 29.48 ? 156 LYS A CD  1 
ATOM   1179 C CE  . LYS A 1 155 ? -2.783  3.786   -1.409  1.00 28.97 ? 156 LYS A CE  1 
ATOM   1180 N NZ  . LYS A 1 155 ? -2.059  3.899   -2.653  1.00 29.48 ? 156 LYS A NZ  1 
ATOM   1181 N N   . GLU A 1 156 ? -6.706  2.723   2.249   1.00 28.44 ? 157 GLU A N   1 
ATOM   1182 C CA  . GLU A 1 156 ? -6.994  3.962   2.994   1.00 28.29 ? 157 GLU A CA  1 
ATOM   1183 C C   . GLU A 1 156 ? -6.997  3.774   4.549   1.00 28.85 ? 157 GLU A C   1 
ATOM   1184 O O   . GLU A 1 156 ? -6.505  4.626   5.281   1.00 25.75 ? 157 GLU A O   1 
ATOM   1185 C CB  . GLU A 1 156 ? -8.329  4.527   2.548   1.00 33.90 ? 157 GLU A CB  1 
ATOM   1186 C CG  . GLU A 1 156 ? -8.836  5.631   3.442   1.00 42.04 ? 157 GLU A CG  1 
ATOM   1187 C CD  . GLU A 1 156 ? -9.848  6.490   2.751   1.00 56.78 ? 157 GLU A CD  1 
ATOM   1188 O OE1 . GLU A 1 156 ? -10.750 5.908   2.071   1.00 60.38 ? 157 GLU A OE1 1 
ATOM   1189 O OE2 . GLU A 1 156 ? -9.740  7.737   2.904   1.00 64.35 ? 157 GLU A OE2 1 
ATOM   1190 N N   . ILE A 1 157 ? -7.496  2.632   5.016   1.00 24.81 ? 158 ILE A N   1 
ATOM   1191 C CA  . ILE A 1 157 ? -7.436  2.256   6.432   1.00 28.56 ? 158 ILE A CA  1 
ATOM   1192 C C   . ILE A 1 157 ? -5.976  2.116   6.942   1.00 24.57 ? 158 ILE A C   1 
ATOM   1193 O O   . ILE A 1 157 ? -5.618  2.686   7.982   1.00 25.64 ? 158 ILE A O   1 
ATOM   1194 C CB  . ILE A 1 157 ? -8.190  0.931   6.686   1.00 30.76 ? 158 ILE A CB  1 
ATOM   1195 C CG1 . ILE A 1 157 ? -9.663  1.094   6.358   1.00 36.92 ? 158 ILE A CG1 1 
ATOM   1196 C CG2 . ILE A 1 157 ? -8.070  0.474   8.144   1.00 34.17 ? 158 ILE A CG2 1 
ATOM   1197 C CD1 . ILE A 1 157 ? -10.269 2.393   6.836   1.00 42.33 ? 158 ILE A CD1 1 
ATOM   1198 N N   . ILE A 1 158 ? -5.151  1.404   6.178   1.00 24.41 ? 159 ILE A N   1 
ATOM   1199 C CA  . ILE A 1 158 ? -3.735  1.275   6.511   1.00 26.42 ? 159 ILE A CA  1 
ATOM   1200 C C   . ILE A 1 158 ? -2.987  2.605   6.489   1.00 24.24 ? 159 ILE A C   1 
ATOM   1201 O O   . ILE A 1 158 ? -2.253  2.896   7.414   1.00 20.74 ? 159 ILE A O   1 
ATOM   1202 C CB  . ILE A 1 158 ? -3.051  0.173   5.681   1.00 29.02 ? 159 ILE A CB  1 
ATOM   1203 C CG1 . ILE A 1 158 ? -3.576  -1.169  6.148   1.00 28.98 ? 159 ILE A CG1 1 
ATOM   1204 C CG2 . ILE A 1 158 ? -1.511  0.187   5.821   1.00 29.21 ? 159 ILE A CG2 1 
ATOM   1205 C CD1 . ILE A 1 158 ? -4.007  -1.204  7.611   1.00 31.96 ? 159 ILE A CD1 1 
ATOM   1206 N N   . SER A 1 159 ? -3.206  3.395   5.437   1.00 26.61 ? 160 SER A N   1 
ATOM   1207 C CA  . SER A 1 159 ? -2.625  4.712   5.345   1.00 29.72 ? 160 SER A CA  1 
ATOM   1208 C C   . SER A 1 159 ? -2.994  5.536   6.558   1.00 28.83 ? 160 SER A C   1 
ATOM   1209 O O   . SER A 1 159 ? -2.111  6.218   7.131   1.00 29.71 ? 160 SER A O   1 
ATOM   1210 C CB  . SER A 1 159 ? -3.028  5.463   4.003   1.00 29.31 ? 160 SER A CB  1 
ATOM   1211 O OG  . SER A 1 159 ? -2.735  6.822   4.175   1.00 33.40 ? 160 SER A OG  1 
ATOM   1212 N N   . LYS A 1 160 ? -4.271  5.532   6.958   1.00 29.45 ? 161 LYS A N   1 
ATOM   1213 C CA  . LYS A 1 160 ? -4.619  6.273   8.176   1.00 32.93 ? 161 LYS A CA  1 
ATOM   1214 C C   . LYS A 1 160 ? -3.987  5.708   9.436   1.00 31.12 ? 161 LYS A C   1 
ATOM   1215 O O   . LYS A 1 160 ? -3.668  6.446   10.391  1.00 31.81 ? 161 LYS A O   1 
ATOM   1216 C CB  . LYS A 1 160 ? -6.123  6.389   8.357   1.00 37.96 ? 161 LYS A CB  1 
ATOM   1217 C CG  . LYS A 1 160 ? -6.795  7.194   7.244   1.00 41.13 ? 161 LYS A CG  1 
ATOM   1218 C CD  . LYS A 1 160 ? -8.224  7.535   7.632   1.00 52.77 ? 161 LYS A CD  1 
ATOM   1219 C CE  . LYS A 1 160 ? -8.960  8.209   6.487   1.00 55.54 ? 161 LYS A CE  1 
ATOM   1220 N NZ  . LYS A 1 160 ? -10.383 7.784   6.503   1.00 58.30 ? 161 LYS A NZ  1 
ATOM   1221 N N   . THR A 1 161 ? -3.870  4.396   9.495   1.00 26.30 ? 162 THR A N   1 
ATOM   1222 C CA  . THR A 1 161 ? -3.240  3.768   10.662  1.00 25.15 ? 162 THR A CA  1 
ATOM   1223 C C   . THR A 1 161 ? -1.800  4.260   10.797  1.00 23.99 ? 162 THR A C   1 
ATOM   1224 O O   . THR A 1 161 ? -1.376  4.584   11.882  1.00 25.19 ? 162 THR A O   1 
ATOM   1225 C CB  . THR A 1 161 ? -3.328  2.225   10.571  1.00 25.68 ? 162 THR A CB  1 
ATOM   1226 O OG1 . THR A 1 161 ? -4.722  1.877   10.482  1.00 22.47 ? 162 THR A OG1 1 
ATOM   1227 C CG2 . THR A 1 161 ? -2.705  1.509   11.806  1.00 28.29 ? 162 THR A CG2 1 
ATOM   1228 N N   . PHE A 1 162 ? -1.080  4.325   9.689   1.00 23.82 ? 163 PHE A N   1 
ATOM   1229 C CA  . PHE A 1 162 ? 0.324   4.776   9.696   1.00 24.89 ? 163 PHE A CA  1 
ATOM   1230 C C   . PHE A 1 162 ? 0.452   6.274   10.021  1.00 30.50 ? 163 PHE A C   1 
ATOM   1231 O O   . PHE A 1 162 ? 1.369   6.683   10.771  1.00 24.12 ? 163 PHE A O   1 
ATOM   1232 C CB  . PHE A 1 162 ? 0.971   4.477   8.396   1.00 23.72 ? 163 PHE A CB  1 
ATOM   1233 C CG  . PHE A 1 162 ? 1.210   3.016   8.140   1.00 22.71 ? 163 PHE A CG  1 
ATOM   1234 C CD1 . PHE A 1 162 ? 1.194   2.063   9.165   1.00 24.56 ? 163 PHE A CD1 1 
ATOM   1235 C CD2 . PHE A 1 162 ? 1.480   2.610   6.856   1.00 22.18 ? 163 PHE A CD2 1 
ATOM   1236 C CE1 . PHE A 1 162 ? 1.483   0.706   8.885   1.00 23.88 ? 163 PHE A CE1 1 
ATOM   1237 C CE2 . PHE A 1 162 ? 1.738   1.290   6.556   1.00 23.82 ? 163 PHE A CE2 1 
ATOM   1238 C CZ  . PHE A 1 162 ? 1.732   0.327   7.575   1.00 22.16 ? 163 PHE A CZ  1 
ATOM   1239 N N   . LYS A 1 163 ? -0.472  7.076   9.502   1.00 32.24 ? 164 LYS A N   1 
ATOM   1240 C CA  . LYS A 1 163 ? -0.489  8.523   9.877   1.00 36.29 ? 164 LYS A CA  1 
ATOM   1241 C C   . LYS A 1 163 ? -0.751  8.748   11.349  1.00 32.53 ? 164 LYS A C   1 
ATOM   1242 O O   . LYS A 1 163 ? -0.050  9.532   11.989  1.00 32.45 ? 164 LYS A O   1 
ATOM   1243 C CB  . LYS A 1 163 ? -1.447  9.308   9.000   1.00 38.10 ? 164 LYS A CB  1 
ATOM   1244 C CG  . LYS A 1 163 ? -1.027  9.271   7.534   1.00 39.44 ? 164 LYS A CG  1 
ATOM   1245 C CD  . LYS A 1 163 ? -0.046  10.380  7.233   1.00 45.02 ? 164 LYS A CD  1 
ATOM   1246 C CE  . LYS A 1 163 ? -0.684  11.748  7.468   1.00 42.31 ? 164 LYS A CE  1 
ATOM   1247 N NZ  . LYS A 1 163 ? 0.020   12.769  6.670   1.00 47.42 ? 164 LYS A NZ  1 
ATOM   1248 N N   . GLN A 1 164 ? -1.706  8.016   11.921  1.00 32.30 ? 165 GLN A N   1 
ATOM   1249 C CA  . GLN A 1 164 ? -1.942  8.084   13.353  1.00 35.62 ? 165 GLN A CA  1 
ATOM   1250 C C   . GLN A 1 164 ? -0.733  7.612   14.193  1.00 34.46 ? 165 GLN A C   1 
ATOM   1251 O O   . GLN A 1 164 ? -0.409  8.188   15.230  1.00 32.49 ? 165 GLN A O   1 
ATOM   1252 C CB  . GLN A 1 164 ? -3.171  7.256   13.704  1.00 35.79 ? 165 GLN A CB  1 
ATOM   1253 C CG  . GLN A 1 164 ? -3.589  7.310   15.155  1.00 42.08 ? 165 GLN A CG  1 
ATOM   1254 C CD  . GLN A 1 164 ? -4.181  8.687   15.497  1.00 48.62 ? 165 GLN A CD  1 
ATOM   1255 O OE1 . GLN A 1 164 ? -5.027  9.198   14.761  1.00 51.04 ? 165 GLN A OE1 1 
ATOM   1256 N NE2 . GLN A 1 164 ? -3.715  9.292   16.575  1.00 42.83 ? 165 GLN A NE2 1 
ATOM   1257 N N   . LEU A 1 165 ? -0.071  6.553   13.769  1.00 31.43 ? 166 LEU A N   1 
ATOM   1258 C CA  . LEU A 1 165 ? 1.133   6.145   14.469  1.00 26.43 ? 166 LEU A CA  1 
ATOM   1259 C C   . LEU A 1 165 ? 2.062   7.311   14.597  1.00 27.89 ? 166 LEU A C   1 
ATOM   1260 O O   . LEU A 1 165 ? 2.668   7.529   15.676  1.00 27.05 ? 166 LEU A O   1 
ATOM   1261 C CB  . LEU A 1 165 ? 1.840   4.994   13.747  1.00 26.27 ? 166 LEU A CB  1 
ATOM   1262 C CG  . LEU A 1 165 ? 3.185   4.558   14.366  1.00 27.91 ? 166 LEU A CG  1 
ATOM   1263 C CD1 . LEU A 1 165 ? 3.045   4.100   15.804  1.00 27.60 ? 166 LEU A CD1 1 
ATOM   1264 C CD2 . LEU A 1 165 ? 3.878   3.487   13.485  1.00 26.59 ? 166 LEU A CD2 1 
ATOM   1265 N N   . LEU A 1 166 ? 2.285   8.025   13.502  1.00 28.14 ? 167 LEU A N   1 
ATOM   1266 C CA  . LEU A 1 166 ? 3.226   9.178   13.578  1.00 32.13 ? 167 LEU A CA  1 
ATOM   1267 C C   . LEU A 1 166 ? 2.762   10.219  14.621  1.00 32.59 ? 167 LEU A C   1 
ATOM   1268 O O   . LEU A 1 166 ? 3.567   10.761  15.356  1.00 31.42 ? 167 LEU A O   1 
ATOM   1269 C CB  . LEU A 1 166 ? 3.367   9.890   12.243  1.00 33.53 ? 167 LEU A CB  1 
ATOM   1270 C CG  . LEU A 1 166 ? 4.018   9.059   11.153  1.00 33.46 ? 167 LEU A CG  1 
ATOM   1271 C CD1 . LEU A 1 166 ? 3.940   9.888   9.891   1.00 38.53 ? 167 LEU A CD1 1 
ATOM   1272 C CD2 . LEU A 1 166 ? 5.448   8.768   11.544  1.00 32.11 ? 167 LEU A CD2 1 
ATOM   1273 N N   . LEU A 1 167 ? 1.464   10.422  14.735  1.00 35.60 ? 168 LEU A N   1 
ATOM   1274 C CA  . LEU A 1 167 ? 0.953   11.407  15.732  1.00 38.14 ? 168 LEU A CA  1 
ATOM   1275 C C   . LEU A 1 167 ? 1.074   10.868  17.142  1.00 35.46 ? 168 LEU A C   1 
ATOM   1276 O O   . LEU A 1 167 ? 1.492   11.597  18.048  1.00 37.76 ? 168 LEU A O   1 
ATOM   1277 C CB  . LEU A 1 167 ? -0.507  11.756  15.440  1.00 41.11 ? 168 LEU A CB  1 
ATOM   1278 C CG  . LEU A 1 167 ? -0.827  12.328  14.036  1.00 46.09 ? 168 LEU A CG  1 
ATOM   1279 C CD1 . LEU A 1 167 ? -2.274  12.824  13.948  1.00 46.78 ? 168 LEU A CD1 1 
ATOM   1280 C CD2 . LEU A 1 167 ? 0.096   13.451  13.631  1.00 47.45 ? 168 LEU A CD2 1 
ATOM   1281 N N   . ASP A 1 168 ? 0.702   9.592   17.329  1.00 31.78 ? 169 ASP A N   1 
ATOM   1282 C CA  . ASP A 1 168 ? 0.781   8.944   18.639  1.00 33.15 ? 169 ASP A CA  1 
ATOM   1283 C C   . ASP A 1 168 ? 2.155   8.906   19.189  1.00 34.76 ? 169 ASP A C   1 
ATOM   1284 O O   . ASP A 1 168 ? 2.359   9.004   20.428  1.00 31.53 ? 169 ASP A O   1 
ATOM   1285 C CB  . ASP A 1 168 ? 0.240   7.522   18.599  1.00 33.80 ? 169 ASP A CB  1 
ATOM   1286 C CG  . ASP A 1 168 ? -1.276  7.509   18.447  1.00 40.71 ? 169 ASP A CG  1 
ATOM   1287 O OD1 . ASP A 1 168 ? -1.848  8.572   18.669  1.00 41.07 ? 169 ASP A OD1 1 
ATOM   1288 O OD2 . ASP A 1 168 ? -1.883  6.493   18.092  1.00 31.90 ? 169 ASP A OD2 1 
ATOM   1289 N N   . TYR A 1 169 ? 3.112   8.654   18.295  1.00 33.43 ? 170 TYR A N   1 
ATOM   1290 C CA  . TYR A 1 169 ? 4.517   8.687   18.681  1.00 32.20 ? 170 TYR A CA  1 
ATOM   1291 C C   . TYR A 1 169 ? 5.054   10.082  19.128  1.00 38.23 ? 170 TYR A C   1 
ATOM   1292 O O   . TYR A 1 169 ? 5.694   10.233  20.195  1.00 32.11 ? 170 TYR A O   1 
ATOM   1293 C CB  . TYR A 1 169 ? 5.363   8.150   17.550  1.00 29.98 ? 170 TYR A CB  1 
ATOM   1294 C CG  . TYR A 1 169 ? 6.764   7.924   17.982  1.00 30.45 ? 170 TYR A CG  1 
ATOM   1295 C CD1 . TYR A 1 169 ? 7.116   6.782   18.649  1.00 31.08 ? 170 TYR A CD1 1 
ATOM   1296 C CD2 . TYR A 1 169 ? 7.758   8.866   17.705  1.00 32.24 ? 170 TYR A CD2 1 
ATOM   1297 C CE1 . TYR A 1 169 ? 8.425   6.591   19.064  1.00 30.18 ? 170 TYR A CE1 1 
ATOM   1298 C CE2 . TYR A 1 169 ? 9.053   8.692   18.144  1.00 33.30 ? 170 TYR A CE2 1 
ATOM   1299 C CZ  . TYR A 1 169 ? 9.370   7.551   18.830  1.00 32.55 ? 170 TYR A CZ  1 
ATOM   1300 O OH  . TYR A 1 169 ? 10.675  7.340   19.228  1.00 42.81 ? 170 TYR A OH  1 
ATOM   1301 N N   . GLN A 1 170 ? 4.912   11.046  18.236  1.00 37.67 ? 171 GLN A N   1 
ATOM   1302 C CA  . GLN A 1 170 ? 5.190   12.439  18.554  1.00 47.93 ? 171 GLN A CA  1 
ATOM   1303 C C   . GLN A 1 170 ? 4.553   12.877  19.912  1.00 42.60 ? 171 GLN A C   1 
ATOM   1304 O O   . GLN A 1 170 ? 5.228   13.453  20.719  1.00 46.79 ? 171 GLN A O   1 
ATOM   1305 C CB  . GLN A 1 170 ? 4.728   13.310  17.378  1.00 46.84 ? 171 GLN A CB  1 
ATOM   1306 C CG  . GLN A 1 170 ? 4.472   14.767  17.698  1.00 59.52 ? 171 GLN A CG  1 
ATOM   1307 C CD  . GLN A 1 170 ? 3.197   15.298  17.047  1.00 64.82 ? 171 GLN A CD  1 
ATOM   1308 O OE1 . GLN A 1 170 ? 2.096   14.815  17.321  1.00 71.98 ? 171 GLN A OE1 1 
ATOM   1309 N NE2 . GLN A 1 170 ? 3.339   16.315  16.209  1.00 68.38 ? 171 GLN A NE2 1 
ATOM   1310 N N   . ASP A 1 171 ? 3.292   12.563  20.159  1.00 46.15 ? 172 ASP A N   1 
ATOM   1311 C CA  . ASP A 1 171 ? 2.645   12.833  21.445  1.00 48.96 ? 172 ASP A CA  1 
ATOM   1312 C C   . ASP A 1 171 ? 2.963   11.910  22.610  1.00 51.71 ? 172 ASP A C   1 
ATOM   1313 O O   . ASP A 1 171 ? 2.478   12.155  23.712  1.00 53.16 ? 172 ASP A O   1 
ATOM   1314 C CB  . ASP A 1 171 ? 1.136   12.768  21.293  1.00 52.14 ? 172 ASP A CB  1 
ATOM   1315 C CG  . ASP A 1 171 ? 0.598   13.881  20.449  1.00 53.26 ? 172 ASP A CG  1 
ATOM   1316 O OD1 . ASP A 1 171 ? 1.379   14.772  20.109  1.00 57.35 ? 172 ASP A OD1 1 
ATOM   1317 O OD2 . ASP A 1 171 ? -0.607  13.844  20.101  1.00 59.30 ? 172 ASP A OD2 1 
ATOM   1318 N N   . ASP A 1 172 ? 3.712   10.837  22.382  1.00 44.51 ? 173 ASP A N   1 
ATOM   1319 C CA  . ASP A 1 172 ? 3.958   9.839   23.402  1.00 43.61 ? 173 ASP A CA  1 
ATOM   1320 C C   . ASP A 1 172 ? 2.666   9.236   23.963  1.00 44.76 ? 173 ASP A C   1 
ATOM   1321 O O   . ASP A 1 172 ? 2.594   8.905   25.154  1.00 42.99 ? 173 ASP A O   1 
ATOM   1322 C CB  . ASP A 1 172 ? 4.856   10.438  24.519  1.00 46.50 ? 173 ASP A CB  1 
ATOM   1323 C CG  . ASP A 1 172 ? 5.537   9.389   25.401  1.00 47.64 ? 173 ASP A CG  1 
ATOM   1324 O OD1 . ASP A 1 172 ? 5.863   8.236   24.997  1.00 40.94 ? 173 ASP A OD1 1 
ATOM   1325 O OD2 . ASP A 1 172 ? 5.795   9.762   26.556  1.00 47.67 ? 173 ASP A OD2 1 
ATOM   1326 N N   . ASN A 1 173 ? 1.673   9.009   23.106  1.00 43.08 ? 174 ASN A N   1 
ATOM   1327 C CA  . ASN A 1 173 ? 0.467   8.303   23.555  1.00 48.26 ? 174 ASN A CA  1 
ATOM   1328 C C   . ASN A 1 173 ? 0.758   6.902   24.012  1.00 52.08 ? 174 ASN A C   1 
ATOM   1329 O O   . ASN A 1 173 ? 1.454   6.120   23.318  1.00 43.69 ? 174 ASN A O   1 
ATOM   1330 C CB  . ASN A 1 173 ? -0.626  8.279   22.501  1.00 57.49 ? 174 ASN A CB  1 
ATOM   1331 C CG  . ASN A 1 173 ? -1.272  9.630   22.311  1.00 62.01 ? 174 ASN A CG  1 
ATOM   1332 O OD1 . ASN A 1 173 ? -1.009  10.569  23.059  1.00 63.38 ? 174 ASN A OD1 1 
ATOM   1333 N ND2 . ASN A 1 173 ? -2.108  9.739   21.301  1.00 64.07 ? 174 ASN A ND2 1 
ATOM   1334 N N   . ASN A 1 174 ? 0.269   6.605   25.221  1.00 49.27 ? 175 ASN A N   1 
ATOM   1335 C CA  . ASN A 1 174 ? 0.449   5.305   25.828  1.00 48.78 ? 175 ASN A CA  1 
ATOM   1336 C C   . ASN A 1 174 ? 1.926   4.991   26.063  1.00 49.61 ? 175 ASN A C   1 
ATOM   1337 O O   . ASN A 1 174 ? 2.308   3.819   26.182  1.00 49.47 ? 175 ASN A O   1 
ATOM   1338 C CB  . ASN A 1 174 ? -0.254  4.223   24.986  1.00 56.17 ? 175 ASN A CB  1 
ATOM   1339 C CG  . ASN A 1 174 ? -1.762  4.172   25.238  1.00 66.38 ? 175 ASN A CG  1 
ATOM   1340 O OD1 . ASN A 1 174 ? -2.188  3.688   26.282  1.00 74.85 ? 175 ASN A OD1 1 
ATOM   1341 N ND2 . ASN A 1 174 ? -2.571  4.663   24.290  1.00 61.24 ? 175 ASN A ND2 1 
ATOM   1342 N N   . SER A 1 175 ? 2.745   6.049   26.170  1.00 43.74 ? 176 SER A N   1 
ATOM   1343 C CA  . SER A 1 175 ? 4.185   5.937   26.469  1.00 43.24 ? 176 SER A CA  1 
ATOM   1344 C C   . SER A 1 175 ? 4.978   5.264   25.365  1.00 39.81 ? 176 SER A C   1 
ATOM   1345 O O   . SER A 1 175 ? 6.062   4.747   25.627  1.00 37.49 ? 176 SER A O   1 
ATOM   1346 C CB  . SER A 1 175 ? 4.471   5.182   27.797  1.00 47.52 ? 176 SER A CB  1 
ATOM   1347 O OG  . SER A 1 175 ? 3.522   5.482   28.801  1.00 53.60 ? 176 SER A OG  1 
ATOM   1348 N N   . ILE A 1 176 ? 4.482   5.290   24.124  1.00 38.13 ? 177 ILE A N   1 
ATOM   1349 C CA  . ILE A 1 176 ? 5.184   4.520   23.073  1.00 35.70 ? 177 ILE A CA  1 
ATOM   1350 C C   . ILE A 1 176 ? 6.508   5.158   22.639  1.00 34.58 ? 177 ILE A C   1 
ATOM   1351 O O   . ILE A 1 176 ? 7.344   4.486   22.003  1.00 33.62 ? 177 ILE A O   1 
ATOM   1352 C CB  . ILE A 1 176 ? 4.287   4.236   21.831  1.00 34.52 ? 177 ILE A CB  1 
ATOM   1353 C CG1 . ILE A 1 176 ? 3.874   5.517   21.139  1.00 32.37 ? 177 ILE A CG1 1 
ATOM   1354 C CG2 . ILE A 1 176 ? 3.086   3.375   22.230  1.00 30.35 ? 177 ILE A CG2 1 
ATOM   1355 C CD1 . ILE A 1 176 ? 3.303   5.263   19.753  1.00 33.24 ? 177 ILE A CD1 1 
ATOM   1356 N N   . LYS A 1 177 ? 6.656   6.469   22.901  1.00 31.62 ? 178 LYS A N   1 
ATOM   1357 C CA  . LYS A 1 177 ? 7.926   7.178   22.671  1.00 36.07 ? 178 LYS A CA  1 
ATOM   1358 C C   . LYS A 1 177 ? 8.876   7.065   23.848  1.00 37.77 ? 178 LYS A C   1 
ATOM   1359 O O   . LYS A 1 177 ? 10.069  6.893   23.662  1.00 41.03 ? 178 LYS A O   1 
ATOM   1360 C CB  . LYS A 1 177 ? 7.708   8.662   22.410  1.00 39.69 ? 178 LYS A CB  1 
ATOM   1361 C CG  . LYS A 1 177 ? 8.981   9.394   22.000  1.00 43.51 ? 178 LYS A CG  1 
ATOM   1362 C CD  . LYS A 1 177 ? 8.711   10.879  21.759  1.00 49.93 ? 178 LYS A CD  1 
ATOM   1363 C CE  . LYS A 1 177 ? 10.011  11.673  21.766  1.00 58.16 ? 178 LYS A CE  1 
ATOM   1364 N NZ  . LYS A 1 177 ? 9.886   12.933  22.563  1.00 63.42 ? 178 LYS A NZ  1 
ATOM   1365 N N   . ALA A 1 178 ? 8.337   7.154   25.052  1.00 42.20 ? 179 ALA A N   1 
ATOM   1366 C CA  . ALA A 1 178 ? 9.135   7.015   26.269  1.00 45.02 ? 179 ALA A CA  1 
ATOM   1367 C C   . ALA A 1 178 ? 9.590   5.593   26.511  1.00 45.72 ? 179 ALA A C   1 
ATOM   1368 O O   . ALA A 1 178 ? 10.593  5.377   27.180  1.00 46.89 ? 179 ALA A O   1 
ATOM   1369 C CB  . ALA A 1 178 ? 8.328   7.510   27.465  1.00 42.02 ? 179 ALA A CB  1 
ATOM   1370 N N   . ASP A 1 179 ? 8.861   4.607   25.973  1.00 43.46 ? 180 ASP A N   1 
ATOM   1371 C CA  . ASP A 1 179 ? 9.080   3.217   26.358  1.00 37.45 ? 180 ASP A CA  1 
ATOM   1372 C C   . ASP A 1 179 ? 9.002   2.264   25.153  1.00 38.90 ? 180 ASP A C   1 
ATOM   1373 O O   . ASP A 1 179 ? 7.921   1.999   24.632  1.00 29.58 ? 180 ASP A O   1 
ATOM   1374 C CB  . ASP A 1 179 ? 8.046   2.857   27.422  1.00 39.97 ? 180 ASP A CB  1 
ATOM   1375 C CG  . ASP A 1 179 ? 8.190   1.432   27.967  1.00 45.99 ? 180 ASP A CG  1 
ATOM   1376 O OD1 . ASP A 1 179 ? 8.963   0.584   27.453  1.00 44.04 ? 180 ASP A OD1 1 
ATOM   1377 O OD2 . ASP A 1 179 ? 7.495   1.168   28.953  1.00 50.03 ? 180 ASP A OD2 1 
ATOM   1378 N N   . ALA A 1 180 ? 10.156  1.746   24.755  1.00 38.44 ? 181 ALA A N   1 
ATOM   1379 C CA  . ALA A 1 180 ? 10.302  0.833   23.611  1.00 42.39 ? 181 ALA A CA  1 
ATOM   1380 C C   . ALA A 1 180 ? 9.451   -0.413  23.658  1.00 41.09 ? 181 ALA A C   1 
ATOM   1381 O O   . ALA A 1 180 ? 9.134   -0.955  22.606  1.00 32.42 ? 181 ALA A O   1 
ATOM   1382 C CB  . ALA A 1 180 ? 11.747  0.396   23.469  1.00 45.51 ? 181 ALA A CB  1 
ATOM   1383 N N   . ASN A 1 181 ? 9.116   -0.863  24.867  1.00 39.11 ? 182 ASN A N   1 
ATOM   1384 C CA  . ASN A 1 181 ? 8.325   -2.074  25.071  1.00 42.49 ? 182 ASN A CA  1 
ATOM   1385 C C   . ASN A 1 181 ? 6.883   -1.824  24.718  1.00 38.56 ? 182 ASN A C   1 
ATOM   1386 O O   . ASN A 1 181 ? 6.280   -2.661  24.104  1.00 35.96 ? 182 ASN A O   1 
ATOM   1387 C CB  . ASN A 1 181 ? 8.392   -2.553  26.513  1.00 45.15 ? 182 ASN A CB  1 
ATOM   1388 C CG  . ASN A 1 181 ? 9.821   -2.818  26.980  1.00 50.82 ? 182 ASN A CG  1 
ATOM   1389 O OD1 . ASN A 1 181 ? 10.299  -2.200  27.949  1.00 57.60 ? 182 ASN A OD1 1 
ATOM   1390 N ND2 . ASN A 1 181 ? 10.507  -3.720  26.298  1.00 44.88 ? 182 ASN A ND2 1 
ATOM   1391 N N   . LYS A 1 182 ? 6.368   -0.662  25.116  1.00 33.90 ? 183 LYS A N   1 
ATOM   1392 C CA  . LYS A 1 182 ? 5.061   -0.185  24.721  1.00 33.67 ? 183 LYS A CA  1 
ATOM   1393 C C   . LYS A 1 182 ? 4.973   0.077   23.205  1.00 31.98 ? 183 LYS A C   1 
ATOM   1394 O O   . LYS A 1 182 ? 3.966   -0.255  22.596  1.00 31.67 ? 183 LYS A O   1 
ATOM   1395 C CB  . LYS A 1 182 ? 4.695   1.108   25.468  1.00 36.48 ? 183 LYS A CB  1 
ATOM   1396 C CG  . LYS A 1 182 ? 4.625   0.964   26.992  1.00 43.55 ? 183 LYS A CG  1 
ATOM   1397 C CD  . LYS A 1 182 ? 3.182   0.913   27.489  1.00 52.36 ? 183 LYS A CD  1 
ATOM   1398 C CE  . LYS A 1 182 ? 2.918   1.916   28.608  1.00 60.41 ? 183 LYS A CE  1 
ATOM   1399 N NZ  . LYS A 1 182 ? 3.690   1.682   29.869  1.00 61.48 ? 183 LYS A NZ  1 
ATOM   1400 N N   . LEU A 1 183 ? 5.981   0.726   22.615  1.00 30.22 ? 184 LEU A N   1 
ATOM   1401 C CA  . LEU A 1 183 ? 6.022   0.837   21.149  1.00 29.39 ? 184 LEU A CA  1 
ATOM   1402 C C   . LEU A 1 183 ? 5.893   -0.527  20.472  1.00 28.69 ? 184 LEU A C   1 
ATOM   1403 O O   . LEU A 1 183 ? 5.140   -0.693  19.521  1.00 24.63 ? 184 LEU A O   1 
ATOM   1404 C CB  . LEU A 1 183 ? 7.310   1.494   20.675  1.00 30.76 ? 184 LEU A CB  1 
ATOM   1405 C CG  . LEU A 1 183 ? 7.399   1.764   19.158  1.00 28.56 ? 184 LEU A CG  1 
ATOM   1406 C CD1 . LEU A 1 183 ? 6.334   2.724   18.707  1.00 26.53 ? 184 LEU A CD1 1 
ATOM   1407 C CD2 . LEU A 1 183 ? 8.787   2.287   18.858  1.00 31.40 ? 184 LEU A CD2 1 
ATOM   1408 N N   . LYS A 1 184 ? 6.748   -1.449  20.886  1.00 29.22 ? 185 LYS A N   1 
ATOM   1409 C CA  . LYS A 1 184 ? 6.760   -2.779  20.355  1.00 32.37 ? 185 LYS A CA  1 
ATOM   1410 C C   . LYS A 1 184 ? 5.417   -3.472  20.420  1.00 30.84 ? 185 LYS A C   1 
ATOM   1411 O O   . LYS A 1 184 ? 4.934   -4.039  19.406  1.00 30.28 ? 185 LYS A O   1 
ATOM   1412 C CB  . LYS A 1 184 ? 7.775   -3.605  21.136  1.00 38.61 ? 185 LYS A CB  1 
ATOM   1413 C CG  . LYS A 1 184 ? 7.826   -5.076  20.742  1.00 41.43 ? 185 LYS A CG  1 
ATOM   1414 C CD  . LYS A 1 184 ? 8.385   -5.243  19.344  1.00 36.19 ? 185 LYS A CD  1 
ATOM   1415 C CE  . LYS A 1 184 ? 9.510   -6.262  19.283  1.00 36.50 ? 185 LYS A CE  1 
ATOM   1416 N NZ  . LYS A 1 184 ? 10.050  -6.312  17.878  1.00 33.23 ? 185 LYS A NZ  1 
ATOM   1417 N N   . LEU A 1 185 ? 4.800   -3.483  21.594  1.00 30.52 ? 186 LEU A N   1 
ATOM   1418 C CA  . LEU A 1 185 ? 3.434   -4.028  21.707  1.00 32.43 ? 186 LEU A CA  1 
ATOM   1419 C C   . LEU A 1 185 ? 2.426   -3.352  20.763  1.00 33.16 ? 186 LEU A C   1 
ATOM   1420 O O   . LEU A 1 185 ? 1.621   -4.021  20.105  1.00 31.15 ? 186 LEU A O   1 
ATOM   1421 C CB  . LEU A 1 185 ? 2.893   -3.887  23.137  1.00 36.00 ? 186 LEU A CB  1 
ATOM   1422 C CG  . LEU A 1 185 ? 3.414   -4.927  24.101  1.00 43.12 ? 186 LEU A CG  1 
ATOM   1423 C CD1 . LEU A 1 185 ? 3.246   -4.484  25.565  1.00 46.04 ? 186 LEU A CD1 1 
ATOM   1424 C CD2 . LEU A 1 185 ? 2.660   -6.236  23.828  1.00 45.99 ? 186 LEU A CD2 1 
ATOM   1425 N N   . HIS A 1 186 ? 2.450   -2.024  20.727  1.00 30.11 ? 187 HIS A N   1 
ATOM   1426 C CA  . HIS A 1 186 ? 1.566   -1.265  19.848  1.00 30.43 ? 187 HIS A CA  1 
ATOM   1427 C C   . HIS A 1 186 ? 1.863   -1.563  18.366  1.00 27.76 ? 187 HIS A C   1 
ATOM   1428 O O   . HIS A 1 186 ? 0.956   -1.764  17.567  1.00 26.22 ? 187 HIS A O   1 
ATOM   1429 C CB  . HIS A 1 186 ? 1.756   0.226   20.178  1.00 31.66 ? 187 HIS A CB  1 
ATOM   1430 C CG  . HIS A 1 186 ? 0.924   1.143   19.342  1.00 32.36 ? 187 HIS A CG  1 
ATOM   1431 N ND1 . HIS A 1 186 ? -0.454  1.203   19.442  1.00 41.35 ? 187 HIS A ND1 1 
ATOM   1432 C CD2 . HIS A 1 186 ? 1.268   2.067   18.423  1.00 32.59 ? 187 HIS A CD2 1 
ATOM   1433 C CE1 . HIS A 1 186 ? -0.916  2.128   18.613  1.00 39.57 ? 187 HIS A CE1 1 
ATOM   1434 N NE2 . HIS A 1 186 ? 0.110   2.651   17.972  1.00 32.51 ? 187 HIS A NE2 1 
ATOM   1435 N N   . VAL A 1 187 ? 3.124   -1.567  17.983  1.00 26.35 ? 188 VAL A N   1 
ATOM   1436 C CA  . VAL A 1 187 ? 3.467   -1.883  16.587  1.00 24.87 ? 188 VAL A CA  1 
ATOM   1437 C C   . VAL A 1 187 ? 3.020   -3.321  16.184  1.00 28.72 ? 188 VAL A C   1 
ATOM   1438 O O   . VAL A 1 187 ? 2.596   -3.555  15.011  1.00 26.40 ? 188 VAL A O   1 
ATOM   1439 C CB  . VAL A 1 187 ? 4.924   -1.561  16.288  1.00 25.02 ? 188 VAL A CB  1 
ATOM   1440 C CG1 . VAL A 1 187 ? 5.369   -2.059  14.910  1.00 23.99 ? 188 VAL A CG1 1 
ATOM   1441 C CG2 . VAL A 1 187 ? 5.087   -0.041  16.301  1.00 26.35 ? 188 VAL A CG2 1 
ATOM   1442 N N   . LYS A 1 188 ? 3.074   -4.262  17.136  1.00 29.95 ? 189 LYS A N   1 
ATOM   1443 C CA  . LYS A 1 188 ? 2.535   -5.618  16.916  1.00 35.11 ? 189 LYS A CA  1 
ATOM   1444 C C   . LYS A 1 188 ? 1.083   -5.665  16.579  1.00 31.26 ? 189 LYS A C   1 
ATOM   1445 O O   . LYS A 1 188 ? 0.692   -6.478  15.718  1.00 35.01 ? 189 LYS A O   1 
ATOM   1446 C CB  . LYS A 1 188 ? 2.687   -6.494  18.149  1.00 37.47 ? 189 LYS A CB  1 
ATOM   1447 C CG  . LYS A 1 188 ? 4.059   -6.986  18.317  1.00 37.29 ? 189 LYS A CG  1 
ATOM   1448 C CD  . LYS A 1 188 ? 4.375   -8.033  17.296  1.00 36.90 ? 189 LYS A CD  1 
ATOM   1449 C CE  . LYS A 1 188 ? 5.489   -8.946  17.798  1.00 32.55 ? 189 LYS A CE  1 
ATOM   1450 N NZ  . LYS A 1 188 ? 6.390   -9.299  16.693  1.00 28.38 ? 189 LYS A NZ  1 
ATOM   1451 N N   . GLU A 1 189 ? 0.291   -4.884  17.318  1.00 31.66 ? 190 GLU A N   1 
ATOM   1452 C CA  . GLU A 1 189 ? -1.143  -4.714  17.065  1.00 35.32 ? 190 GLU A CA  1 
ATOM   1453 C C   . GLU A 1 189 ? -1.398  -4.118  15.675  1.00 36.47 ? 190 GLU A C   1 
ATOM   1454 O O   . GLU A 1 189 ? -2.395  -4.453  15.042  1.00 33.01 ? 190 GLU A O   1 
ATOM   1455 C CB  . GLU A 1 189 ? -1.823  -3.748  18.048  1.00 38.95 ? 190 GLU A CB  1 
ATOM   1456 C CG  . GLU A 1 189 ? -2.325  -4.267  19.373  1.00 49.56 ? 190 GLU A CG  1 
ATOM   1457 C CD  . GLU A 1 189 ? -2.978  -5.641  19.284  1.00 55.29 ? 190 GLU A CD  1 
ATOM   1458 O OE1 . GLU A 1 189 ? -3.819  -5.875  18.383  1.00 56.99 ? 190 GLU A OE1 1 
ATOM   1459 O OE2 . GLU A 1 189 ? -2.621  -6.478  20.136  1.00 49.18 ? 190 GLU A OE2 1 
ATOM   1460 N N   . ILE A 1 190 ? -0.555  -3.164  15.252  1.00 29.52 ? 191 ILE A N   1 
ATOM   1461 C CA  . ILE A 1 190 ? -0.663  -2.637  13.878  1.00 26.43 ? 191 ILE A CA  1 
ATOM   1462 C C   . ILE A 1 190 ? -0.392  -3.744  12.861  1.00 28.32 ? 191 ILE A C   1 
ATOM   1463 O O   . ILE A 1 190 ? -1.153  -3.867  11.854  1.00 25.30 ? 191 ILE A O   1 
ATOM   1464 C CB  . ILE A 1 190 ? 0.221   -1.403  13.691  1.00 25.49 ? 191 ILE A CB  1 
ATOM   1465 C CG1 . ILE A 1 190 ? -0.297  -0.292  14.582  1.00 25.33 ? 191 ILE A CG1 1 
ATOM   1466 C CG2 . ILE A 1 190 ? 0.226   -0.929  12.255  1.00 25.48 ? 191 ILE A CG2 1 
ATOM   1467 C CD1 . ILE A 1 190 ? 0.580   0.951   14.613  1.00 26.23 ? 191 ILE A CD1 1 
ATOM   1468 N N   . VAL A 1 191 ? 0.626   -4.579  13.127  1.00 24.47 ? 192 VAL A N   1 
ATOM   1469 C CA  . VAL A 1 191 ? 0.947   -5.676  12.236  1.00 27.87 ? 192 VAL A CA  1 
ATOM   1470 C C   . VAL A 1 191 ? -0.280  -6.572  12.088  1.00 29.19 ? 192 VAL A C   1 
ATOM   1471 O O   . VAL A 1 191 ? -0.696  -6.892  10.991  1.00 30.67 ? 192 VAL A O   1 
ATOM   1472 C CB  . VAL A 1 191 ? 2.189   -6.474  12.677  1.00 27.65 ? 192 VAL A CB  1 
ATOM   1473 C CG1 . VAL A 1 191 ? 2.353   -7.760  11.869  1.00 29.49 ? 192 VAL A CG1 1 
ATOM   1474 C CG2 . VAL A 1 191 ? 3.398   -5.643  12.465  1.00 26.86 ? 192 VAL A CG2 1 
ATOM   1475 N N   . LYS A 1 192 ? -0.896  -6.904  13.201  1.00 32.59 ? 193 LYS A N   1 
ATOM   1476 C CA  . LYS A 1 192 ? -2.159  -7.650  13.183  1.00 36.48 ? 193 LYS A CA  1 
ATOM   1477 C C   . LYS A 1 192 ? -3.275  -7.022  12.318  1.00 36.86 ? 193 LYS A C   1 
ATOM   1478 O O   . LYS A 1 192 ? -3.852  -7.697  11.481  1.00 33.59 ? 193 LYS A O   1 
ATOM   1479 C CB  . LYS A 1 192 ? -2.670  -7.873  14.610  1.00 37.98 ? 193 LYS A CB  1 
ATOM   1480 C CG  . LYS A 1 192 ? -3.402  -9.207  14.763  1.00 44.92 ? 193 LYS A CG  1 
ATOM   1481 C CD  . LYS A 1 192 ? -2.689  -10.399 14.139  1.00 48.57 ? 193 LYS A CD  1 
ATOM   1482 C CE  . LYS A 1 192 ? -3.514  -11.686 14.242  1.00 51.69 ? 193 LYS A CE  1 
ATOM   1483 N NZ  . LYS A 1 192 ? -4.719  -11.697 13.347  1.00 53.45 ? 193 LYS A NZ  1 
ATOM   1484 N N   . GLN A 1 193 ? -3.557  -5.742  12.515  1.00 35.64 ? 194 GLN A N   1 
ATOM   1485 C CA  . GLN A 1 193 ? -4.467  -5.021  11.674  1.00 42.03 ? 194 GLN A CA  1 
ATOM   1486 C C   . GLN A 1 193 ? -4.082  -4.961  10.177  1.00 35.86 ? 194 GLN A C   1 
ATOM   1487 O O   . GLN A 1 193 ? -4.965  -5.121  9.328   1.00 33.30 ? 194 GLN A O   1 
ATOM   1488 C CB  . GLN A 1 193 ? -4.707  -3.631  12.233  1.00 47.97 ? 194 GLN A CB  1 
ATOM   1489 C CG  . GLN A 1 193 ? -5.539  -3.633  13.501  1.00 58.82 ? 194 GLN A CG  1 
ATOM   1490 C CD  . GLN A 1 193 ? -7.005  -4.040  13.260  1.00 69.73 ? 194 GLN A CD  1 
ATOM   1491 O OE1 . GLN A 1 193 ? -7.295  -5.083  12.654  1.00 83.00 ? 194 GLN A OE1 1 
ATOM   1492 N NE2 . GLN A 1 193 ? -7.940  -3.226  13.766  1.00 72.52 ? 194 GLN A NE2 1 
ATOM   1493 N N   . ILE A 1 194 ? -2.798  -4.774  9.863   1.00 28.37 ? 195 ILE A N   1 
ATOM   1494 C CA  . ILE A 1 194 ? -2.381  -4.667  8.462   1.00 26.63 ? 195 ILE A CA  1 
ATOM   1495 C C   . ILE A 1 194 ? -2.605  -6.000  7.862   1.00 23.75 ? 195 ILE A C   1 
ATOM   1496 O O   . ILE A 1 194 ? -2.990  -6.070  6.714   1.00 22.29 ? 195 ILE A O   1 
ATOM   1497 C CB  . ILE A 1 194 ? -0.898  -4.338  8.211   1.00 29.39 ? 195 ILE A CB  1 
ATOM   1498 C CG1 . ILE A 1 194 ? -0.484  -3.023  8.775   1.00 32.23 ? 195 ILE A CG1 1 
ATOM   1499 C CG2 . ILE A 1 194 ? -0.584  -4.223  6.694   1.00 31.43 ? 195 ILE A CG2 1 
ATOM   1500 C CD1 . ILE A 1 194 ? 1.018   -2.950  8.681   1.00 31.20 ? 195 ILE A CD1 1 
ATOM   1501 N N   . LYS A 1 195 ? -2.269  -7.070  8.600   1.00 23.19 ? 196 LYS A N   1 
ATOM   1502 C CA  . LYS A 1 195 ? -2.286  -8.408  8.062   1.00 26.14 ? 196 LYS A CA  1 
ATOM   1503 C C   . LYS A 1 195 ? -3.740  -8.804  7.729   1.00 26.55 ? 196 LYS A C   1 
ATOM   1504 O O   . LYS A 1 195 ? -3.973  -9.425  6.695   1.00 25.27 ? 196 LYS A O   1 
ATOM   1505 C CB  . LYS A 1 195 ? -1.680  -9.392  9.063   1.00 29.36 ? 196 LYS A CB  1 
ATOM   1506 C CG  . LYS A 1 195 ? -1.551  -10.805 8.546   1.00 31.22 ? 196 LYS A CG  1 
ATOM   1507 C CD  . LYS A 1 195 ? -0.439  -10.892 7.506   1.00 33.11 ? 196 LYS A CD  1 
ATOM   1508 C CE  . LYS A 1 195 ? -0.249  -12.276 6.954   1.00 34.21 ? 196 LYS A CE  1 
ATOM   1509 N NZ  . LYS A 1 195 ? -1.130  -12.591 5.808   1.00 34.75 ? 196 LYS A NZ  1 
ATOM   1510 N N   . GLU A 1 196 ? -4.691  -8.353  8.530   1.00 26.19 ? 197 GLU A N   1 
ATOM   1511 C CA  . GLU A 1 196 ? -6.082  -8.614  8.228   1.00 31.31 ? 197 GLU A CA  1 
ATOM   1512 C C   . GLU A 1 196 ? -6.527  -7.904  6.962   1.00 30.71 ? 197 GLU A C   1 
ATOM   1513 O O   . GLU A 1 196 ? -7.256  -8.479  6.158   1.00 26.48 ? 197 GLU A O   1 
ATOM   1514 C CB  . GLU A 1 196 ? -7.003  -8.219  9.377   1.00 34.28 ? 197 GLU A CB  1 
ATOM   1515 C CG  . GLU A 1 196 ? -6.807  -9.161  10.568  1.00 41.35 ? 197 GLU A CG  1 
ATOM   1516 C CD  . GLU A 1 196 ? -7.872  -9.032  11.627  1.00 53.56 ? 197 GLU A CD  1 
ATOM   1517 O OE1 . GLU A 1 196 ? -8.633  -8.022  11.646  1.00 56.13 ? 197 GLU A OE1 1 
ATOM   1518 O OE2 . GLU A 1 196 ? -7.956  -9.979  12.430  1.00 63.55 ? 197 GLU A OE2 1 
ATOM   1519 N N   . LYS A 1 197 ? -6.133  -6.646  6.829   1.00 26.43 ? 198 LYS A N   1 
ATOM   1520 C CA  . LYS A 1 197 ? -6.519  -5.851  5.675   1.00 26.23 ? 198 LYS A CA  1 
ATOM   1521 C C   . LYS A 1 197 ? -5.807  -6.405  4.451   1.00 22.34 ? 198 LYS A C   1 
ATOM   1522 O O   . LYS A 1 197 ? -6.352  -6.393  3.360   1.00 21.98 ? 198 LYS A O   1 
ATOM   1523 C CB  . LYS A 1 197 ? -6.153  -4.387  5.902   1.00 25.01 ? 198 LYS A CB  1 
ATOM   1524 C CG  . LYS A 1 197 ? -6.997  -3.683  6.960   1.00 26.31 ? 198 LYS A CG  1 
ATOM   1525 C CD  . LYS A 1 197 ? -8.421  -3.479  6.495   1.00 30.79 ? 198 LYS A CD  1 
ATOM   1526 C CE  . LYS A 1 197 ? -9.395  -3.479  7.663   1.00 33.76 ? 198 LYS A CE  1 
ATOM   1527 N NZ  . LYS A 1 197 ? -10.740 -3.770  7.102   1.00 42.09 ? 198 LYS A NZ  1 
ATOM   1528 N N   . GLN A 1 198 ? -4.606  -6.930  4.631   1.00 21.83 ? 199 GLN A N   1 
ATOM   1529 C CA  . GLN A 1 198 ? -3.869  -7.505  3.541   1.00 20.93 ? 199 GLN A CA  1 
ATOM   1530 C C   . GLN A 1 198 ? -4.563  -8.763  3.014   1.00 24.88 ? 199 GLN A C   1 
ATOM   1531 O O   . GLN A 1 198 ? -4.700  -8.961  1.802   1.00 17.64 ? 199 GLN A O   1 
ATOM   1532 C CB  . GLN A 1 198 ? -2.452  -7.877  3.936   1.00 23.19 ? 199 GLN A CB  1 
ATOM   1533 C CG  . GLN A 1 198 ? -1.723  -8.643  2.829   1.00 22.52 ? 199 GLN A CG  1 
ATOM   1534 C CD  . GLN A 1 198 ? -1.636  -10.132 3.087   1.00 27.95 ? 199 GLN A CD  1 
ATOM   1535 O OE1 . GLN A 1 198 ? -1.341  -10.544 4.206   1.00 30.94 ? 199 GLN A OE1 1 
ATOM   1536 N NE2 . GLN A 1 198 ? -1.951  -10.940 2.088   1.00 26.38 ? 199 GLN A NE2 1 
ATOM   1537 N N   . GLU A 1 199 ? -4.959  -9.644  3.935   1.00 21.02 ? 200 GLU A N   1 
ATOM   1538 C CA  . GLU A 1 199 ? -5.769  -10.793 3.561   1.00 21.05 ? 200 GLU A CA  1 
ATOM   1539 C C   . GLU A 1 199 ? -7.090  -10.458 2.868   1.00 21.17 ? 200 GLU A C   1 
ATOM   1540 O O   . GLU A 1 199 ? -7.505  -11.149 1.919   1.00 24.47 ? 200 GLU A O   1 
ATOM   1541 C CB  . GLU A 1 199 ? -5.994  -11.678 4.780   1.00 23.08 ? 200 GLU A CB  1 
ATOM   1542 C CG  . GLU A 1 199 ? -4.703  -12.367 5.182   1.00 23.45 ? 200 GLU A CG  1 
ATOM   1543 C CD  . GLU A 1 199 ? -4.802  -13.193 6.471   1.00 27.65 ? 200 GLU A CD  1 
ATOM   1544 O OE1 . GLU A 1 199 ? -5.893  -13.403 6.972   1.00 38.93 ? 200 GLU A OE1 1 
ATOM   1545 O OE2 . GLU A 1 199 ? -3.768  -13.614 6.965   1.00 29.45 ? 200 GLU A OE2 1 
ATOM   1546 N N   . GLU A 1 200 ? -7.750  -9.458  3.390   1.00 21.63 ? 201 GLU A N   1 
ATOM   1547 C CA  . GLU A 1 200 ? -8.939  -8.908  2.774   1.00 24.35 ? 201 GLU A CA  1 
ATOM   1548 C C   . GLU A 1 200 ? -8.683  -8.420  1.321   1.00 22.42 ? 201 GLU A C   1 
ATOM   1549 O O   . GLU A 1 200 ? -9.455  -8.737  0.412   1.00 20.13 ? 201 GLU A O   1 
ATOM   1550 C CB  . GLU A 1 200 ? -9.462  -7.821  3.676   1.00 29.38 ? 201 GLU A CB  1 
ATOM   1551 C CG  . GLU A 1 200 ? -10.761 -7.199  3.241   1.00 40.23 ? 201 GLU A CG  1 
ATOM   1552 C CD  . GLU A 1 200 ? -11.288 -6.189  4.262   1.00 46.72 ? 201 GLU A CD  1 
ATOM   1553 O OE1 . GLU A 1 200 ? -10.907 -6.260  5.477   1.00 43.17 ? 201 GLU A OE1 1 
ATOM   1554 O OE2 . GLU A 1 200 ? -12.117 -5.373  3.803   1.00 53.77 ? 201 GLU A OE2 1 
ATOM   1555 N N   . SER A 1 201 ? -7.557  -7.751  1.083   1.00 20.09 ? 202 SER A N   1 
ATOM   1556 C CA  . SER A 1 201 ? -7.206  -7.279  -0.245  1.00 20.32 ? 202 SER A CA  1 
ATOM   1557 C C   . SER A 1 201 ? -6.969  -8.392  -1.234  1.00 22.46 ? 202 SER A C   1 
ATOM   1558 O O   . SER A 1 201 ? -7.336  -8.291  -2.407  1.00 23.65 ? 202 SER A O   1 
ATOM   1559 C CB  . SER A 1 201 ? -6.002  -6.304  -0.157  1.00 19.63 ? 202 SER A CB  1 
ATOM   1560 O OG  . SER A 1 201 ? -4.815  -6.999  0.163   1.00 17.43 ? 202 SER A OG  1 
ATOM   1561 N N   . GLU A 1 202 ? -6.374  -9.500  -0.760  1.00 22.90 ? 203 GLU A N   1 
ATOM   1562 C CA  . GLU A 1 202 ? -6.175  -10.697 -1.568  1.00 24.67 ? 203 GLU A CA  1 
ATOM   1563 C C   . GLU A 1 202 ? -7.488  -11.257 -2.121  1.00 21.44 ? 203 GLU A C   1 
ATOM   1564 O O   . GLU A 1 202 ? -7.575  -11.559 -3.296  1.00 20.63 ? 203 GLU A O   1 
ATOM   1565 C CB  . GLU A 1 202 ? -5.433  -11.777 -0.747  1.00 26.59 ? 203 GLU A CB  1 
ATOM   1566 C CG  . GLU A 1 202 ? -5.259  -13.091 -1.426  1.00 32.50 ? 203 GLU A CG  1 
ATOM   1567 C CD  . GLU A 1 202 ? -4.407  -13.017 -2.672  1.00 36.31 ? 203 GLU A CD  1 
ATOM   1568 O OE1 . GLU A 1 202 ? -3.430  -12.268 -2.700  1.00 35.74 ? 203 GLU A OE1 1 
ATOM   1569 O OE2 . GLU A 1 202 ? -4.752  -13.688 -3.662  1.00 44.54 ? 203 GLU A OE2 1 
ATOM   1570 N N   . LYS A 1 203 ? -8.482  -11.412 -1.257  1.00 21.26 ? 204 LYS A N   1 
ATOM   1571 C CA  . LYS A 1 203 ? -9.808  -11.900 -1.655  1.00 21.64 ? 204 LYS A CA  1 
ATOM   1572 C C   . LYS A 1 203 ? -10.559 -10.908 -2.593  1.00 20.68 ? 204 LYS A C   1 
ATOM   1573 O O   . LYS A 1 203 ? -11.201 -11.325 -3.564  1.00 21.83 ? 204 LYS A O   1 
ATOM   1574 C CB  . LYS A 1 203 ? -10.610 -12.144 -0.377  1.00 24.81 ? 204 LYS A CB  1 
ATOM   1575 C CG  . LYS A 1 203 ? -12.012 -12.730 -0.531  1.00 27.25 ? 204 LYS A CG  1 
ATOM   1576 C CD  . LYS A 1 203 ? -13.091 -11.712 -0.372  1.00 28.54 ? 204 LYS A CD  1 
ATOM   1577 C CE  . LYS A 1 203 ? -14.480 -12.342 -0.170  1.00 27.01 ? 204 LYS A CE  1 
ATOM   1578 N NZ  . LYS A 1 203 ? -14.826 -13.274 -1.278  1.00 23.88 ? 204 LYS A NZ  1 
ATOM   1579 N N   . LEU A 1 204 ? -10.544 -9.629  -2.269  1.00 20.40 ? 205 LEU A N   1 
ATOM   1580 C CA  . LEU A 1 204 ? -11.162 -8.596  -3.135  1.00 20.64 ? 205 LEU A CA  1 
ATOM   1581 C C   . LEU A 1 204 ? -10.530 -8.589  -4.489  1.00 19.23 ? 205 LEU A C   1 
ATOM   1582 O O   . LEU A 1 204 ? -11.221 -8.540  -5.517  1.00 19.26 ? 205 LEU A O   1 
ATOM   1583 C CB  . LEU A 1 204 ? -11.020 -7.190  -2.502  1.00 21.72 ? 205 LEU A CB  1 
ATOM   1584 C CG  . LEU A 1 204 ? -11.765 -7.025  -1.179  1.00 24.54 ? 205 LEU A CG  1 
ATOM   1585 C CD1 . LEU A 1 204 ? -11.402 -5.730  -0.528  1.00 25.58 ? 205 LEU A CD1 1 
ATOM   1586 C CD2 . LEU A 1 204 ? -13.281 -7.163  -1.345  1.00 30.25 ? 205 LEU A CD2 1 
ATOM   1587 N N   . LYS A 1 205 ? -9.193  -8.581  -4.504  1.00 18.69 ? 206 LYS A N   1 
ATOM   1588 C CA  . LYS A 1 205 ? -8.483  -8.774  -5.777  1.00 20.67 ? 206 LYS A CA  1 
ATOM   1589 C C   . LYS A 1 205 ? -8.947  -10.037 -6.529  1.00 20.00 ? 206 LYS A C   1 
ATOM   1590 O O   . LYS A 1 205 ? -9.312  -9.986  -7.751  1.00 20.47 ? 206 LYS A O   1 
ATOM   1591 C CB  . LYS A 1 205 ? -6.965  -8.813  -5.556  1.00 20.09 ? 206 LYS A CB  1 
ATOM   1592 C CG  . LYS A 1 205 ? -6.119  -9.216  -6.781  1.00 20.55 ? 206 LYS A CG  1 
ATOM   1593 C CD  . LYS A 1 205 ? -4.642  -9.546  -6.534  1.00 21.30 ? 206 LYS A CD  1 
ATOM   1594 C CE  . LYS A 1 205 ? -4.448  -10.871 -5.792  1.00 25.18 ? 206 LYS A CE  1 
ATOM   1595 N NZ  . LYS A 1 205 ? -3.081  -11.135 -5.381  1.00 25.46 ? 206 LYS A NZ  1 
ATOM   1596 N N   . SER A 1 206 ? -8.896  -11.198 -5.856  1.00 22.25 ? 207 SER A N   1 
ATOM   1597 C CA  . SER A 1 206 ? -9.276  -12.468 -6.524  1.00 21.72 ? 207 SER A CA  1 
ATOM   1598 C C   . SER A 1 206 ? -10.763 -12.363 -6.996  1.00 20.81 ? 207 SER A C   1 
ATOM   1599 O O   . SER A 1 206 ? -11.121 -12.759 -8.095  1.00 20.04 ? 207 SER A O   1 
ATOM   1600 C CB  . SER A 1 206 ? -9.102  -13.676 -5.561  1.00 24.15 ? 207 SER A CB  1 
ATOM   1601 O OG  . SER A 1 206 ? -7.722  -13.687 -5.192  1.00 26.91 ? 207 SER A OG  1 
ATOM   1602 N N   . ASP A 1 207 ? -11.611 -11.745 -6.228  1.00 19.86 ? 208 ASP A N   1 
ATOM   1603 C CA  . ASP A 1 207 ? -12.977 -11.637 -6.700  1.00 21.67 ? 208 ASP A CA  1 
ATOM   1604 C C   . ASP A 1 207 ? -13.070 -10.747 -7.967  1.00 22.85 ? 208 ASP A C   1 
ATOM   1605 O O   . ASP A 1 207 ? -13.819 -11.063 -8.885  1.00 22.73 ? 208 ASP A O   1 
ATOM   1606 C CB  . ASP A 1 207 ? -13.880 -11.076 -5.659  1.00 23.10 ? 208 ASP A CB  1 
ATOM   1607 C CG  . ASP A 1 207 ? -14.187 -12.060 -4.521  1.00 24.43 ? 208 ASP A CG  1 
ATOM   1608 O OD1 . ASP A 1 207 ? -13.978 -13.287 -4.631  1.00 25.08 ? 208 ASP A OD1 1 
ATOM   1609 O OD2 . ASP A 1 207 ? -14.676 -11.563 -3.507  1.00 24.21 ? 208 ASP A OD2 1 
ATOM   1610 N N   . ILE A 1 208 ? -12.320 -9.641  -8.003  1.00 21.10 ? 209 ILE A N   1 
ATOM   1611 C CA  . ILE A 1 208 ? -12.287 -8.784  -9.206  1.00 22.70 ? 209 ILE A CA  1 
ATOM   1612 C C   . ILE A 1 208 ? -11.707 -9.493  -10.389 1.00 22.90 ? 209 ILE A C   1 
ATOM   1613 O O   . ILE A 1 208 ? -12.322 -9.456  -11.500 1.00 23.65 ? 209 ILE A O   1 
ATOM   1614 C CB  . ILE A 1 208 ? -11.572 -7.461  -8.960  1.00 21.42 ? 209 ILE A CB  1 
ATOM   1615 C CG1 . ILE A 1 208 ? -12.447 -6.646  -8.000  1.00 19.63 ? 209 ILE A CG1 1 
ATOM   1616 C CG2 . ILE A 1 208 ? -11.324 -6.768  -10.305 1.00 23.12 ? 209 ILE A CG2 1 
ATOM   1617 C CD1 . ILE A 1 208 ? -11.773 -5.396  -7.453  1.00 22.16 ? 209 ILE A CD1 1 
ATOM   1618 N N   . LEU A 1 209 ? -10.594 -10.236 -10.170 1.00 22.17 ? 210 LEU A N   1 
ATOM   1619 C CA  . LEU A 1 209 ? -10.031 -11.045 -11.258 1.00 24.68 ? 210 LEU A CA  1 
ATOM   1620 C C   . LEU A 1 209 ? -10.988 -12.174 -11.763 1.00 27.50 ? 210 LEU A C   1 
ATOM   1621 O O   . LEU A 1 209 ? -10.872 -12.602 -12.854 1.00 27.95 ? 210 LEU A O   1 
ATOM   1622 C CB  . LEU A 1 209 ? -8.695  -11.691 -10.865 1.00 23.48 ? 210 LEU A CB  1 
ATOM   1623 C CG  . LEU A 1 209 ? -7.599  -10.714 -10.523 1.00 25.84 ? 210 LEU A CG  1 
ATOM   1624 C CD1 . LEU A 1 209 ? -6.352  -11.468 -10.103 1.00 25.49 ? 210 LEU A CD1 1 
ATOM   1625 C CD2 . LEU A 1 209 ? -7.350  -9.788  -11.698 1.00 28.33 ? 210 LEU A CD2 1 
ATOM   1626 N N   . SER A 1 210 ? -11.929 -12.616 -10.951 1.00 27.01 ? 211 SER A N   1 
ATOM   1627 C CA  . SER A 1 210 ? -12.891 -13.629 -11.359 1.00 31.09 ? 211 SER A CA  1 
ATOM   1628 C C   . SER A 1 210 ? -13.972 -13.146 -12.330 1.00 35.86 ? 211 SER A C   1 
ATOM   1629 O O   . SER A 1 210 ? -14.744 -13.949 -12.798 1.00 37.14 ? 211 SER A O   1 
ATOM   1630 C CB  . SER A 1 210 ? -13.706 -14.099 -10.125 1.00 26.95 ? 211 SER A CB  1 
ATOM   1631 O OG  . SER A 1 210 ? -12.878 -14.806 -9.300  1.00 34.18 ? 211 SER A OG  1 
ATOM   1632 N N   . ILE A 1 211 ? -14.136 -11.842 -12.498 1.00 37.62 ? 212 ILE A N   1 
ATOM   1633 C CA  . ILE A 1 211 ? -15.191 -11.350 -13.357 1.00 40.18 ? 212 ILE A CA  1 
ATOM   1634 C C   . ILE A 1 211 ? -14.615 -11.401 -14.773 1.00 41.16 ? 212 ILE A C   1 
ATOM   1635 O O   . ILE A 1 211 ? -13.673 -10.697 -15.034 1.00 42.35 ? 212 ILE A O   1 
ATOM   1636 C CB  . ILE A 1 211 ? -15.614 -9.946  -12.928 1.00 36.13 ? 212 ILE A CB  1 
ATOM   1637 C CG1 . ILE A 1 211 ? -16.258 -10.018 -11.543 1.00 38.96 ? 212 ILE A CG1 1 
ATOM   1638 C CG2 . ILE A 1 211 ? -16.545 -9.353  -13.970 1.00 39.10 ? 212 ILE A CG2 1 
ATOM   1639 C CD1 . ILE A 1 211 ? -16.458 -8.666  -10.837 1.00 36.19 ? 212 ILE A CD1 1 
ATOM   1640 N N   . LYS A 1 212 ? -15.155 -12.260 -15.652 1.00 48.14 ? 213 LYS A N   1 
ATOM   1641 C CA  . LYS A 1 212 ? -14.564 -12.507 -16.993 1.00 53.93 ? 213 LYS A CA  1 
ATOM   1642 C C   . LYS A 1 212 ? -15.504 -12.326 -18.176 1.00 51.43 ? 213 LYS A C   1 
ATOM   1643 O O   . LYS A 1 212 ? -16.556 -11.711 -18.048 1.00 52.15 ? 213 LYS A O   1 
ATOM   1644 C CB  . LYS A 1 212 ? -13.943 -13.904 -17.049 1.00 55.65 ? 213 LYS A CB  1 
ATOM   1645 C CG  . LYS A 1 212 ? -12.627 -13.959 -16.302 1.00 56.88 ? 213 LYS A CG  1 
ATOM   1646 C CD  . LYS A 1 212 ? -12.050 -15.356 -16.261 1.00 59.95 ? 213 LYS A CD  1 
ATOM   1647 C CE  . LYS A 1 212 ? -10.799 -15.335 -15.402 1.00 64.41 ? 213 LYS A CE  1 
ATOM   1648 N NZ  . LYS A 1 212 ? -10.455 -16.684 -14.896 1.00 70.85 ? 213 LYS A NZ  1 
HETATM 1649 O O1  . PG4 B 2 .   ? 13.497  1.405   -13.385 1.00 45.49 ? 301 PG4 A O1  1 
HETATM 1650 C C1  . PG4 B 2 .   ? 13.587  2.781   -13.721 1.00 43.39 ? 301 PG4 A C1  1 
HETATM 1651 C C2  . PG4 B 2 .   ? 13.180  3.672   -12.569 1.00 38.95 ? 301 PG4 A C2  1 
HETATM 1652 O O2  . PG4 B 2 .   ? 14.231  3.663   -11.603 1.00 31.73 ? 301 PG4 A O2  1 
HETATM 1653 C C3  . PG4 B 2 .   ? 14.356  4.810   -10.820 1.00 30.25 ? 301 PG4 A C3  1 
HETATM 1654 C C4  . PG4 B 2 .   ? 15.377  4.560   -9.760  1.00 30.15 ? 301 PG4 A C4  1 
HETATM 1655 O O3  . PG4 B 2 .   ? 16.562  4.073   -10.421 1.00 33.17 ? 301 PG4 A O3  1 
HETATM 1656 C C5  . PG4 B 2 .   ? 17.669  4.373   -9.611  1.00 35.28 ? 301 PG4 A C5  1 
HETATM 1657 C C6  . PG4 B 2 .   ? 18.735  3.330   -9.708  1.00 36.96 ? 301 PG4 A C6  1 
HETATM 1658 O O4  . PG4 B 2 .   ? 19.196  2.996   -10.983 1.00 38.14 ? 301 PG4 A O4  1 
HETATM 1659 C C7  . PG4 B 2 .   ? 19.463  1.612   -11.005 1.00 32.58 ? 301 PG4 A C7  1 
HETATM 1660 C C8  . PG4 B 2 .   ? 20.067  1.032   -12.271 1.00 35.54 ? 301 PG4 A C8  1 
HETATM 1661 O O5  . PG4 B 2 .   ? 19.220  0.052   -12.887 1.00 41.58 ? 301 PG4 A O5  1 
HETATM 1662 O O1  . PG4 C 2 .   ? -5.984  6.324   -1.807  1.00 68.33 ? 302 PG4 A O1  1 
HETATM 1663 C C1  . PG4 C 2 .   ? -6.729  5.151   -2.142  1.00 64.28 ? 302 PG4 A C1  1 
HETATM 1664 C C2  . PG4 C 2 .   ? -6.421  4.818   -3.603  1.00 67.27 ? 302 PG4 A C2  1 
HETATM 1665 O O2  . PG4 C 2 .   ? -5.302  5.550   -4.146  1.00 64.59 ? 302 PG4 A O2  1 
HETATM 1666 C C3  . PG4 C 2 .   ? -4.251  4.712   -4.644  1.00 54.19 ? 302 PG4 A C3  1 
HETATM 1667 C C4  . PG4 C 2 .   ? -4.578  3.970   -5.919  1.00 55.36 ? 302 PG4 A C4  1 
HETATM 1668 O O3  . PG4 C 2 .   ? -3.362  3.737   -6.621  1.00 57.51 ? 302 PG4 A O3  1 
HETATM 1669 C C5  . PG4 C 2 .   ? -2.613  2.649   -6.081  1.00 50.05 ? 302 PG4 A C5  1 
HETATM 1670 C C6  . PG4 C 2 .   ? -1.499  2.299   -7.057  1.00 50.68 ? 302 PG4 A C6  1 
HETATM 1671 O O4  . PG4 C 2 .   ? -0.708  1.262   -6.484  1.00 48.32 ? 302 PG4 A O4  1 
HETATM 1672 C C7  . PG4 C 2 .   ? 0.430   1.690   -5.720  1.00 39.40 ? 302 PG4 A C7  1 
HETATM 1673 C C8  . PG4 C 2 .   ? 1.634   1.690   -6.660  1.00 47.97 ? 302 PG4 A C8  1 
HETATM 1674 O O5  . PG4 C 2 .   ? 2.878   2.043   -6.000  1.00 40.26 ? 302 PG4 A O5  1 
HETATM 1675 O O1  . PG4 D 2 .   ? 6.798   -10.432 0.646   1.00 44.01 ? 303 PG4 A O1  1 
HETATM 1676 C C1  . PG4 D 2 .   ? 8.070   -10.913 1.050   1.00 50.58 ? 303 PG4 A C1  1 
HETATM 1677 C C2  . PG4 D 2 .   ? 9.127   -10.324 0.093   1.00 48.89 ? 303 PG4 A C2  1 
HETATM 1678 O O2  . PG4 D 2 .   ? 9.641   -9.059  0.583   1.00 36.60 ? 303 PG4 A O2  1 
HETATM 1679 C C3  . PG4 D 2 .   ? 10.957  -8.784  0.146   1.00 34.73 ? 303 PG4 A C3  1 
HETATM 1680 C C4  . PG4 D 2 .   ? 11.885  -8.427  1.263   1.00 36.35 ? 303 PG4 A C4  1 
HETATM 1681 O O3  . PG4 D 2 .   ? 11.836  -9.488  2.165   1.00 35.10 ? 303 PG4 A O3  1 
HETATM 1682 C C5  . PG4 D 2 .   ? 12.343  -9.126  3.407   1.00 39.39 ? 303 PG4 A C5  1 
HETATM 1683 C C6  . PG4 D 2 .   ? 12.564  -10.384 4.212   1.00 40.97 ? 303 PG4 A C6  1 
HETATM 1684 O O4  . PG4 D 2 .   ? 11.331  -11.100 4.296   1.00 43.46 ? 303 PG4 A O4  1 
HETATM 1685 C C7  . PG4 D 2 .   ? 11.068  -11.618 5.586   1.00 51.52 ? 303 PG4 A C7  1 
HETATM 1686 C C8  . PG4 D 2 .   ? 10.851  -13.101 5.483   1.00 56.52 ? 303 PG4 A C8  1 
HETATM 1687 O O5  . PG4 D 2 .   ? 11.981  -13.794 6.068   1.00 66.76 ? 303 PG4 A O5  1 
HETATM 1688 O O1  . PG4 E 2 .   ? -3.430  -14.685 -5.237  1.00 69.98 ? 304 PG4 A O1  1 
HETATM 1689 C C1  . PG4 E 2 .   ? -2.067  -14.778 -5.631  1.00 65.80 ? 304 PG4 A C1  1 
HETATM 1690 C C2  . PG4 E 2 .   ? -1.953  -14.077 -6.970  1.00 67.80 ? 304 PG4 A C2  1 
HETATM 1691 O O2  . PG4 E 2 .   ? -3.244  -13.615 -7.427  1.00 60.69 ? 304 PG4 A O2  1 
HETATM 1692 C C3  . PG4 E 2 .   ? -3.214  -12.880 -8.662  1.00 52.65 ? 304 PG4 A C3  1 
HETATM 1693 C C4  . PG4 E 2 .   ? -1.885  -12.175 -8.941  1.00 47.80 ? 304 PG4 A C4  1 
HETATM 1694 O O3  . PG4 E 2 .   ? -1.645  -11.155 -7.964  1.00 46.20 ? 304 PG4 A O3  1 
HETATM 1695 C C5  . PG4 E 2 .   ? -0.313  -10.694 -8.049  1.00 47.84 ? 304 PG4 A C5  1 
HETATM 1696 C C6  . PG4 E 2 .   ? -0.157  -9.481  -7.189  1.00 49.59 ? 304 PG4 A C6  1 
HETATM 1697 O O4  . PG4 E 2 .   ? 0.111   -9.864  -5.855  1.00 49.19 ? 304 PG4 A O4  1 
HETATM 1698 C C7  . PG4 E 2 .   ? 1.039   -8.930  -5.257  1.00 54.90 ? 304 PG4 A C7  1 
HETATM 1699 C C8  . PG4 E 2 .   ? 1.049   -9.033  -3.733  1.00 53.34 ? 304 PG4 A C8  1 
HETATM 1700 O O5  . PG4 E 2 .   ? 0.765   -10.389 -3.300  1.00 64.76 ? 304 PG4 A O5  1 
HETATM 1701 O O   . HOH F 3 .   ? 13.438  11.895  12.537  1.00 53.51 ? 401 HOH A O   1 
HETATM 1702 O O   . HOH F 3 .   ? -12.542 7.671   -20.390 1.00 43.30 ? 402 HOH A O   1 
HETATM 1703 O O   . HOH F 3 .   ? -17.520 0.081   -22.183 1.00 36.80 ? 403 HOH A O   1 
HETATM 1704 O O   . HOH F 3 .   ? -10.666 -1.018  -22.877 1.00 38.37 ? 404 HOH A O   1 
HETATM 1705 O O   . HOH F 3 .   ? -4.372  3.164   27.261  1.00 29.19 ? 405 HOH A O   1 
HETATM 1706 O O   . HOH F 3 .   ? -2.032  -11.116 -0.998  1.00 27.01 ? 406 HOH A O   1 
HETATM 1707 O O   . HOH F 3 .   ? 17.805  -2.436  -12.468 1.00 55.76 ? 407 HOH A O   1 
HETATM 1708 O O   . HOH F 3 .   ? -17.191 -11.467 -3.281  1.00 40.80 ? 408 HOH A O   1 
HETATM 1709 O O   . HOH F 3 .   ? 15.109  -9.043  5.814   1.00 32.27 ? 409 HOH A O   1 
HETATM 1710 O O   . HOH F 3 .   ? -23.779 3.723   -21.769 1.00 39.94 ? 410 HOH A O   1 
HETATM 1711 O O   . HOH F 3 .   ? 22.656  -6.247  -0.830  1.00 31.28 ? 411 HOH A O   1 
HETATM 1712 O O   . HOH F 3 .   ? -0.918  4.607   16.603  1.00 31.98 ? 412 HOH A O   1 
HETATM 1713 O O   . HOH F 3 .   ? -11.837 -14.685 -4.042  1.00 34.52 ? 413 HOH A O   1 
HETATM 1714 O O   . HOH F 3 .   ? 17.042  12.030  4.566   1.00 51.55 ? 414 HOH A O   1 
HETATM 1715 O O   . HOH F 3 .   ? 5.053   -9.467  14.365  1.00 35.98 ? 415 HOH A O   1 
HETATM 1716 O O   . HOH F 3 .   ? 11.658  -8.461  14.282  1.00 36.30 ? 416 HOH A O   1 
HETATM 1717 O O   . HOH F 3 .   ? 15.531  12.515  1.106   1.00 43.96 ? 417 HOH A O   1 
HETATM 1718 O O   . HOH F 3 .   ? -20.954 9.159   -12.661 1.00 42.44 ? 418 HOH A O   1 
HETATM 1719 O O   . HOH F 3 .   ? -0.205  6.923   3.138   1.00 35.68 ? 419 HOH A O   1 
HETATM 1720 O O   . HOH F 3 .   ? 14.979  5.577   8.791   1.00 36.17 ? 420 HOH A O   1 
HETATM 1721 O O   . HOH F 3 .   ? -11.840 -8.710  -14.059 1.00 40.92 ? 421 HOH A O   1 
HETATM 1722 O O   . HOH F 3 .   ? 16.661  -9.479  -8.399  1.00 28.33 ? 422 HOH A O   1 
HETATM 1723 O O   . HOH F 3 .   ? 17.964  5.382   -5.090  1.00 48.72 ? 423 HOH A O   1 
HETATM 1724 O O   . HOH F 3 .   ? 17.395  3.047   2.213   1.00 26.37 ? 424 HOH A O   1 
HETATM 1725 O O   . HOH F 3 .   ? 22.009  -2.028  -6.597  1.00 40.96 ? 425 HOH A O   1 
HETATM 1726 O O   . HOH F 3 .   ? 12.993  -4.877  12.303  1.00 30.24 ? 426 HOH A O   1 
HETATM 1727 O O   . HOH F 3 .   ? 12.028  -13.173 -0.030  1.00 36.40 ? 427 HOH A O   1 
HETATM 1728 O O   . HOH F 3 .   ? -14.292 5.527   -23.007 1.00 51.13 ? 428 HOH A O   1 
HETATM 1729 O O   . HOH F 3 .   ? -9.931  -11.957 -15.421 1.00 46.07 ? 429 HOH A O   1 
HETATM 1730 O O   . HOH F 3 .   ? 9.412   -11.575 9.783   1.00 43.49 ? 430 HOH A O   1 
HETATM 1731 O O   . HOH F 3 .   ? -5.919  -9.791  -18.279 1.00 33.75 ? 431 HOH A O   1 
HETATM 1732 O O   . HOH F 3 .   ? 22.813  -9.441  -4.481  1.00 32.63 ? 432 HOH A O   1 
HETATM 1733 O O   . HOH F 3 .   ? 9.094   -7.748  11.620  1.00 25.92 ? 433 HOH A O   1 
HETATM 1734 O O   . HOH F 3 .   ? 1.447   -0.576  23.870  1.00 46.29 ? 434 HOH A O   1 
HETATM 1735 O O   . HOH F 3 .   ? -2.342  3.824   14.450  1.00 39.14 ? 435 HOH A O   1 
HETATM 1736 O O   . HOH F 3 .   ? 2.571   13.350  10.909  1.00 45.58 ? 436 HOH A O   1 
HETATM 1737 O O   . HOH F 3 .   ? -20.250 -10.399 -10.576 1.00 45.90 ? 437 HOH A O   1 
HETATM 1738 O O   . HOH F 3 .   ? 18.912  10.301  -7.123  1.00 32.57 ? 438 HOH A O   1 
HETATM 1739 O O   . HOH F 3 .   ? -7.068  7.731   -17.749 1.00 53.39 ? 439 HOH A O   1 
HETATM 1740 O O   . HOH F 3 .   ? 12.149  -8.252  18.279  1.00 48.22 ? 440 HOH A O   1 
HETATM 1741 O O   . HOH F 3 .   ? 16.702  -6.705  -11.857 1.00 32.72 ? 441 HOH A O   1 
HETATM 1742 O O   . HOH F 3 .   ? 1.408   -6.395  -8.080  1.00 38.06 ? 442 HOH A O   1 
HETATM 1743 O O   . HOH F 3 .   ? 12.791  2.449   25.781  1.00 50.95 ? 443 HOH A O   1 
HETATM 1744 O O   . HOH F 3 .   ? 0.159   -6.276  21.271  1.00 45.26 ? 444 HOH A O   1 
HETATM 1745 O O   . HOH F 3 .   ? -5.359  7.540   -15.770 1.00 37.06 ? 445 HOH A O   1 
HETATM 1746 O O   . HOH F 3 .   ? 12.252  -7.158  10.727  1.00 33.17 ? 446 HOH A O   1 
HETATM 1747 O O   . HOH F 3 .   ? -4.911  -11.801 -14.309 1.00 40.60 ? 447 HOH A O   1 
HETATM 1748 O O   . HOH F 3 .   ? 20.083  11.730  -1.037  1.00 45.61 ? 448 HOH A O   1 
HETATM 1749 O O   . HOH F 3 .   ? 12.560  12.165  18.077  1.00 53.42 ? 449 HOH A O   1 
HETATM 1750 O O   . HOH F 3 .   ? -7.512  6.141   -6.340  1.00 42.37 ? 450 HOH A O   1 
HETATM 1751 O O   . HOH F 3 .   ? -8.842  6.603   -22.611 1.00 63.81 ? 451 HOH A O   1 
HETATM 1752 O O   . HOH F 3 .   ? 1.235   -5.455  -10.376 1.00 41.40 ? 452 HOH A O   1 
HETATM 1753 O O   . HOH F 3 .   ? 21.548  5.129   -3.790  1.00 48.77 ? 453 HOH A O   1 
HETATM 1754 O O   . HOH F 3 .   ? 18.773  -9.005  -9.749  1.00 44.55 ? 454 HOH A O   1 
# 
